data_5VK2
#
_entry.id   5VK2
#
_cell.length_a   152.697
_cell.length_b   152.697
_cell.length_c   456.738
_cell.angle_alpha   90.00
_cell.angle_beta   90.00
_cell.angle_gamma   120.00
#
_symmetry.space_group_name_H-M   'P 61 2 2'
#
loop_
_entity.id
_entity.type
_entity.pdbx_description
1 polymer 'Pre-glycoprotein polyprotein GP complex'
2 polymer 'Pre-glycoprotein polyprotein GP complex'
3 polymer 'Fab 37.7H heavy chain'
4 polymer 'Fab 37.7H light chain'
5 branched beta-D-mannopyranose-(1-4)-2-acetamido-2-deoxy-beta-D-glucopyranose-(1-4)-2-acetamido-2-deoxy-beta-D-glucopyranose
6 branched 2-acetamido-2-deoxy-beta-D-glucopyranose-(1-4)-2-acetamido-2-deoxy-beta-D-glucopyranose
7 branched alpha-D-mannopyranose-(1-3)-beta-D-mannopyranose-(1-4)-2-acetamido-2-deoxy-beta-D-glucopyranose-(1-4)-2-acetamido-2-deoxy-beta-D-glucopyranose
8 branched 2-acetamido-2-deoxy-beta-D-glucopyranose-(1-4)-[alpha-L-fucopyranose-(1-6)]2-acetamido-2-deoxy-beta-D-glucopyranose
9 non-polymer 2-acetamido-2-deoxy-beta-D-glucopyranose
#
loop_
_entity_poly.entity_id
_entity_poly.type
_entity_poly.pdbx_seq_one_letter_code
_entity_poly.pdbx_strand_id
1 'polypeptide(L)'
;MGQIVTFFQEVPHVIEEVMNIVLIALSVLAVLKGLYNFATCGLVGLVTFLLLCGRSCTTSLYKGVYELQTLELNMETLNM
TMPLSCTKNNSHHYIMVGNETGLELTLTNTSIINHKFCNLSDAHKKNLYDHALMSIISTFHLSIPNFNQYEAMSCDFNGG
KISVQYNLSHSYAGDAANHCGTVANGVLQTFMRMAWGGSYIALDSGCGNWDCIMTSYQYLIIQNTTWEDHCQFSRPSPIG
YLGLLSQRTRDIYISRRRR
;
A,B,C
2 'polypeptide(L)'
;GTFTWTLSDSEGKDTPGGYCLTRWMLIEAELKCFGNTAVAKCNEKHDEEFCDMLRLFDFNKQAIQRLKAPAQTSIQLINK
AVNALINDQLIMKNHLRDIMCIPYCNYSKYWYLNHTTTGRTSLPKCWLVSNGSYLNETHFSDDIEQQADNMITEMLQKEY
MERQ
;
a,b,c
3 'polypeptide(L)'
;DEVQLVQSGGGLVKAGGSLRLSCAASGFTFSTYSMNWIRQAPGKGLEWVASISSRSGSHINYVDSVKGRFTISRDNARDL
LYLQMNSLRVDDSALYYCARDRRSGTSPLPLDVWGQGTTVTVFSASTKGPSVFPLAPSSKSTSGGTAALGCLVKDYFPEP
VTVSWNSGALTSGVHTFPAVLQSSGLYSLSSVVTVPSSSLGTQTYICNVNHKPSNTKVDKRVEPKSCDK
;
D,F,H
4 'polypeptide(L)'
;DQSALTQPASVSGSPGQSITISCTGTGSDIGGYNFVSWYQQYPGKAPKLIIYEVRIRASGVSNRFSGSKSGNTASLTISG
LQAEDEADYYCNSYSIHSPWVFGGGTKLTVLRQPKAAPSVTLFPPSSEELQANKATLVCLISDFYPGAVTVAWKADSSPV
KAGVETTTPSKQSNNKYAASSYLSLTPEQWKSHRSYSCQVTHEGSTVEKTVAPTECS
;
E,G,L
#
# COMPACT_ATOMS: atom_id res chain seq x y z
N THR A 59 0.51 -13.55 -34.71
CA THR A 59 1.68 -12.81 -35.17
C THR A 59 2.93 -13.20 -34.38
N SER A 60 2.89 -13.03 -33.06
CA SER A 60 3.97 -13.44 -32.16
C SER A 60 3.35 -14.30 -31.05
N LEU A 61 3.66 -15.59 -31.06
CA LEU A 61 3.03 -16.56 -30.17
C LEU A 61 3.98 -16.98 -29.07
N TYR A 62 3.43 -17.09 -27.86
CA TYR A 62 4.16 -17.59 -26.69
C TYR A 62 3.44 -18.80 -26.13
N LYS A 63 4.18 -19.89 -25.94
CA LYS A 63 3.66 -21.19 -25.52
C LYS A 63 2.62 -21.75 -26.49
N GLY A 64 2.64 -21.28 -27.74
CA GLY A 64 1.73 -21.77 -28.76
C GLY A 64 0.28 -21.36 -28.62
N VAL A 65 -0.11 -20.74 -27.51
CA VAL A 65 -1.51 -20.37 -27.31
C VAL A 65 -1.69 -18.92 -26.92
N TYR A 66 -0.66 -18.22 -26.46
CA TYR A 66 -0.78 -16.83 -26.04
C TYR A 66 -0.17 -15.92 -27.11
N GLU A 67 -1.01 -15.09 -27.71
CA GLU A 67 -0.61 -14.19 -28.78
C GLU A 67 -0.30 -12.81 -28.19
N LEU A 68 0.83 -12.23 -28.60
CA LEU A 68 1.24 -10.91 -28.10
C LEU A 68 0.46 -9.83 -28.81
N GLN A 69 -0.31 -9.05 -28.06
CA GLN A 69 -1.15 -8.00 -28.60
C GLN A 69 -0.92 -6.71 -27.83
N THR A 70 -1.23 -5.58 -28.48
CA THR A 70 -0.95 -4.27 -27.91
C THR A 70 -2.19 -3.39 -27.95
N LEU A 71 -2.10 -2.26 -27.24
CA LEU A 71 -3.09 -1.21 -27.29
C LEU A 71 -2.40 0.10 -26.95
N GLU A 72 -2.83 1.18 -27.58
CA GLU A 72 -2.32 2.52 -27.32
C GLU A 72 -3.48 3.41 -26.92
N LEU A 73 -3.36 4.04 -25.75
CA LEU A 73 -4.43 4.85 -25.21
C LEU A 73 -4.45 6.22 -25.88
N ASN A 74 -5.66 6.69 -26.19
CA ASN A 74 -5.89 8.03 -26.71
C ASN A 74 -6.29 8.93 -25.55
N MET A 75 -5.30 9.65 -25.01
CA MET A 75 -5.53 10.52 -23.85
C MET A 75 -6.36 11.76 -24.18
N GLU A 76 -6.55 12.05 -25.47
CA GLU A 76 -7.24 13.27 -25.86
C GLU A 76 -8.64 13.35 -25.26
N THR A 77 -9.28 12.20 -25.00
CA THR A 77 -10.63 12.20 -24.45
C THR A 77 -10.70 12.62 -22.99
N LEU A 78 -9.55 12.77 -22.32
CA LEU A 78 -9.53 13.27 -20.95
C LEU A 78 -9.47 14.79 -20.89
N ASN A 79 -9.74 15.48 -21.99
CA ASN A 79 -9.50 16.91 -22.05
C ASN A 79 -10.42 17.69 -21.12
N MET A 80 -11.63 17.19 -20.85
CA MET A 80 -12.61 17.92 -20.07
C MET A 80 -12.37 17.84 -18.56
N THR A 81 -11.55 16.91 -18.09
CA THR A 81 -11.33 16.72 -16.66
C THR A 81 -9.96 17.17 -16.18
N MET A 82 -8.92 17.01 -17.00
CA MET A 82 -7.55 17.26 -16.59
C MET A 82 -6.78 17.89 -17.75
N PRO A 83 -5.72 18.63 -17.46
CA PRO A 83 -4.88 19.17 -18.53
C PRO A 83 -4.10 18.08 -19.24
N LEU A 84 -3.58 18.44 -20.41
CA LEU A 84 -2.85 17.50 -21.26
C LEU A 84 -1.63 18.21 -21.85
N SER A 85 -0.45 17.64 -21.60
CA SER A 85 0.80 18.18 -22.12
C SER A 85 1.19 17.47 -23.39
N CYS A 86 1.89 18.19 -24.27
CA CYS A 86 2.40 17.62 -25.51
C CYS A 86 3.35 18.63 -26.15
N THR A 87 4.05 18.18 -27.20
CA THR A 87 5.05 19.01 -27.85
C THR A 87 4.80 19.04 -29.36
N LYS A 88 5.04 20.20 -29.97
CA LYS A 88 4.93 20.37 -31.41
C LYS A 88 6.28 20.16 -32.10
N ASN A 89 7.29 20.93 -31.71
CA ASN A 89 8.64 20.76 -32.22
C ASN A 89 9.62 21.02 -31.08
N ASN A 90 10.89 21.28 -31.42
CA ASN A 90 11.90 21.49 -30.39
C ASN A 90 11.58 22.70 -29.54
N SER A 91 11.07 23.76 -30.18
CA SER A 91 10.87 25.03 -29.48
C SER A 91 9.54 25.06 -28.74
N HIS A 92 8.47 24.57 -29.36
CA HIS A 92 7.12 24.80 -28.87
C HIS A 92 6.57 23.56 -28.16
N HIS A 93 5.99 23.79 -26.99
CA HIS A 93 5.33 22.76 -26.20
C HIS A 93 4.04 23.34 -25.65
N TYR A 94 3.06 22.48 -25.37
CA TYR A 94 1.72 22.96 -25.07
C TYR A 94 1.08 22.20 -23.92
N ILE A 95 0.18 22.89 -23.22
CA ILE A 95 -0.68 22.31 -22.20
C ILE A 95 -2.11 22.71 -22.53
N MET A 96 -3.00 21.74 -22.62
CA MET A 96 -4.36 21.97 -23.12
C MET A 96 -5.37 21.78 -21.99
N VAL A 97 -6.24 22.76 -21.81
CA VAL A 97 -7.28 22.73 -20.79
C VAL A 97 -8.61 22.82 -21.53
N GLY A 98 -9.28 21.69 -21.69
CA GLY A 98 -10.52 21.67 -22.45
C GLY A 98 -10.27 21.67 -23.94
N ASN A 99 -11.28 22.08 -24.70
CA ASN A 99 -11.21 22.12 -26.15
C ASN A 99 -11.06 23.53 -26.71
N GLU A 100 -10.81 24.53 -25.85
CA GLU A 100 -10.74 25.91 -26.31
C GLU A 100 -9.49 26.62 -25.80
N THR A 101 -9.31 26.71 -24.49
CA THR A 101 -8.18 27.44 -23.94
C THR A 101 -6.94 26.53 -23.90
N GLY A 102 -5.82 27.11 -23.50
CA GLY A 102 -4.58 26.35 -23.40
C GLY A 102 -3.44 27.26 -23.01
N LEU A 103 -2.24 26.67 -23.03
CA LEU A 103 -1.03 27.37 -22.65
C LEU A 103 0.11 26.90 -23.56
N GLU A 104 0.95 27.83 -23.99
CA GLU A 104 2.03 27.54 -24.93
C GLU A 104 3.37 27.81 -24.26
N LEU A 105 4.13 26.75 -24.00
CA LEU A 105 5.49 26.86 -23.50
C LEU A 105 6.44 26.87 -24.68
N THR A 106 7.07 28.02 -24.94
CA THR A 106 7.97 28.17 -26.07
C THR A 106 9.36 28.56 -25.58
N LEU A 107 10.37 27.92 -26.15
CA LEU A 107 11.77 28.26 -25.89
C LEU A 107 12.30 29.03 -27.08
N THR A 108 12.72 30.28 -26.85
CA THR A 108 13.17 31.14 -27.93
C THR A 108 14.35 31.98 -27.46
N ASN A 109 15.27 32.24 -28.38
CA ASN A 109 16.30 33.25 -28.14
C ASN A 109 15.74 34.66 -28.21
N THR A 110 14.52 34.83 -28.71
CA THR A 110 13.86 36.13 -28.79
C THR A 110 12.97 36.31 -27.57
N SER A 111 13.09 37.47 -26.93
CA SER A 111 12.31 37.76 -25.74
C SER A 111 10.95 38.36 -26.11
N ILE A 112 10.06 38.39 -25.11
CA ILE A 112 8.73 38.96 -25.30
C ILE A 112 8.35 39.97 -24.23
N ILE A 113 9.07 40.02 -23.10
CA ILE A 113 8.83 40.99 -22.05
C ILE A 113 10.18 41.58 -21.65
N ASN A 114 10.25 42.92 -21.56
CA ASN A 114 11.49 43.59 -21.22
C ASN A 114 11.51 44.20 -19.83
N HIS A 115 10.35 44.45 -19.22
CA HIS A 115 10.31 44.94 -17.85
C HIS A 115 10.44 43.78 -16.88
N LYS A 116 11.14 44.03 -15.78
CA LYS A 116 11.41 42.99 -14.78
C LYS A 116 10.49 43.11 -13.57
N PHE A 117 9.19 43.24 -13.83
CA PHE A 117 8.19 43.25 -12.77
C PHE A 117 7.13 42.20 -13.07
N CYS A 118 6.50 41.69 -12.00
CA CYS A 118 5.41 40.72 -12.11
C CYS A 118 4.30 41.18 -11.17
N ASN A 119 3.30 41.86 -11.73
CA ASN A 119 2.19 42.42 -10.95
C ASN A 119 1.12 41.35 -10.74
N LEU A 120 1.42 40.42 -9.83
CA LEU A 120 0.47 39.35 -9.56
C LEU A 120 -0.69 39.82 -8.69
N SER A 121 -0.42 40.67 -7.70
CA SER A 121 -1.48 41.17 -6.84
C SER A 121 -2.51 41.97 -7.63
N ASP A 122 -2.04 42.85 -8.53
CA ASP A 122 -2.94 43.56 -9.43
C ASP A 122 -3.76 42.57 -10.26
N ALA A 123 -3.09 41.57 -10.83
CA ALA A 123 -3.78 40.59 -11.67
C ALA A 123 -4.85 39.84 -10.88
N HIS A 124 -4.54 39.46 -9.63
CA HIS A 124 -5.53 38.78 -8.80
C HIS A 124 -6.77 39.63 -8.59
N LYS A 125 -6.56 40.91 -8.24
CA LYS A 125 -7.68 41.79 -7.95
C LYS A 125 -8.61 41.94 -9.15
N LYS A 126 -8.05 42.27 -10.31
CA LYS A 126 -8.82 42.29 -11.55
C LYS A 126 -8.96 40.87 -12.07
N ASN A 127 -10.04 40.21 -11.64
CA ASN A 127 -10.24 38.79 -11.87
C ASN A 127 -10.72 38.56 -13.31
N LEU A 128 -9.77 38.69 -14.24
CA LEU A 128 -10.07 38.51 -15.65
C LEU A 128 -9.53 37.21 -16.22
N TYR A 129 -8.29 36.86 -15.87
CA TYR A 129 -7.62 35.66 -16.37
C TYR A 129 -8.42 34.39 -16.12
N ASP A 130 -8.12 33.35 -16.89
CA ASP A 130 -8.75 32.05 -16.68
C ASP A 130 -8.20 31.41 -15.42
N HIS A 131 -9.09 31.01 -14.51
CA HIS A 131 -8.64 30.45 -13.24
C HIS A 131 -7.90 29.14 -13.43
N ALA A 132 -8.28 28.36 -14.43
CA ALA A 132 -7.61 27.08 -14.70
C ALA A 132 -6.17 27.30 -15.11
N LEU A 133 -5.94 28.17 -16.10
CA LEU A 133 -4.58 28.44 -16.55
C LEU A 133 -3.74 29.06 -15.44
N MET A 134 -4.34 29.88 -14.57
CA MET A 134 -3.60 30.42 -13.44
C MET A 134 -3.21 29.32 -12.46
N SER A 135 -4.03 28.28 -12.33
CA SER A 135 -3.72 27.20 -11.40
C SER A 135 -2.54 26.38 -11.90
N ILE A 136 -2.42 26.18 -13.22
CA ILE A 136 -1.31 25.39 -13.73
C ILE A 136 -0.05 26.25 -13.84
N ILE A 137 -0.19 27.57 -13.97
CA ILE A 137 0.98 28.41 -13.98
C ILE A 137 1.52 28.59 -12.57
N SER A 138 0.67 28.44 -11.55
CA SER A 138 1.15 28.46 -10.18
C SER A 138 1.87 27.16 -9.84
N THR A 139 1.30 26.01 -10.25
CA THR A 139 1.94 24.74 -9.97
C THR A 139 3.33 24.67 -10.57
N PHE A 140 3.52 25.27 -11.75
CA PHE A 140 4.83 25.29 -12.38
C PHE A 140 5.84 26.09 -11.55
N HIS A 141 5.49 27.35 -11.25
CA HIS A 141 6.43 28.19 -10.52
C HIS A 141 6.73 27.67 -9.14
N LEU A 142 5.77 27.01 -8.49
CA LEU A 142 6.02 26.46 -7.17
C LEU A 142 6.91 25.22 -7.25
N SER A 143 6.75 24.42 -8.31
CA SER A 143 7.53 23.21 -8.47
C SER A 143 8.99 23.47 -8.80
N ILE A 144 9.35 24.70 -9.15
CA ILE A 144 10.77 25.00 -9.36
C ILE A 144 11.54 24.80 -8.07
N PRO A 145 12.64 24.06 -8.07
CA PRO A 145 13.45 23.93 -6.85
C PRO A 145 14.55 24.98 -6.77
N ASN A 146 14.77 25.53 -5.58
CA ASN A 146 15.85 26.49 -5.33
C ASN A 146 15.80 27.66 -6.31
N PHE A 147 14.64 28.32 -6.33
CA PHE A 147 14.42 29.50 -7.15
C PHE A 147 14.76 30.73 -6.29
N ASN A 148 15.82 31.44 -6.67
CA ASN A 148 16.37 32.50 -5.84
C ASN A 148 16.69 33.77 -6.61
N GLN A 149 16.33 33.85 -7.88
CA GLN A 149 16.62 35.01 -8.73
C GLN A 149 15.29 35.53 -9.30
N TYR A 150 14.53 36.21 -8.44
CA TYR A 150 13.20 36.69 -8.83
C TYR A 150 13.23 37.63 -10.03
N GLU A 151 14.39 38.21 -10.34
CA GLU A 151 14.50 39.13 -11.47
C GLU A 151 14.13 38.46 -12.79
N ALA A 152 14.61 37.23 -13.01
CA ALA A 152 14.32 36.52 -14.24
C ALA A 152 12.82 36.33 -14.43
N MET A 153 12.06 36.30 -13.35
CA MET A 153 10.61 36.16 -13.40
C MET A 153 9.97 37.49 -13.77
N SER A 154 9.44 37.59 -14.99
CA SER A 154 8.77 38.79 -15.46
C SER A 154 7.47 38.41 -16.13
N CYS A 155 6.40 39.14 -15.84
CA CYS A 155 5.06 38.76 -16.26
C CYS A 155 4.32 39.95 -16.83
N ASP A 156 3.17 39.66 -17.45
CA ASP A 156 2.28 40.69 -18.00
C ASP A 156 0.89 40.07 -18.08
N PHE A 157 0.01 40.45 -17.15
CA PHE A 157 -1.35 39.94 -17.09
C PHE A 157 -2.38 41.00 -17.44
N ASN A 158 -2.05 41.91 -18.35
CA ASN A 158 -2.97 43.00 -18.68
C ASN A 158 -4.16 42.47 -19.47
N GLY A 159 -5.36 42.66 -18.92
CA GLY A 159 -6.57 42.25 -19.59
C GLY A 159 -6.87 40.76 -19.52
N GLY A 160 -6.34 40.06 -18.51
CA GLY A 160 -6.49 38.63 -18.43
C GLY A 160 -5.51 37.84 -19.26
N LYS A 161 -4.90 38.45 -20.28
CA LYS A 161 -3.90 37.78 -21.09
C LYS A 161 -2.68 37.45 -20.23
N ILE A 162 -2.53 36.17 -19.86
CA ILE A 162 -1.44 35.76 -18.99
C ILE A 162 -0.21 35.41 -19.83
N SER A 163 0.95 35.93 -19.43
CA SER A 163 2.19 35.72 -20.17
C SER A 163 3.34 35.85 -19.19
N VAL A 164 4.16 34.81 -19.09
CA VAL A 164 5.24 34.73 -18.11
C VAL A 164 6.53 34.39 -18.83
N GLN A 165 7.61 35.11 -18.51
CA GLN A 165 8.90 34.93 -19.16
C GLN A 165 9.96 34.65 -18.11
N TYR A 166 10.75 33.60 -18.34
CA TYR A 166 11.87 33.22 -17.47
C TYR A 166 13.17 33.49 -18.22
N ASN A 167 13.98 34.40 -17.68
CA ASN A 167 15.26 34.75 -18.31
C ASN A 167 16.31 33.73 -17.87
N LEU A 168 16.69 32.83 -18.77
CA LEU A 168 17.66 31.80 -18.46
C LEU A 168 19.11 32.27 -18.57
N SER A 169 19.33 33.52 -18.97
CA SER A 169 20.70 33.99 -19.21
C SER A 169 21.41 34.38 -17.92
N HIS A 170 20.67 34.88 -16.93
CA HIS A 170 21.22 35.36 -15.66
C HIS A 170 22.34 34.49 -15.09
N CYS A 180 25.51 24.40 -13.58
CA CYS A 180 24.95 23.51 -12.56
C CYS A 180 24.74 24.26 -11.25
N GLY A 181 23.49 24.32 -10.80
CA GLY A 181 23.13 25.06 -9.62
C GLY A 181 22.45 26.39 -9.90
N THR A 182 22.53 26.88 -11.13
CA THR A 182 21.93 28.16 -11.49
C THR A 182 20.40 28.04 -11.54
N VAL A 183 19.75 29.18 -11.76
CA VAL A 183 18.29 29.22 -11.79
C VAL A 183 17.76 28.59 -13.08
N ALA A 184 18.57 28.51 -14.13
CA ALA A 184 18.10 27.92 -15.39
C ALA A 184 17.88 26.42 -15.25
N ASN A 185 18.68 25.74 -14.42
CA ASN A 185 18.46 24.31 -14.18
C ASN A 185 17.08 24.05 -13.59
N GLY A 186 16.76 24.71 -12.48
CA GLY A 186 15.49 24.48 -11.81
C GLY A 186 14.28 24.75 -12.69
N VAL A 187 14.36 25.76 -13.56
CA VAL A 187 13.25 26.04 -14.46
C VAL A 187 13.17 24.98 -15.55
N LEU A 188 14.32 24.52 -16.05
CA LEU A 188 14.32 23.48 -17.07
C LEU A 188 13.98 22.11 -16.50
N GLN A 189 14.35 21.85 -15.24
CA GLN A 189 13.93 20.61 -14.59
C GLN A 189 12.41 20.55 -14.48
N THR A 190 11.79 21.68 -14.11
CA THR A 190 10.33 21.72 -14.02
C THR A 190 9.68 21.68 -15.40
N PHE A 191 10.31 22.29 -16.40
CA PHE A 191 9.79 22.18 -17.76
C PHE A 191 9.93 20.75 -18.28
N MET A 192 11.03 20.07 -17.92
CA MET A 192 11.21 18.68 -18.32
C MET A 192 10.08 17.81 -17.79
N ARG A 193 9.69 18.01 -16.53
CA ARG A 193 8.58 17.26 -15.96
C ARG A 193 7.26 17.64 -16.59
N MET A 194 7.03 18.94 -16.82
CA MET A 194 5.71 19.42 -17.22
C MET A 194 5.27 18.79 -18.54
N ALA A 195 6.03 19.03 -19.60
CA ALA A 195 5.77 18.37 -20.89
C ALA A 195 6.53 17.05 -20.88
N TRP A 196 5.90 16.04 -20.27
CA TRP A 196 6.58 14.77 -20.03
C TRP A 196 6.98 14.09 -21.34
N GLY A 197 6.04 13.93 -22.25
CA GLY A 197 6.39 13.43 -23.57
C GLY A 197 7.17 14.48 -24.33
N GLY A 198 8.26 14.06 -24.98
CA GLY A 198 8.97 14.93 -25.90
C GLY A 198 9.61 16.15 -25.31
N SER A 199 10.00 16.11 -24.03
CA SER A 199 10.79 17.20 -23.47
C SER A 199 12.27 17.05 -23.74
N TYR A 200 12.76 15.81 -23.88
CA TYR A 200 14.18 15.58 -24.10
C TYR A 200 14.67 16.20 -25.39
N ILE A 201 13.77 16.42 -26.36
CA ILE A 201 14.17 16.98 -27.64
C ILE A 201 14.71 18.40 -27.47
N ALA A 202 14.08 19.20 -26.60
CA ALA A 202 14.53 20.56 -26.36
C ALA A 202 15.70 20.64 -25.39
N LEU A 203 15.93 19.58 -24.59
CA LEU A 203 16.89 19.70 -23.50
C LEU A 203 18.33 19.57 -23.98
N ASP A 204 18.59 18.65 -24.93
CA ASP A 204 19.94 18.28 -25.36
C ASP A 204 20.76 17.65 -24.24
N SER A 205 20.14 17.41 -23.07
CA SER A 205 20.90 17.08 -21.87
C SER A 205 21.40 15.63 -21.87
N GLY A 206 20.53 14.70 -22.20
CA GLY A 206 20.87 13.30 -22.02
C GLY A 206 20.64 12.90 -20.59
N CYS A 207 21.62 12.22 -19.98
CA CYS A 207 21.51 11.77 -18.60
C CYS A 207 22.63 12.42 -17.78
N GLY A 208 22.23 13.22 -16.78
CA GLY A 208 23.17 13.92 -15.93
C GLY A 208 22.48 14.88 -14.99
N ASP A 211 19.70 16.56 -12.76
CA ASP A 211 20.78 17.23 -12.00
C ASP A 211 21.12 18.56 -12.63
N CYS A 212 21.92 18.50 -13.69
CA CYS A 212 22.35 19.66 -14.45
C CYS A 212 21.74 19.59 -15.84
N ILE A 213 20.95 20.61 -16.21
CA ILE A 213 20.32 20.69 -17.52
C ILE A 213 20.73 22.02 -18.15
N MET A 214 21.09 21.96 -19.42
CA MET A 214 21.54 23.14 -20.16
C MET A 214 20.84 23.22 -21.50
N THR A 215 20.67 24.44 -22.00
CA THR A 215 20.06 24.64 -23.30
C THR A 215 20.66 25.88 -23.94
N SER A 216 20.68 25.88 -25.28
CA SER A 216 21.11 27.05 -26.02
C SER A 216 20.17 28.23 -25.80
N TYR A 217 18.89 27.95 -25.68
CA TYR A 217 17.87 28.99 -25.64
C TYR A 217 18.02 29.84 -24.37
N GLN A 218 17.60 31.10 -24.47
CA GLN A 218 17.75 32.05 -23.38
C GLN A 218 16.46 32.31 -22.60
N TYR A 219 15.30 32.10 -23.19
CA TYR A 219 14.04 32.44 -22.54
C TYR A 219 13.04 31.30 -22.64
N LEU A 220 12.28 31.11 -21.56
CA LEU A 220 11.13 30.22 -21.52
C LEU A 220 9.89 31.10 -21.36
N ILE A 221 9.10 31.19 -22.42
CA ILE A 221 7.93 32.06 -22.46
C ILE A 221 6.67 31.21 -22.40
N ILE A 222 5.78 31.54 -21.46
CA ILE A 222 4.53 30.83 -21.26
C ILE A 222 3.39 31.78 -21.55
N GLN A 223 2.59 31.47 -22.56
CA GLN A 223 1.52 32.33 -23.02
C GLN A 223 0.22 31.56 -23.13
N ASN A 224 -0.90 32.26 -22.92
CA ASN A 224 -2.20 31.66 -23.16
C ASN A 224 -2.46 31.58 -24.65
N THR A 225 -3.16 30.53 -25.06
CA THR A 225 -3.38 30.30 -26.49
C THR A 225 -4.68 29.52 -26.68
N THR A 226 -5.10 29.42 -27.94
CA THR A 226 -6.30 28.71 -28.31
C THR A 226 -5.96 27.33 -28.87
N TRP A 227 -6.92 26.41 -28.73
CA TRP A 227 -6.66 25.00 -29.03
C TRP A 227 -6.59 24.76 -30.53
N GLU A 228 -5.57 24.02 -30.95
CA GLU A 228 -5.43 23.57 -32.33
C GLU A 228 -4.73 22.21 -32.31
N ASP A 229 -4.55 21.63 -33.49
CA ASP A 229 -3.87 20.34 -33.63
C ASP A 229 -2.37 20.57 -33.50
N HIS A 230 -1.93 20.77 -32.26
CA HIS A 230 -0.54 21.12 -31.98
C HIS A 230 0.34 19.91 -31.68
N CYS A 231 -0.23 18.87 -31.04
CA CYS A 231 0.54 17.73 -30.55
C CYS A 231 1.02 16.87 -31.72
N GLN A 232 2.15 17.27 -32.30
CA GLN A 232 2.66 16.60 -33.49
C GLN A 232 3.81 15.64 -33.20
N PHE A 233 4.71 15.98 -32.27
CA PHE A 233 5.82 15.09 -31.96
C PHE A 233 5.47 14.07 -30.89
N SER A 234 4.68 14.45 -29.90
CA SER A 234 4.29 13.55 -28.82
C SER A 234 2.78 13.62 -28.63
N ARG A 235 2.22 12.50 -28.17
CA ARG A 235 0.80 12.45 -27.90
C ARG A 235 0.47 13.21 -26.63
N PRO A 236 -0.76 13.71 -26.50
CA PRO A 236 -1.14 14.40 -25.26
C PRO A 236 -1.19 13.45 -24.09
N SER A 237 -0.87 13.98 -22.90
CA SER A 237 -0.85 13.16 -21.70
C SER A 237 -1.07 14.01 -20.47
N PRO A 238 -1.77 13.52 -19.45
CA PRO A 238 -1.87 14.23 -18.17
C PRO A 238 -0.78 13.85 -17.18
N ILE A 239 0.10 12.91 -17.54
CA ILE A 239 1.05 12.37 -16.57
C ILE A 239 1.99 13.45 -16.08
N GLY A 240 2.43 14.34 -16.98
CA GLY A 240 3.30 15.42 -16.59
C GLY A 240 2.72 16.31 -15.50
N TYR A 241 1.52 16.85 -15.74
CA TYR A 241 0.91 17.75 -14.78
C TYR A 241 0.63 17.07 -13.44
N LEU A 242 0.06 15.85 -13.50
CA LEU A 242 -0.31 15.14 -12.28
C LEU A 242 0.88 14.90 -11.37
N GLY A 243 2.08 14.77 -11.93
CA GLY A 243 3.26 14.53 -11.12
C GLY A 243 3.77 15.74 -10.38
N LEU A 244 3.66 16.92 -11.00
CA LEU A 244 4.07 18.15 -10.34
C LEU A 244 3.19 18.50 -9.15
N LEU A 245 1.95 18.00 -9.14
CA LEU A 245 1.02 18.36 -8.06
C LEU A 245 1.56 17.95 -6.69
N SER A 246 2.16 16.76 -6.60
CA SER A 246 2.72 16.32 -5.32
C SER A 246 3.93 17.14 -4.95
N GLN A 247 4.88 17.29 -5.87
CA GLN A 247 6.08 18.08 -5.65
C GLN A 247 5.82 19.56 -5.92
N ARG A 248 4.73 20.07 -5.34
CA ARG A 248 4.31 21.44 -5.60
C ARG A 248 5.16 22.41 -4.79
N THR A 249 4.88 22.54 -3.51
CA THR A 249 5.66 23.40 -2.61
C THR A 249 6.74 22.62 -1.87
N ARG A 250 7.26 21.55 -2.48
CA ARG A 250 8.21 20.67 -1.81
C ARG A 250 9.61 21.26 -1.70
N ASP A 251 9.94 22.26 -2.51
CA ASP A 251 11.29 22.82 -2.52
C ASP A 251 11.20 24.32 -2.81
N ILE A 252 11.05 25.11 -1.73
CA ILE A 252 11.04 26.56 -1.82
C ILE A 252 11.81 27.12 -0.63
N TYR A 253 12.55 28.21 -0.86
CA TYR A 253 13.33 28.85 0.18
C TYR A 253 12.45 29.77 1.03
N ILE A 254 13.07 30.34 2.07
CA ILE A 254 12.37 31.23 2.98
C ILE A 254 12.23 32.61 2.35
N SER A 255 11.06 33.22 2.51
CA SER A 255 10.80 34.54 1.95
C SER A 255 10.72 35.59 3.06
N GLY B 1 -2.51 9.03 1.00
CA GLY B 1 -2.52 7.59 1.08
C GLY B 1 -2.36 6.90 -0.27
N THR B 2 -3.20 5.90 -0.52
CA THR B 2 -3.19 5.14 -1.76
C THR B 2 -4.55 5.24 -2.44
N PHE B 3 -4.62 4.75 -3.67
CA PHE B 3 -5.82 4.93 -4.47
C PHE B 3 -6.97 4.07 -3.95
N THR B 4 -8.14 4.69 -3.80
CA THR B 4 -9.33 4.05 -3.28
C THR B 4 -10.46 3.97 -4.30
N TRP B 5 -10.28 4.54 -5.48
CA TRP B 5 -11.31 4.56 -6.51
C TRP B 5 -11.48 3.18 -7.13
N THR B 6 -12.69 2.64 -7.07
CA THR B 6 -13.00 1.34 -7.64
C THR B 6 -13.67 1.52 -9.00
N LEU B 7 -13.30 0.66 -9.95
CA LEU B 7 -13.77 0.81 -11.32
C LEU B 7 -15.24 0.42 -11.43
N SER B 8 -16.03 1.30 -12.06
CA SER B 8 -17.48 1.11 -12.12
C SER B 8 -17.85 0.12 -13.22
N ASP B 9 -18.82 -0.73 -12.93
CA ASP B 9 -19.23 -1.77 -13.86
C ASP B 9 -20.39 -1.30 -14.72
N SER B 10 -20.34 -1.64 -16.01
CA SER B 10 -21.40 -1.32 -16.94
C SER B 10 -22.54 -2.34 -16.80
N GLU B 11 -23.62 -2.12 -17.55
CA GLU B 11 -24.84 -2.88 -17.33
C GLU B 11 -24.93 -4.13 -18.19
N GLY B 12 -24.27 -4.17 -19.35
CA GLY B 12 -24.42 -5.31 -20.24
C GLY B 12 -23.31 -6.33 -20.14
N LYS B 13 -22.80 -6.56 -18.93
CA LYS B 13 -21.66 -7.43 -18.71
C LYS B 13 -22.11 -8.74 -18.08
N ASP B 14 -21.32 -9.79 -18.34
CA ASP B 14 -21.67 -11.13 -17.88
C ASP B 14 -21.13 -11.45 -16.50
N THR B 15 -19.99 -10.86 -16.12
CA THR B 15 -19.41 -11.09 -14.81
C THR B 15 -19.11 -9.74 -14.16
N PRO B 16 -19.55 -9.53 -12.93
CA PRO B 16 -19.25 -8.24 -12.27
C PRO B 16 -17.76 -8.10 -11.96
N GLY B 17 -17.10 -7.16 -12.61
CA GLY B 17 -15.69 -6.93 -12.36
C GLY B 17 -14.92 -6.39 -13.55
N GLY B 18 -15.21 -6.90 -14.74
CA GLY B 18 -14.45 -6.54 -15.92
C GLY B 18 -14.61 -5.08 -16.31
N TYR B 19 -13.68 -4.63 -17.16
CA TYR B 19 -13.68 -3.27 -17.65
C TYR B 19 -13.38 -3.27 -19.14
N CYS B 20 -13.96 -2.31 -19.86
CA CYS B 20 -13.85 -2.22 -21.31
C CYS B 20 -13.41 -0.83 -21.71
N LEU B 21 -12.59 -0.75 -22.76
CA LEU B 21 -12.15 0.51 -23.33
C LEU B 21 -12.81 0.69 -24.69
N THR B 22 -13.58 1.76 -24.84
CA THR B 22 -14.30 2.02 -26.08
C THR B 22 -13.32 2.30 -27.22
N ARG B 23 -13.87 2.36 -28.44
CA ARG B 23 -13.04 2.63 -29.60
C ARG B 23 -12.52 4.06 -29.62
N TRP B 24 -13.13 4.96 -28.84
CA TRP B 24 -12.68 6.34 -28.74
C TRP B 24 -11.66 6.55 -27.63
N MET B 25 -11.46 5.55 -26.76
CA MET B 25 -10.40 5.59 -25.78
C MET B 25 -9.08 5.04 -26.32
N LEU B 26 -9.11 4.34 -27.44
CA LEU B 26 -7.93 3.72 -28.03
C LEU B 26 -7.69 4.32 -29.41
N ILE B 27 -6.43 4.56 -29.75
CA ILE B 27 -6.08 5.19 -31.01
C ILE B 27 -5.86 4.10 -32.06
N GLU B 28 -6.51 4.25 -33.21
CA GLU B 28 -6.45 3.30 -34.33
C GLU B 28 -6.74 1.88 -33.86
N ALA B 29 -7.85 1.71 -33.14
CA ALA B 29 -8.25 0.40 -32.66
C ALA B 29 -9.72 0.44 -32.29
N GLU B 30 -10.34 -0.74 -32.34
CA GLU B 30 -11.73 -0.92 -31.92
C GLU B 30 -11.76 -1.16 -30.41
N LEU B 31 -12.95 -1.42 -29.88
CA LEU B 31 -13.08 -1.56 -28.43
C LEU B 31 -12.49 -2.88 -27.96
N LYS B 32 -11.90 -2.85 -26.76
CA LYS B 32 -11.26 -4.01 -26.16
C LYS B 32 -11.77 -4.15 -24.74
N CYS B 33 -12.15 -5.37 -24.37
CA CYS B 33 -12.69 -5.67 -23.05
C CYS B 33 -11.73 -6.58 -22.29
N PHE B 34 -11.62 -6.35 -20.98
CA PHE B 34 -10.72 -7.10 -20.13
C PHE B 34 -11.49 -7.74 -18.99
N GLY B 35 -11.17 -9.01 -18.71
CA GLY B 35 -11.95 -9.80 -17.78
C GLY B 35 -11.74 -9.45 -16.33
N ASN B 36 -12.63 -9.97 -15.49
CA ASN B 36 -12.58 -9.68 -14.06
C ASN B 36 -11.29 -10.16 -13.43
N THR B 37 -10.77 -11.30 -13.89
CA THR B 37 -9.56 -11.86 -13.30
C THR B 37 -8.36 -10.95 -13.49
N ALA B 38 -8.31 -10.22 -14.61
CA ALA B 38 -7.20 -9.32 -14.86
C ALA B 38 -7.36 -8.00 -14.09
N VAL B 39 -8.51 -7.34 -14.24
CA VAL B 39 -8.70 -6.04 -13.59
C VAL B 39 -8.75 -6.16 -12.08
N ALA B 40 -9.00 -7.36 -11.53
CA ALA B 40 -8.97 -7.53 -10.09
C ALA B 40 -7.60 -7.18 -9.52
N LYS B 41 -6.53 -7.42 -10.29
CA LYS B 41 -5.19 -7.07 -9.83
C LYS B 41 -5.02 -5.57 -9.65
N CYS B 42 -5.89 -4.76 -10.25
CA CYS B 42 -5.78 -3.32 -10.09
C CYS B 42 -6.07 -2.88 -8.66
N ASN B 43 -6.90 -3.63 -7.94
CA ASN B 43 -7.19 -3.26 -6.57
C ASN B 43 -6.12 -3.75 -5.61
N GLU B 44 -5.46 -4.87 -5.93
CA GLU B 44 -4.43 -5.41 -5.05
C GLU B 44 -3.12 -4.66 -5.21
N LYS B 45 -2.53 -4.70 -6.40
CA LYS B 45 -1.21 -4.13 -6.61
C LYS B 45 -1.24 -2.61 -6.53
N HIS B 46 -0.06 -2.04 -6.24
CA HIS B 46 0.14 -0.59 -6.27
C HIS B 46 1.00 -0.15 -7.44
N ASP B 47 1.61 -1.07 -8.18
CA ASP B 47 2.70 -0.76 -9.10
C ASP B 47 2.31 -0.75 -10.56
N GLU B 48 1.06 -1.07 -10.90
CA GLU B 48 0.68 -1.23 -12.30
C GLU B 48 0.26 0.11 -12.90
N GLU B 49 0.92 0.49 -14.00
CA GLU B 49 0.64 1.77 -14.64
C GLU B 49 -0.67 1.75 -15.41
N PHE B 50 -0.97 0.64 -16.09
CA PHE B 50 -2.21 0.54 -16.86
C PHE B 50 -3.44 0.64 -15.94
N CYS B 51 -3.33 0.15 -14.71
CA CYS B 51 -4.42 0.32 -13.74
C CYS B 51 -4.63 1.80 -13.44
N ASP B 52 -3.54 2.55 -13.22
CA ASP B 52 -3.66 3.97 -12.99
C ASP B 52 -4.42 4.66 -14.13
N MET B 53 -4.24 4.18 -15.36
CA MET B 53 -4.91 4.81 -16.50
C MET B 53 -6.39 4.45 -16.52
N LEU B 54 -6.73 3.21 -16.17
CA LEU B 54 -8.15 2.86 -16.12
C LEU B 54 -8.89 3.72 -15.11
N ARG B 55 -8.28 3.96 -13.94
CA ARG B 55 -8.93 4.80 -12.95
C ARG B 55 -9.06 6.24 -13.42
N LEU B 56 -8.11 6.72 -14.22
CA LEU B 56 -8.25 8.06 -14.80
C LEU B 56 -9.38 8.09 -15.83
N PHE B 57 -9.39 7.11 -16.74
CA PHE B 57 -10.45 7.06 -17.75
C PHE B 57 -11.82 6.90 -17.10
N ASP B 58 -11.91 6.08 -16.06
CA ASP B 58 -13.19 5.88 -15.39
C ASP B 58 -13.63 7.14 -14.67
N PHE B 59 -12.71 7.80 -13.97
CA PHE B 59 -13.05 9.05 -13.28
C PHE B 59 -13.54 10.10 -14.26
N ASN B 60 -12.86 10.25 -15.40
CA ASN B 60 -13.31 11.18 -16.42
C ASN B 60 -14.71 10.80 -16.93
N LYS B 61 -14.96 9.51 -17.09
CA LYS B 61 -16.29 9.04 -17.53
C LYS B 61 -17.35 9.36 -16.48
N GLN B 62 -17.06 9.04 -15.21
CA GLN B 62 -18.04 9.27 -14.16
C GLN B 62 -18.29 10.75 -13.92
N ALA B 63 -17.23 11.58 -14.04
CA ALA B 63 -17.39 13.00 -13.77
C ALA B 63 -18.19 13.70 -14.85
N ILE B 64 -18.10 13.23 -16.11
CA ILE B 64 -18.89 13.82 -17.18
C ILE B 64 -20.35 13.40 -17.05
N GLN B 65 -20.61 12.14 -16.69
CA GLN B 65 -21.97 11.61 -16.62
C GLN B 65 -22.78 12.19 -15.47
N ARG B 66 -22.13 12.68 -14.41
CA ARG B 66 -22.84 13.02 -13.18
C ARG B 66 -22.73 14.47 -12.75
N LEU B 67 -21.94 15.31 -13.44
CA LEU B 67 -21.76 16.69 -13.02
C LEU B 67 -21.80 17.62 -14.23
N LYS B 68 -21.75 18.92 -13.94
CA LYS B 68 -21.77 19.97 -14.95
C LYS B 68 -20.88 21.11 -14.48
N ALA B 69 -20.04 21.62 -15.37
CA ALA B 69 -19.16 22.73 -15.04
C ALA B 69 -19.35 23.89 -16.01
N GLN B 72 -13.92 25.36 -18.98
CA GLN B 72 -13.52 24.05 -18.47
C GLN B 72 -12.63 24.16 -17.23
N THR B 73 -13.15 24.82 -16.19
CA THR B 73 -12.45 24.94 -14.91
C THR B 73 -12.62 23.71 -14.03
N SER B 74 -12.87 22.55 -14.62
CA SER B 74 -12.98 21.30 -13.88
C SER B 74 -11.63 20.81 -13.33
N ILE B 75 -10.59 21.63 -13.43
CA ILE B 75 -9.29 21.26 -12.91
C ILE B 75 -9.31 21.21 -11.39
N GLN B 76 -10.19 21.97 -10.74
CA GLN B 76 -10.30 21.90 -9.29
C GLN B 76 -10.68 20.50 -8.82
N LEU B 77 -11.44 19.75 -9.63
CA LEU B 77 -11.90 18.43 -9.22
C LEU B 77 -10.77 17.41 -9.25
N ILE B 78 -10.02 17.36 -10.35
CA ILE B 78 -8.92 16.41 -10.43
C ILE B 78 -7.83 16.73 -9.41
N ASN B 79 -7.64 18.02 -9.09
CA ASN B 79 -6.64 18.39 -8.10
C ASN B 79 -6.94 17.79 -6.73
N LYS B 80 -8.22 17.56 -6.43
CA LYS B 80 -8.57 16.89 -5.17
C LYS B 80 -8.44 15.39 -5.30
N ALA B 81 -8.73 14.82 -6.47
CA ALA B 81 -8.93 13.39 -6.60
C ALA B 81 -7.68 12.64 -7.06
N VAL B 82 -6.60 13.35 -7.38
CA VAL B 82 -5.46 12.72 -8.08
C VAL B 82 -4.93 11.53 -7.30
N ASN B 83 -4.70 11.72 -5.99
CA ASN B 83 -4.07 10.66 -5.21
C ASN B 83 -5.02 9.49 -4.95
N ALA B 84 -6.30 9.64 -5.23
CA ALA B 84 -7.26 8.54 -5.10
C ALA B 84 -7.39 7.71 -6.37
N LEU B 85 -6.75 8.12 -7.45
CA LEU B 85 -6.83 7.41 -8.73
C LEU B 85 -5.50 6.84 -9.19
N ILE B 86 -4.40 7.57 -8.98
CA ILE B 86 -3.10 7.18 -9.49
C ILE B 86 -2.13 7.02 -8.33
N ASN B 87 -1.03 6.33 -8.59
CA ASN B 87 0.09 6.25 -7.67
C ASN B 87 1.10 7.32 -8.07
N ASP B 88 1.16 8.40 -7.30
CA ASP B 88 2.04 9.51 -7.63
C ASP B 88 3.50 9.06 -7.75
N GLN B 89 3.93 8.19 -6.84
CA GLN B 89 5.30 7.72 -6.87
C GLN B 89 5.58 6.78 -8.04
N LEU B 90 4.54 6.18 -8.61
CA LEU B 90 4.74 5.31 -9.76
C LEU B 90 5.21 6.11 -10.98
N ILE B 91 4.67 7.31 -11.15
CA ILE B 91 5.15 8.13 -12.26
C ILE B 91 6.46 8.83 -11.90
N MET B 92 6.74 8.99 -10.61
CA MET B 92 8.06 9.44 -10.19
C MET B 92 9.10 8.39 -10.48
N LYS B 93 8.74 7.11 -10.32
CA LYS B 93 9.64 6.01 -10.69
C LYS B 93 10.02 6.09 -12.16
N ASN B 94 9.02 6.26 -13.04
CA ASN B 94 9.31 6.43 -14.46
C ASN B 94 10.16 7.66 -14.70
N HIS B 95 9.94 8.72 -13.94
CA HIS B 95 10.77 9.91 -14.08
C HIS B 95 12.22 9.62 -13.66
N LEU B 96 12.39 8.83 -12.61
CA LEU B 96 13.75 8.44 -12.20
C LEU B 96 14.41 7.57 -13.25
N ARG B 97 13.66 6.65 -13.85
CA ARG B 97 14.23 5.78 -14.87
C ARG B 97 14.67 6.59 -16.10
N ASP B 98 13.86 7.59 -16.49
CA ASP B 98 14.23 8.43 -17.62
C ASP B 98 15.51 9.21 -17.33
N ILE B 99 15.67 9.64 -16.08
CA ILE B 99 16.85 10.42 -15.70
C ILE B 99 18.10 9.55 -15.70
N MET B 100 17.96 8.25 -15.45
CA MET B 100 19.08 7.34 -15.34
C MET B 100 19.34 6.53 -16.62
N CYS B 101 18.85 7.02 -17.77
CA CYS B 101 19.04 6.37 -19.06
C CYS B 101 18.45 4.96 -19.13
N ILE B 102 17.48 4.66 -18.28
CA ILE B 102 16.85 3.35 -18.20
C ILE B 102 15.55 3.40 -19.01
N PRO B 103 15.17 2.33 -19.71
CA PRO B 103 13.87 2.33 -20.40
C PRO B 103 12.73 2.58 -19.42
N TYR B 104 11.88 3.54 -19.74
CA TYR B 104 10.78 3.94 -18.88
C TYR B 104 9.45 3.79 -19.61
N CYS B 105 8.38 4.09 -18.88
CA CYS B 105 7.01 3.98 -19.37
C CYS B 105 6.45 5.38 -19.54
N ASN B 106 6.08 5.75 -20.77
CA ASN B 106 5.46 7.04 -21.02
C ASN B 106 3.94 6.93 -21.16
N TYR B 107 3.37 5.82 -20.69
CA TYR B 107 1.93 5.65 -20.45
C TYR B 107 1.09 5.61 -21.71
N SER B 108 1.70 5.41 -22.88
CA SER B 108 0.96 5.41 -24.15
C SER B 108 0.65 4.01 -24.65
N LYS B 109 1.67 3.20 -24.89
CA LYS B 109 1.49 1.86 -25.43
C LYS B 109 1.61 0.81 -24.33
N TYR B 110 0.79 -0.23 -24.44
CA TYR B 110 0.81 -1.35 -23.51
C TYR B 110 0.76 -2.65 -24.31
N TRP B 111 1.24 -3.73 -23.68
CA TRP B 111 1.22 -5.05 -24.31
C TRP B 111 0.57 -6.05 -23.36
N TYR B 112 -0.01 -7.10 -23.94
CA TYR B 112 -0.67 -8.12 -23.16
C TYR B 112 -0.69 -9.41 -23.97
N LEU B 113 -0.93 -10.52 -23.27
CA LEU B 113 -1.03 -11.83 -23.90
C LEU B 113 -2.50 -12.23 -23.96
N ASN B 114 -2.89 -12.77 -25.12
CA ASN B 114 -4.28 -13.06 -25.42
C ASN B 114 -4.37 -14.52 -25.87
N HIS B 115 -5.11 -15.33 -25.13
CA HIS B 115 -5.18 -16.76 -25.43
C HIS B 115 -5.89 -16.98 -26.76
N THR B 116 -5.36 -17.92 -27.55
CA THR B 116 -5.83 -18.09 -28.92
C THR B 116 -7.28 -18.55 -28.98
N THR B 117 -7.65 -19.50 -28.13
CA THR B 117 -9.00 -20.05 -28.12
C THR B 117 -9.84 -19.60 -26.94
N THR B 118 -9.24 -19.47 -25.74
CA THR B 118 -9.99 -19.00 -24.59
C THR B 118 -10.41 -17.54 -24.76
N GLY B 119 -9.60 -16.75 -25.45
CA GLY B 119 -9.80 -15.32 -25.49
C GLY B 119 -9.41 -14.59 -24.22
N ARG B 120 -8.91 -15.30 -23.22
CA ARG B 120 -8.52 -14.69 -21.96
C ARG B 120 -7.22 -13.91 -22.13
N THR B 121 -7.09 -12.82 -21.38
CA THR B 121 -5.97 -11.92 -21.53
C THR B 121 -5.31 -11.64 -20.19
N SER B 122 -4.02 -11.28 -20.25
CA SER B 122 -3.31 -10.80 -19.08
C SER B 122 -3.64 -9.33 -18.85
N LEU B 123 -3.21 -8.82 -17.70
CA LEU B 123 -3.31 -7.38 -17.47
C LEU B 123 -2.27 -6.68 -18.32
N PRO B 124 -2.65 -5.72 -19.15
CA PRO B 124 -1.68 -5.07 -20.04
C PRO B 124 -0.57 -4.39 -19.27
N LYS B 125 0.66 -4.80 -19.54
CA LYS B 125 1.82 -4.14 -18.98
C LYS B 125 2.34 -3.07 -19.93
N CYS B 126 3.06 -2.10 -19.38
CA CYS B 126 3.47 -0.95 -20.16
C CYS B 126 4.60 -1.32 -21.11
N TRP B 127 4.47 -0.89 -22.37
CA TRP B 127 5.51 -1.07 -23.38
C TRP B 127 6.56 0.03 -23.19
N LEU B 128 7.75 -0.36 -22.74
CA LEU B 128 8.76 0.62 -22.38
C LEU B 128 9.32 1.30 -23.63
N VAL B 129 9.95 2.45 -23.42
CA VAL B 129 10.52 3.26 -24.49
C VAL B 129 11.86 3.82 -24.03
N SER B 130 12.82 3.90 -24.95
CA SER B 130 14.13 4.46 -24.66
C SER B 130 14.58 5.29 -25.85
N ASN B 131 14.81 6.58 -25.63
CA ASN B 131 15.17 7.54 -26.68
C ASN B 131 14.18 7.48 -27.85
N GLY B 132 12.95 7.89 -27.54
CA GLY B 132 11.94 8.14 -28.56
C GLY B 132 11.62 6.97 -29.46
N SER B 133 11.77 5.74 -28.97
CA SER B 133 11.40 4.57 -29.74
C SER B 133 11.12 3.42 -28.78
N TYR B 134 9.98 2.78 -28.96
CA TYR B 134 9.61 1.66 -28.10
C TYR B 134 10.61 0.51 -28.27
N LEU B 135 10.77 -0.28 -27.21
CA LEU B 135 11.69 -1.40 -27.24
C LEU B 135 11.17 -2.49 -28.17
N ASN B 136 12.10 -3.20 -28.81
CA ASN B 136 11.72 -4.38 -29.57
C ASN B 136 11.22 -5.47 -28.63
N GLU B 137 10.36 -6.32 -29.17
CA GLU B 137 9.96 -7.53 -28.45
C GLU B 137 11.17 -8.30 -27.95
N THR B 138 12.28 -8.25 -28.69
CA THR B 138 13.48 -8.98 -28.33
C THR B 138 14.14 -8.48 -27.06
N HIS B 139 13.86 -7.23 -26.66
CA HIS B 139 14.54 -6.64 -25.52
C HIS B 139 13.79 -6.82 -24.21
N PHE B 140 12.53 -7.28 -24.26
CA PHE B 140 11.81 -7.64 -23.05
C PHE B 140 11.08 -8.97 -23.22
N SER B 141 11.65 -9.89 -24.00
CA SER B 141 10.99 -11.17 -24.25
C SER B 141 10.87 -12.02 -22.98
N ASP B 142 11.84 -11.92 -22.08
CA ASP B 142 11.73 -12.65 -20.82
C ASP B 142 10.67 -12.07 -19.91
N ASP B 143 10.29 -10.80 -20.09
CA ASP B 143 9.11 -10.29 -19.40
C ASP B 143 7.84 -10.95 -19.92
N ILE B 144 7.76 -11.13 -21.24
CA ILE B 144 6.58 -11.78 -21.82
C ILE B 144 6.53 -13.25 -21.42
N GLU B 145 7.69 -13.90 -21.34
CA GLU B 145 7.72 -15.30 -20.91
C GLU B 145 7.17 -15.46 -19.50
N GLN B 146 7.53 -14.55 -18.61
CA GLN B 146 7.06 -14.62 -17.22
C GLN B 146 5.56 -14.39 -17.15
N GLN B 147 5.03 -13.46 -17.95
CA GLN B 147 3.59 -13.23 -17.97
C GLN B 147 2.84 -14.43 -18.51
N ALA B 148 3.41 -15.11 -19.51
CA ALA B 148 2.79 -16.31 -20.03
C ALA B 148 2.76 -17.43 -19.00
N ASP B 149 3.77 -17.47 -18.12
CA ASP B 149 3.77 -18.48 -17.06
C ASP B 149 2.69 -18.15 -16.02
N ASN B 150 2.54 -16.87 -15.68
CA ASN B 150 1.47 -16.48 -14.76
C ASN B 150 0.09 -16.74 -15.36
N MET B 151 -0.03 -16.63 -16.69
CA MET B 151 -1.31 -16.91 -17.33
C MET B 151 -1.69 -18.37 -17.19
N ILE B 152 -0.72 -19.28 -17.30
CA ILE B 152 -1.00 -20.71 -17.21
C ILE B 152 -1.44 -21.09 -15.81
N THR B 153 -0.68 -20.64 -14.80
CA THR B 153 -1.04 -20.95 -13.42
C THR B 153 -2.38 -20.35 -13.03
N GLU B 154 -2.73 -19.19 -13.59
CA GLU B 154 -4.05 -18.63 -13.35
C GLU B 154 -5.13 -19.42 -14.09
N MET B 155 -4.82 -19.88 -15.30
CA MET B 155 -5.79 -20.64 -16.07
C MET B 155 -6.09 -21.99 -15.42
N LEU B 156 -5.14 -22.55 -14.70
CA LEU B 156 -5.37 -23.81 -14.01
C LEU B 156 -6.29 -23.64 -12.81
N GLN B 157 -6.30 -22.46 -12.20
CA GLN B 157 -7.11 -22.20 -11.03
C GLN B 157 -8.53 -21.76 -11.39
N THR C 59 24.35 -16.68 19.22
CA THR C 59 24.70 -17.90 19.94
C THR C 59 23.54 -18.32 20.83
N SER C 60 22.34 -17.83 20.49
CA SER C 60 21.12 -18.20 21.19
C SER C 60 20.19 -18.86 20.18
N LEU C 61 19.82 -20.11 20.43
CA LEU C 61 19.05 -20.90 19.49
C LEU C 61 17.57 -20.87 19.81
N TYR C 62 16.74 -20.74 18.77
CA TYR C 62 15.30 -20.81 18.87
C TYR C 62 14.81 -22.02 18.08
N LYS C 63 14.01 -22.86 18.73
CA LYS C 63 13.46 -24.09 18.18
C LYS C 63 14.54 -25.10 17.78
N GLY C 64 15.78 -24.91 18.25
CA GLY C 64 16.85 -25.86 18.03
C GLY C 64 17.59 -25.75 16.72
N VAL C 65 17.16 -24.88 15.81
CA VAL C 65 17.76 -24.82 14.48
C VAL C 65 17.97 -23.37 14.06
N TYR C 66 17.15 -22.45 14.59
CA TYR C 66 17.20 -21.05 14.20
C TYR C 66 18.07 -20.29 15.19
N GLU C 67 19.20 -19.76 14.72
CA GLU C 67 20.10 -18.99 15.54
C GLU C 67 19.87 -17.50 15.32
N LEU C 68 19.86 -16.73 16.41
CA LEU C 68 19.58 -15.30 16.35
C LEU C 68 20.83 -14.55 15.91
N GLN C 69 20.72 -13.81 14.81
CA GLN C 69 21.84 -13.04 14.27
C GLN C 69 21.39 -11.60 14.01
N THR C 70 22.37 -10.69 13.94
CA THR C 70 22.09 -9.28 13.82
C THR C 70 22.93 -8.66 12.70
N LEU C 71 22.60 -7.40 12.38
CA LEU C 71 23.36 -6.60 11.45
C LEU C 71 23.12 -5.14 11.78
N GLU C 72 24.15 -4.31 11.59
CA GLU C 72 24.05 -2.88 11.85
C GLU C 72 24.48 -2.14 10.59
N LEU C 73 23.60 -1.29 10.07
CA LEU C 73 23.85 -0.58 8.83
C LEU C 73 24.78 0.60 9.04
N ASN C 74 25.71 0.77 8.10
CA ASN C 74 26.64 1.90 8.10
C ASN C 74 26.09 2.94 7.14
N MET C 75 25.37 3.92 7.68
CA MET C 75 24.73 4.95 6.85
C MET C 75 25.72 5.91 6.23
N GLU C 76 26.98 5.92 6.67
CA GLU C 76 27.95 6.89 6.18
C GLU C 76 28.16 6.81 4.68
N THR C 77 27.86 5.66 4.06
CA THR C 77 28.03 5.50 2.64
C THR C 77 26.95 6.20 1.81
N LEU C 78 25.88 6.65 2.45
CA LEU C 78 24.84 7.39 1.75
C LEU C 78 25.14 8.89 1.67
N ASN C 79 26.37 9.30 1.98
CA ASN C 79 26.69 10.71 2.10
C ASN C 79 26.56 11.46 0.78
N MET C 80 26.72 10.76 -0.34
CA MET C 80 26.69 11.45 -1.63
C MET C 80 25.29 11.67 -2.17
N THR C 81 24.27 11.07 -1.56
CA THR C 81 22.91 11.14 -2.07
C THR C 81 21.96 11.92 -1.18
N MET C 82 22.12 11.84 0.13
CA MET C 82 21.20 12.44 1.09
C MET C 82 21.97 12.98 2.29
N PRO C 83 21.42 13.97 2.98
CA PRO C 83 22.06 14.47 4.20
C PRO C 83 22.04 13.41 5.30
N LEU C 84 22.84 13.65 6.35
CA LEU C 84 23.00 12.71 7.44
C LEU C 84 23.14 13.49 8.75
N SER C 85 22.22 13.25 9.68
CA SER C 85 22.24 13.91 10.98
C SER C 85 22.91 13.03 12.02
N CYS C 86 23.62 13.67 12.95
CA CYS C 86 24.23 12.97 14.07
C CYS C 86 24.54 14.00 15.15
N THR C 87 25.07 13.51 16.28
CA THR C 87 25.32 14.38 17.42
C THR C 87 26.68 14.05 18.04
N LYS C 88 27.38 15.09 18.48
CA LYS C 88 28.70 14.94 19.11
C LYS C 88 28.59 14.83 20.63
N ASN C 89 28.02 15.86 21.26
CA ASN C 89 27.74 15.83 22.70
C ASN C 89 26.41 16.54 22.92
N ASN C 90 26.15 16.94 24.17
CA ASN C 90 24.87 17.55 24.50
C ASN C 90 24.65 18.84 23.72
N SER C 91 25.70 19.65 23.59
CA SER C 91 25.55 20.98 23.01
C SER C 91 25.57 20.95 21.49
N HIS C 92 26.45 20.13 20.90
CA HIS C 92 26.75 20.20 19.47
C HIS C 92 26.09 19.04 18.72
N HIS C 93 25.42 19.38 17.62
CA HIS C 93 24.80 18.41 16.72
C HIS C 93 25.12 18.85 15.30
N TYR C 94 25.05 17.90 14.36
CA TYR C 94 25.52 18.19 13.01
C TYR C 94 24.62 17.56 11.96
N ILE C 95 24.68 18.14 10.76
CA ILE C 95 24.09 17.59 9.54
C ILE C 95 25.18 17.58 8.48
N MET C 96 25.36 16.45 7.81
CA MET C 96 26.47 16.26 6.88
C MET C 96 25.93 16.06 5.47
N VAL C 97 26.37 16.91 4.55
CA VAL C 97 25.98 16.84 3.13
C VAL C 97 27.26 16.60 2.34
N GLY C 98 27.51 15.36 1.97
CA GLY C 98 28.72 15.01 1.27
C GLY C 98 29.88 14.79 2.23
N ASN C 99 31.09 14.94 1.69
CA ASN C 99 32.31 14.73 2.47
C ASN C 99 33.08 16.02 2.73
N GLU C 100 32.47 17.18 2.51
CA GLU C 100 33.18 18.44 2.68
C GLU C 100 32.38 19.47 3.46
N THR C 101 31.19 19.82 2.99
CA THR C 101 30.39 20.83 3.68
C THR C 101 29.49 20.17 4.72
N GLY C 102 28.75 21.00 5.45
CA GLY C 102 27.86 20.48 6.49
C GLY C 102 27.21 21.62 7.25
N LEU C 103 26.60 21.26 8.38
CA LEU C 103 25.91 22.22 9.24
C LEU C 103 26.18 21.88 10.70
N GLU C 104 26.18 22.91 11.54
CA GLU C 104 26.43 22.77 12.97
C GLU C 104 25.25 23.32 13.74
N LEU C 105 24.51 22.43 14.41
CA LEU C 105 23.42 22.80 15.30
C LEU C 105 23.95 22.82 16.72
N THR C 106 24.03 24.02 17.32
CA THR C 106 24.58 24.19 18.65
C THR C 106 23.54 24.77 19.59
N LEU C 107 23.50 24.21 20.81
CA LEU C 107 22.71 24.74 21.91
C LEU C 107 23.66 25.41 22.88
N THR C 108 23.63 26.74 22.93
CA THR C 108 24.55 27.50 23.78
C THR C 108 23.78 28.61 24.49
N ASN C 109 24.19 28.88 25.72
CA ASN C 109 23.73 30.09 26.40
C ASN C 109 24.39 31.35 25.85
N THR C 110 25.42 31.19 25.03
CA THR C 110 26.12 32.30 24.40
C THR C 110 25.56 32.55 23.01
N SER C 111 25.17 33.80 22.74
CA SER C 111 24.61 34.14 21.44
C SER C 111 25.74 34.40 20.44
N ILE C 112 25.34 34.47 19.16
CA ILE C 112 26.29 34.76 18.09
C ILE C 112 25.83 35.89 17.18
N ILE C 113 24.55 36.27 17.21
CA ILE C 113 24.02 37.36 16.40
C ILE C 113 23.20 38.26 17.30
N ASN C 114 23.48 39.56 17.27
CA ASN C 114 22.80 40.53 18.12
C ASN C 114 21.78 41.38 17.38
N HIS C 115 21.88 41.50 16.05
CA HIS C 115 20.88 42.22 15.28
C HIS C 115 19.69 41.32 15.01
N LYS C 116 18.50 41.91 15.02
CA LYS C 116 17.25 41.15 14.84
C LYS C 116 16.69 41.32 13.44
N PHE C 117 17.54 41.14 12.43
CA PHE C 117 17.11 41.16 11.04
C PHE C 117 17.59 39.89 10.35
N CYS C 118 16.84 39.47 9.33
CA CYS C 118 17.15 38.29 8.53
C CYS C 118 17.01 38.69 7.06
N ASN C 119 18.12 39.13 6.46
CA ASN C 119 18.12 39.66 5.09
C ASN C 119 18.15 38.49 4.10
N LEU C 120 16.99 37.84 3.97
CA LEU C 120 16.90 36.64 3.13
C LEU C 120 16.88 37.01 1.64
N SER C 121 16.22 38.12 1.28
CA SER C 121 16.14 38.51 -0.11
C SER C 121 17.50 38.93 -0.66
N ASP C 122 18.27 39.68 0.13
CA ASP C 122 19.64 40.01 -0.27
C ASP C 122 20.47 38.75 -0.49
N ALA C 123 20.38 37.80 0.45
CA ALA C 123 21.16 36.57 0.33
C ALA C 123 20.80 35.79 -0.93
N HIS C 124 19.51 35.73 -1.28
CA HIS C 124 19.10 35.04 -2.50
C HIS C 124 19.70 35.69 -3.73
N LYS C 125 19.66 37.02 -3.80
CA LYS C 125 20.16 37.73 -4.97
C LYS C 125 21.66 37.48 -5.17
N LYS C 126 22.45 37.66 -4.11
CA LYS C 126 23.86 37.31 -4.15
C LYS C 126 23.99 35.81 -3.93
N ASN C 127 23.98 35.06 -5.03
CA ASN C 127 23.89 33.60 -5.02
C ASN C 127 25.26 33.01 -4.70
N LEU C 128 25.67 33.16 -3.45
CA LEU C 128 26.97 32.68 -2.98
C LEU C 128 26.86 31.40 -2.17
N TYR C 129 25.88 31.33 -1.26
CA TYR C 129 25.74 30.19 -0.36
C TYR C 129 25.55 28.89 -1.13
N ASP C 130 25.85 27.78 -0.45
CA ASP C 130 25.61 26.46 -1.00
C ASP C 130 24.11 26.20 -1.06
N HIS C 131 23.59 25.91 -2.26
CA HIS C 131 22.15 25.72 -2.43
C HIS C 131 21.64 24.55 -1.61
N ALA C 132 22.46 23.51 -1.43
CA ALA C 132 22.06 22.37 -0.62
C ALA C 132 21.87 22.76 0.84
N LEU C 133 22.80 23.56 1.38
CA LEU C 133 22.73 23.91 2.79
C LEU C 133 21.48 24.74 3.10
N MET C 134 21.13 25.68 2.22
CA MET C 134 19.97 26.52 2.50
C MET C 134 18.67 25.74 2.34
N SER C 135 18.66 24.70 1.51
CA SER C 135 17.46 23.87 1.39
C SER C 135 17.18 23.12 2.68
N ILE C 136 18.23 22.81 3.46
CA ILE C 136 18.04 22.25 4.79
C ILE C 136 17.57 23.33 5.77
N ILE C 137 18.05 24.57 5.60
CA ILE C 137 17.59 25.65 6.46
C ILE C 137 16.12 25.96 6.22
N SER C 138 15.68 25.85 4.96
CA SER C 138 14.28 26.08 4.65
C SER C 138 13.39 24.96 5.20
N THR C 139 13.80 23.71 4.96
CA THR C 139 13.04 22.58 5.48
C THR C 139 12.90 22.66 7.00
N PHE C 140 13.95 23.07 7.69
CA PHE C 140 13.89 23.21 9.14
C PHE C 140 12.89 24.28 9.55
N HIS C 141 13.06 25.50 9.02
CA HIS C 141 12.23 26.62 9.45
C HIS C 141 10.76 26.42 9.07
N LEU C 142 10.49 25.78 7.93
CA LEU C 142 9.11 25.55 7.53
C LEU C 142 8.46 24.49 8.41
N SER C 143 9.23 23.49 8.84
CA SER C 143 8.71 22.40 9.67
C SER C 143 8.36 22.85 11.09
N ILE C 144 8.75 24.06 11.48
CA ILE C 144 8.37 24.58 12.79
C ILE C 144 6.86 24.81 12.82
N PRO C 145 6.13 24.21 13.77
CA PRO C 145 4.70 24.51 13.90
C PRO C 145 4.43 25.72 14.78
N ASN C 146 3.43 26.51 14.35
CA ASN C 146 2.97 27.67 15.10
C ASN C 146 4.12 28.63 15.41
N PHE C 147 4.85 29.00 14.37
CA PHE C 147 5.92 29.99 14.47
C PHE C 147 5.30 31.37 14.28
N ASN C 148 5.22 32.15 15.37
CA ASN C 148 4.50 33.42 15.35
C ASN C 148 5.34 34.62 15.75
N GLN C 149 6.55 34.43 16.26
CA GLN C 149 7.42 35.55 16.65
C GLN C 149 8.68 35.52 15.78
N TYR C 150 8.69 36.35 14.73
CA TYR C 150 9.82 36.45 13.82
C TYR C 150 11.01 37.16 14.45
N GLU C 151 10.80 37.83 15.58
CA GLU C 151 11.88 38.57 16.22
C GLU C 151 12.97 37.63 16.73
N ALA C 152 12.63 36.39 17.07
CA ALA C 152 13.60 35.46 17.59
C ALA C 152 14.55 34.98 16.50
N MET C 153 14.03 34.76 15.28
CA MET C 153 14.88 34.33 14.18
C MET C 153 15.70 35.52 13.67
N SER C 154 17.02 35.43 13.82
CA SER C 154 17.96 36.43 13.34
C SER C 154 19.04 35.71 12.56
N CYS C 155 19.42 36.29 11.43
CA CYS C 155 20.29 35.60 10.48
C CYS C 155 21.42 36.53 10.04
N ASP C 156 22.38 35.93 9.35
CA ASP C 156 23.51 36.66 8.77
C ASP C 156 24.07 35.79 7.64
N PHE C 157 23.81 36.20 6.40
CA PHE C 157 24.27 35.47 5.22
C PHE C 157 25.30 36.25 4.42
N ASN C 158 26.14 37.04 5.09
CA ASN C 158 27.13 37.86 4.40
C ASN C 158 28.21 36.99 3.76
N GLY C 159 28.35 37.09 2.44
CA GLY C 159 29.36 36.34 1.74
C GLY C 159 29.06 34.87 1.55
N GLY C 160 27.78 34.48 1.59
CA GLY C 160 27.41 33.08 1.51
C GLY C 160 27.46 32.33 2.82
N LYS C 161 28.21 32.83 3.81
CA LYS C 161 28.28 32.20 5.12
C LYS C 161 26.92 32.25 5.79
N ILE C 162 26.23 31.11 5.86
CA ILE C 162 24.88 31.06 6.43
C ILE C 162 24.98 30.80 7.93
N SER C 163 24.23 31.57 8.71
CA SER C 163 24.24 31.46 10.17
C SER C 163 22.91 31.98 10.68
N VAL C 164 22.14 31.13 11.34
CA VAL C 164 20.81 31.45 11.81
C VAL C 164 20.71 31.18 13.29
N GLN C 165 20.11 32.10 14.03
CA GLN C 165 20.02 32.03 15.49
C GLN C 165 18.57 32.12 15.92
N TYR C 166 18.14 31.18 16.77
CA TYR C 166 16.80 31.16 17.35
C TYR C 166 16.90 31.51 18.82
N ASN C 167 16.37 32.67 19.21
CA ASN C 167 16.41 33.09 20.60
C ASN C 167 15.26 32.42 21.34
N LEU C 168 15.59 31.45 22.20
CA LEU C 168 14.57 30.75 22.99
C LEU C 168 14.19 31.60 24.19
N SER C 169 12.90 31.92 24.30
CA SER C 169 12.37 32.86 25.30
C SER C 169 13.04 34.22 25.19
N CYS C 180 4.51 26.00 27.95
CA CYS C 180 4.08 25.27 26.76
C CYS C 180 3.37 26.23 25.80
N GLY C 181 3.51 25.97 24.50
CA GLY C 181 2.90 26.80 23.48
C GLY C 181 3.77 27.93 22.97
N THR C 182 4.87 28.25 23.65
CA THR C 182 5.75 29.33 23.22
C THR C 182 6.48 28.94 21.93
N VAL C 183 7.24 29.91 21.40
CA VAL C 183 7.98 29.67 20.18
C VAL C 183 9.14 28.70 20.40
N ALA C 184 9.63 28.61 21.64
CA ALA C 184 10.75 27.70 21.91
C ALA C 184 10.34 26.25 21.77
N ASN C 185 9.08 25.91 22.06
CA ASN C 185 8.63 24.53 21.92
C ASN C 185 8.68 24.10 20.46
N GLY C 186 8.18 24.95 19.56
CA GLY C 186 8.15 24.59 18.15
C GLY C 186 9.53 24.46 17.52
N VAL C 187 10.48 25.28 17.98
CA VAL C 187 11.84 25.19 17.44
C VAL C 187 12.54 23.94 17.97
N LEU C 188 12.29 23.59 19.22
CA LEU C 188 12.90 22.40 19.79
C LEU C 188 12.24 21.11 19.29
N GLN C 189 10.94 21.16 18.99
CA GLN C 189 10.29 19.99 18.38
C GLN C 189 10.90 19.71 17.01
N THR C 190 11.14 20.76 16.22
CA THR C 190 11.77 20.56 14.92
C THR C 190 13.23 20.14 15.07
N PHE C 191 13.93 20.67 16.08
CA PHE C 191 15.28 20.21 16.35
C PHE C 191 15.30 18.75 16.80
N MET C 192 14.34 18.37 17.64
CA MET C 192 14.23 16.97 18.06
C MET C 192 14.07 16.05 16.86
N ARG C 193 13.29 16.46 15.87
CA ARG C 193 13.11 15.65 14.67
C ARG C 193 14.34 15.65 13.77
N MET C 194 14.98 16.82 13.61
CA MET C 194 16.06 16.96 12.65
C MET C 194 17.22 16.01 12.96
N ALA C 195 17.79 16.13 14.16
CA ALA C 195 18.83 15.22 14.61
C ALA C 195 18.14 14.07 15.37
N TRP C 196 17.65 13.10 14.60
CA TRP C 196 16.82 12.04 15.18
C TRP C 196 17.62 11.22 16.20
N GLY C 197 18.85 10.86 15.87
CA GLY C 197 19.70 10.16 16.81
C GLY C 197 20.26 11.12 17.84
N GLY C 198 20.11 10.77 19.12
CA GLY C 198 20.71 11.53 20.19
C GLY C 198 20.21 12.94 20.38
N SER C 199 18.95 13.20 20.06
CA SER C 199 18.37 14.50 20.40
C SER C 199 17.84 14.54 21.83
N TYR C 200 17.47 13.39 22.38
CA TYR C 200 16.90 13.35 23.73
C TYR C 200 17.90 13.81 24.78
N ILE C 201 19.20 13.69 24.49
CA ILE C 201 20.23 14.03 25.47
C ILE C 201 20.16 15.52 25.82
N ALA C 202 19.98 16.36 24.80
CA ALA C 202 19.91 17.80 25.04
C ALA C 202 18.53 18.27 25.48
N LEU C 203 17.49 17.46 25.29
CA LEU C 203 16.14 17.91 25.55
C LEU C 203 15.81 17.95 27.03
N ASP C 204 16.28 16.97 27.80
CA ASP C 204 15.85 16.74 29.18
C ASP C 204 14.36 16.51 29.31
N SER C 205 13.67 16.24 28.18
CA SER C 205 12.21 16.34 28.14
C SER C 205 11.53 15.12 28.73
N GLY C 206 11.96 13.92 28.33
CA GLY C 206 11.24 12.73 28.70
C GLY C 206 10.09 12.52 27.74
N CYS C 207 8.90 12.26 28.27
CA CYS C 207 7.72 11.98 27.47
C CYS C 207 6.58 12.91 27.89
N GLY C 208 6.05 13.65 26.92
CA GLY C 208 4.99 14.61 27.18
C GLY C 208 4.60 15.43 25.96
N ASP C 211 3.60 17.83 23.59
CA ASP C 211 3.49 19.19 23.05
C ASP C 211 4.27 20.21 23.88
N CYS C 212 5.30 19.76 24.60
CA CYS C 212 6.03 20.68 25.48
C CYS C 212 7.43 20.13 25.68
N ILE C 213 8.43 20.83 25.14
CA ILE C 213 9.84 20.52 25.35
C ILE C 213 10.50 21.74 25.96
N MET C 214 11.28 21.53 27.02
CA MET C 214 11.97 22.60 27.72
C MET C 214 13.46 22.27 27.83
N THR C 215 14.30 23.25 27.55
CA THR C 215 15.74 23.09 27.66
C THR C 215 16.35 24.28 28.39
N SER C 216 17.50 24.04 29.01
CA SER C 216 18.16 25.09 29.77
C SER C 216 18.85 26.10 28.86
N TYR C 217 19.24 25.68 27.66
CA TYR C 217 19.96 26.56 26.75
C TYR C 217 19.03 27.66 26.21
N GLN C 218 19.63 28.79 25.86
CA GLN C 218 18.88 29.97 25.45
C GLN C 218 18.85 30.20 23.94
N TYR C 219 19.83 29.67 23.20
CA TYR C 219 19.91 29.91 21.77
C TYR C 219 20.17 28.61 21.02
N LEU C 220 19.58 28.49 19.84
CA LEU C 220 19.90 27.44 18.88
C LEU C 220 20.53 28.12 17.67
N ILE C 221 21.81 27.85 17.44
CA ILE C 221 22.58 28.48 16.39
C ILE C 221 22.94 27.42 15.35
N ILE C 222 22.59 27.70 14.09
CA ILE C 222 22.91 26.82 12.97
C ILE C 222 23.94 27.54 12.11
N GLN C 223 25.09 26.90 11.89
CA GLN C 223 26.18 27.49 11.12
C GLN C 223 26.73 26.48 10.14
N ASN C 224 27.24 27.00 9.01
CA ASN C 224 27.91 26.14 8.04
C ASN C 224 29.31 25.79 8.53
N THR C 225 29.76 24.59 8.20
CA THR C 225 31.03 24.09 8.71
C THR C 225 31.59 23.06 7.73
N THR C 226 32.81 22.60 8.02
CA THR C 226 33.49 21.60 7.22
C THR C 226 33.45 20.24 7.90
N TRP C 227 33.57 19.18 7.09
CA TRP C 227 33.34 17.82 7.56
C TRP C 227 34.52 17.34 8.40
N GLU C 228 34.20 16.72 9.54
CA GLU C 228 35.18 16.06 10.40
C GLU C 228 34.49 14.89 11.08
N ASP C 229 35.27 14.10 11.82
CA ASP C 229 34.74 12.94 12.52
C ASP C 229 33.98 13.42 13.76
N HIS C 230 32.79 13.95 13.51
CA HIS C 230 31.99 14.56 14.56
C HIS C 230 31.03 13.57 15.24
N CYS C 231 30.47 12.63 14.48
CA CYS C 231 29.47 11.72 15.00
C CYS C 231 30.05 10.78 16.05
N GLN C 232 30.06 11.20 17.31
CA GLN C 232 30.64 10.41 18.39
C GLN C 232 29.61 9.72 19.26
N PHE C 233 28.49 10.39 19.56
CA PHE C 233 27.48 9.79 20.43
C PHE C 233 26.45 8.96 19.67
N SER C 234 26.03 9.41 18.49
CA SER C 234 25.07 8.69 17.68
C SER C 234 25.59 8.55 16.27
N ARG C 235 25.23 7.44 15.62
CA ARG C 235 25.63 7.22 14.24
C ARG C 235 24.88 8.16 13.32
N PRO C 236 25.47 8.53 12.19
CA PRO C 236 24.77 9.37 11.21
C PRO C 236 23.59 8.63 10.60
N SER C 237 22.56 9.41 10.21
CA SER C 237 21.37 8.81 9.65
C SER C 237 20.60 9.85 8.84
N PRO C 238 19.99 9.46 7.72
CA PRO C 238 19.14 10.41 6.97
C PRO C 238 17.69 10.42 7.40
N ILE C 239 17.29 9.53 8.30
CA ILE C 239 15.87 9.40 8.64
C ILE C 239 15.33 10.70 9.22
N GLY C 240 16.14 11.41 10.01
CA GLY C 240 15.74 12.69 10.54
C GLY C 240 15.31 13.67 9.46
N TYR C 241 16.20 13.94 8.50
CA TYR C 241 15.89 14.87 7.42
C TYR C 241 14.70 14.39 6.59
N LEU C 242 14.73 13.11 6.19
CA LEU C 242 13.68 12.59 5.31
C LEU C 242 12.29 12.76 5.93
N GLY C 243 12.20 12.78 7.25
CA GLY C 243 10.90 12.91 7.90
C GLY C 243 10.33 14.31 7.86
N LEU C 244 11.19 15.33 7.95
CA LEU C 244 10.71 16.71 7.87
C LEU C 244 10.23 17.08 6.49
N LEU C 245 10.65 16.33 5.46
CA LEU C 245 10.29 16.69 4.09
C LEU C 245 8.79 16.60 3.85
N SER C 246 8.14 15.61 4.47
CA SER C 246 6.69 15.48 4.31
C SER C 246 5.94 16.51 5.13
N GLN C 247 6.33 16.68 6.39
CA GLN C 247 5.74 17.71 7.25
C GLN C 247 6.48 19.04 7.07
N ARG C 248 6.55 19.51 5.83
CA ARG C 248 7.29 20.73 5.54
C ARG C 248 6.45 21.95 5.87
N THR C 249 5.49 22.28 5.00
CA THR C 249 4.59 23.41 5.22
C THR C 249 3.25 22.97 5.79
N ARG C 250 3.22 21.84 6.52
CA ARG C 250 1.97 21.28 6.99
C ARG C 250 1.36 22.06 8.15
N ASP C 251 2.15 22.86 8.86
CA ASP C 251 1.66 23.62 10.01
C ASP C 251 2.26 25.02 9.97
N ILE C 252 1.59 25.94 9.27
CA ILE C 252 2.04 27.32 9.13
C ILE C 252 0.81 28.22 9.14
N TYR C 253 0.93 29.36 9.80
CA TYR C 253 -0.17 30.30 9.92
C TYR C 253 -0.29 31.16 8.66
N ILE C 254 -1.37 31.94 8.60
CA ILE C 254 -1.63 32.79 7.44
C ILE C 254 -0.76 34.03 7.53
N SER C 255 -0.19 34.43 6.40
CA SER C 255 0.67 35.61 6.34
C SER C 255 -0.03 36.77 5.65
N GLY D 1 2.03 8.87 -2.53
CA GLY D 1 1.59 7.48 -2.58
C GLY D 1 2.45 6.55 -1.76
N THR D 2 2.74 5.37 -2.33
CA THR D 2 3.59 4.38 -1.68
C THR D 2 4.81 4.09 -2.56
N PHE D 3 5.79 3.40 -1.97
CA PHE D 3 7.07 3.20 -2.62
C PHE D 3 6.93 2.26 -3.82
N THR D 4 7.51 2.67 -4.94
CA THR D 4 7.48 1.90 -6.17
C THR D 4 8.87 1.44 -6.63
N TRP D 5 9.92 1.83 -5.93
CA TRP D 5 11.28 1.46 -6.31
C TRP D 5 11.51 -0.02 -6.09
N THR D 6 11.87 -0.73 -7.15
CA THR D 6 12.16 -2.15 -7.07
C THR D 6 13.66 -2.37 -6.98
N LEU D 7 14.07 -3.28 -6.10
CA LEU D 7 15.49 -3.49 -5.83
C LEU D 7 16.16 -4.17 -7.02
N SER D 8 17.29 -3.62 -7.46
CA SER D 8 17.98 -4.12 -8.64
C SER D 8 18.80 -5.35 -8.31
N ASP D 9 18.80 -6.31 -9.24
CA ASP D 9 19.50 -7.58 -9.06
C ASP D 9 20.89 -7.50 -9.67
N SER D 10 21.88 -8.04 -8.95
CA SER D 10 23.24 -8.08 -9.45
C SER D 10 23.37 -9.18 -10.51
N GLU D 11 24.48 -9.14 -11.25
CA GLU D 11 24.61 -9.99 -12.43
C GLU D 11 24.92 -11.44 -12.08
N GLY D 12 25.63 -11.70 -11.00
CA GLY D 12 26.08 -13.05 -10.74
C GLY D 12 25.20 -13.90 -9.86
N LYS D 13 24.06 -13.39 -9.41
CA LYS D 13 23.23 -14.12 -8.45
C LYS D 13 22.59 -15.34 -9.09
N ASP D 14 22.29 -16.34 -8.25
CA ASP D 14 21.74 -17.59 -8.74
C ASP D 14 20.22 -17.51 -8.92
N THR D 15 19.50 -16.93 -7.96
CA THR D 15 18.06 -16.73 -8.11
C THR D 15 17.75 -15.27 -8.29
N PRO D 16 16.92 -14.90 -9.26
CA PRO D 16 16.54 -13.49 -9.42
C PRO D 16 15.63 -12.99 -8.31
N GLY D 17 16.13 -12.09 -7.47
CA GLY D 17 15.30 -11.51 -6.43
C GLY D 17 16.04 -11.15 -5.16
N GLY D 18 17.02 -11.96 -4.79
CA GLY D 18 17.76 -11.71 -3.57
C GLY D 18 18.53 -10.41 -3.61
N TYR D 19 18.90 -9.94 -2.42
CA TYR D 19 19.68 -8.70 -2.29
C TYR D 19 20.81 -8.94 -1.29
N CYS D 20 21.92 -8.26 -1.51
CA CYS D 20 23.12 -8.41 -0.70
C CYS D 20 23.63 -7.05 -0.24
N LEU D 21 24.11 -6.99 1.00
CA LEU D 21 24.72 -5.78 1.54
C LEU D 21 26.23 -6.01 1.66
N THR D 22 27.00 -5.11 1.05
CA THR D 22 28.45 -5.27 1.03
C THR D 22 29.04 -5.05 2.41
N ARG D 23 30.34 -5.34 2.53
CA ARG D 23 31.03 -5.14 3.80
C ARG D 23 31.19 -3.66 4.14
N TRP D 24 31.01 -2.77 3.17
CA TRP D 24 31.06 -1.34 3.41
C TRP D 24 29.71 -0.74 3.73
N MET D 25 28.62 -1.48 3.51
CA MET D 25 27.29 -1.06 3.94
C MET D 25 26.98 -1.45 5.38
N LEU D 26 27.76 -2.37 5.95
CA LEU D 26 27.56 -2.87 7.31
C LEU D 26 28.78 -2.53 8.14
N ILE D 27 28.55 -2.18 9.41
CA ILE D 27 29.63 -1.76 10.29
C ILE D 27 30.13 -2.96 11.08
N GLU D 28 31.45 -3.13 11.12
CA GLU D 28 32.12 -4.25 11.79
C GLU D 28 31.51 -5.59 11.38
N ALA D 29 31.45 -5.82 10.07
CA ALA D 29 30.91 -7.08 9.55
C ALA D 29 31.38 -7.27 8.12
N GLU D 30 31.31 -8.51 7.67
CA GLU D 30 31.54 -8.86 6.27
C GLU D 30 30.21 -8.76 5.52
N LEU D 31 30.20 -9.17 4.26
CA LEU D 31 29.00 -9.03 3.45
C LEU D 31 27.98 -10.11 3.81
N LYS D 32 26.70 -9.73 3.72
CA LYS D 32 25.60 -10.60 4.08
C LYS D 32 24.57 -10.57 2.96
N CYS D 33 24.07 -11.76 2.57
CA CYS D 33 23.13 -11.89 1.48
C CYS D 33 21.83 -12.49 1.99
N PHE D 34 20.71 -12.00 1.44
CA PHE D 34 19.39 -12.43 1.85
C PHE D 34 18.64 -12.99 0.66
N GLY D 35 17.94 -14.10 0.89
CA GLY D 35 17.30 -14.81 -0.20
C GLY D 35 16.12 -14.05 -0.78
N ASN D 36 15.70 -14.49 -1.98
CA ASN D 36 14.54 -13.90 -2.64
C ASN D 36 13.28 -14.08 -1.80
N THR D 37 13.15 -15.22 -1.11
CA THR D 37 11.96 -15.47 -0.31
C THR D 37 11.78 -14.43 0.78
N ALA D 38 12.87 -13.93 1.35
CA ALA D 38 12.77 -12.88 2.36
C ALA D 38 12.53 -11.52 1.74
N VAL D 39 13.36 -11.14 0.75
CA VAL D 39 13.28 -9.82 0.14
C VAL D 39 11.96 -9.62 -0.60
N ALA D 40 11.31 -10.70 -1.04
CA ALA D 40 10.03 -10.58 -1.71
C ALA D 40 8.99 -9.87 -0.84
N LYS D 41 9.10 -10.03 0.48
CA LYS D 41 8.16 -9.36 1.38
C LYS D 41 8.30 -7.84 1.33
N CYS D 42 9.43 -7.32 0.86
CA CYS D 42 9.60 -5.88 0.78
C CYS D 42 8.67 -5.25 -0.25
N ASN D 43 8.27 -6.01 -1.28
CA ASN D 43 7.35 -5.49 -2.27
C ASN D 43 5.91 -5.55 -1.78
N GLU D 44 5.59 -6.52 -0.90
CA GLU D 44 4.22 -6.64 -0.40
C GLU D 44 3.95 -5.68 0.76
N LYS D 45 4.68 -5.85 1.86
CA LYS D 45 4.37 -5.12 3.08
C LYS D 45 4.71 -3.65 2.95
N HIS D 46 4.03 -2.84 3.76
CA HIS D 46 4.28 -1.41 3.84
C HIS D 46 4.94 -1.01 5.16
N ASP D 47 5.09 -1.94 6.10
CA ASP D 47 5.44 -1.63 7.48
C ASP D 47 6.86 -1.99 7.88
N GLU D 48 7.64 -2.58 6.97
CA GLU D 48 8.97 -3.08 7.32
C GLU D 48 10.01 -1.97 7.19
N GLU D 49 10.75 -1.73 8.27
CA GLU D 49 11.75 -0.67 8.27
C GLU D 49 13.02 -1.08 7.51
N PHE D 50 13.43 -2.34 7.66
CA PHE D 50 14.63 -2.80 6.97
C PHE D 50 14.46 -2.73 5.45
N CYS D 51 13.23 -2.89 4.96
CA CYS D 51 12.99 -2.76 3.53
C CYS D 51 13.21 -1.32 3.06
N ASP D 52 12.70 -0.35 3.82
CA ASP D 52 12.90 1.05 3.46
C ASP D 52 14.39 1.38 3.37
N MET D 53 15.22 0.75 4.19
CA MET D 53 16.65 1.01 4.14
C MET D 53 17.28 0.39 2.89
N LEU D 54 16.84 -0.81 2.51
CA LEU D 54 17.36 -1.43 1.29
C LEU D 54 17.13 -0.54 0.08
N ARG D 55 15.92 0.02 -0.05
CA ARG D 55 15.65 0.90 -1.17
C ARG D 55 16.49 2.17 -1.11
N LEU D 56 16.80 2.66 0.10
CA LEU D 56 17.71 3.79 0.22
C LEU D 56 19.12 3.41 -0.24
N PHE D 57 19.61 2.26 0.23
CA PHE D 57 20.95 1.82 -0.16
C PHE D 57 21.04 1.52 -1.64
N ASP D 58 19.98 0.94 -2.21
CA ASP D 58 19.99 0.65 -3.63
C ASP D 58 19.90 1.93 -4.46
N PHE D 59 19.01 2.85 -4.08
CA PHE D 59 18.91 4.12 -4.78
C PHE D 59 20.24 4.86 -4.77
N ASN D 60 20.90 4.90 -3.61
CA ASN D 60 22.23 5.51 -3.53
C ASN D 60 23.22 4.81 -4.45
N LYS D 61 23.18 3.48 -4.47
CA LYS D 61 24.07 2.73 -5.35
C LYS D 61 23.79 3.02 -6.81
N GLN D 62 22.51 3.00 -7.19
CA GLN D 62 22.14 3.23 -8.59
C GLN D 62 22.46 4.66 -9.03
N ALA D 63 22.24 5.63 -8.14
CA ALA D 63 22.48 7.02 -8.50
C ALA D 63 23.96 7.31 -8.69
N ILE D 64 24.84 6.65 -7.92
CA ILE D 64 26.27 6.85 -8.10
C ILE D 64 26.76 6.17 -9.38
N GLN D 65 26.24 4.98 -9.67
CA GLN D 65 26.71 4.24 -10.84
C GLN D 65 26.27 4.90 -12.13
N ARG D 66 25.01 5.36 -12.20
CA ARG D 66 24.39 5.78 -13.45
C ARG D 66 24.41 7.28 -13.69
N LEU D 67 24.66 8.09 -12.66
CA LEU D 67 24.65 9.54 -12.79
C LEU D 67 26.04 10.09 -12.53
N LYS D 68 26.54 10.87 -13.48
CA LYS D 68 27.82 11.55 -13.31
C LYS D 68 27.78 12.42 -12.05
N ALA D 69 28.77 12.24 -11.20
CA ALA D 69 28.72 12.81 -9.86
C ALA D 69 28.60 14.33 -9.94
N PRO D 70 27.78 14.95 -9.09
CA PRO D 70 27.66 16.41 -9.11
C PRO D 70 28.90 17.07 -8.53
N ALA D 71 29.09 18.33 -8.91
CA ALA D 71 30.24 19.07 -8.42
C ALA D 71 30.21 19.23 -6.90
N GLN D 72 29.05 19.58 -6.35
CA GLN D 72 28.90 19.83 -4.91
C GLN D 72 27.57 19.30 -4.38
N THR D 73 27.36 18.00 -4.61
CA THR D 73 26.36 17.19 -3.91
C THR D 73 24.99 17.86 -3.91
N SER D 74 24.36 17.87 -5.08
CA SER D 74 23.01 18.38 -5.19
C SER D 74 22.03 17.45 -4.47
N ILE D 75 21.16 18.04 -3.65
CA ILE D 75 20.21 17.30 -2.84
C ILE D 75 18.84 17.19 -3.52
N GLN D 76 18.66 17.83 -4.67
CA GLN D 76 17.35 17.84 -5.32
C GLN D 76 16.86 16.43 -5.67
N LEU D 77 17.79 15.53 -5.99
CA LEU D 77 17.38 14.20 -6.44
C LEU D 77 16.65 13.43 -5.35
N ILE D 78 17.22 13.40 -4.14
CA ILE D 78 16.59 12.65 -3.05
C ILE D 78 15.27 13.31 -2.63
N ASN D 79 15.19 14.64 -2.74
CA ASN D 79 13.94 15.34 -2.41
C ASN D 79 12.81 14.94 -3.36
N LYS D 80 13.14 14.61 -4.60
CA LYS D 80 12.11 14.09 -5.52
C LYS D 80 11.71 12.68 -5.12
N ALA D 81 12.70 11.82 -4.87
CA ALA D 81 12.50 10.37 -4.87
C ALA D 81 12.09 9.80 -3.50
N VAL D 82 12.12 10.61 -2.44
CA VAL D 82 11.99 10.08 -1.08
C VAL D 82 10.76 9.20 -0.92
N ASN D 83 9.59 9.69 -1.34
CA ASN D 83 8.37 8.94 -1.13
C ASN D 83 8.30 7.68 -1.99
N ALA D 84 9.11 7.60 -3.04
CA ALA D 84 9.15 6.40 -3.86
C ALA D 84 10.08 5.33 -3.30
N LEU D 85 10.81 5.63 -2.23
CA LEU D 85 11.73 4.68 -1.61
C LEU D 85 11.33 4.27 -0.21
N ILE D 86 10.90 5.21 0.62
CA ILE D 86 10.60 4.94 2.02
C ILE D 86 9.12 5.18 2.29
N ASN D 87 8.67 4.68 3.43
CA ASN D 87 7.34 4.97 3.96
C ASN D 87 7.50 6.08 4.99
N ASP D 88 7.06 7.29 4.63
CA ASP D 88 7.19 8.43 5.53
C ASP D 88 6.47 8.17 6.85
N GLN D 89 5.26 7.60 6.79
CA GLN D 89 4.49 7.35 7.99
C GLN D 89 5.10 6.26 8.85
N LEU D 90 5.99 5.43 8.29
CA LEU D 90 6.68 4.45 9.10
C LEU D 90 7.66 5.12 10.05
N ILE D 91 8.40 6.11 9.56
CA ILE D 91 9.34 6.79 10.46
C ILE D 91 8.58 7.75 11.37
N MET D 92 7.41 8.23 10.92
CA MET D 92 6.53 8.97 11.82
C MET D 92 5.99 8.08 12.92
N LYS D 93 5.80 6.78 12.63
CA LYS D 93 5.39 5.84 13.66
C LYS D 93 6.43 5.74 14.76
N ASN D 94 7.71 5.60 14.38
CA ASN D 94 8.77 5.54 15.37
C ASN D 94 8.92 6.86 16.13
N HIS D 95 8.64 7.99 15.47
CA HIS D 95 8.65 9.27 16.17
C HIS D 95 7.51 9.36 17.18
N LEU D 96 6.37 8.73 16.88
CA LEU D 96 5.27 8.67 17.84
C LEU D 96 5.62 7.77 19.02
N ARG D 97 6.28 6.65 18.77
CA ARG D 97 6.63 5.72 19.85
C ARG D 97 7.65 6.33 20.79
N ASP D 98 8.68 6.99 20.23
CA ASP D 98 9.68 7.65 21.07
C ASP D 98 9.04 8.72 21.95
N ILE D 99 8.05 9.44 21.41
CA ILE D 99 7.37 10.47 22.17
C ILE D 99 6.55 9.86 23.31
N MET D 100 6.04 8.64 23.12
CA MET D 100 5.17 8.00 24.11
C MET D 100 5.92 7.00 24.99
N CYS D 101 7.25 7.13 25.09
CA CYS D 101 8.08 6.29 25.96
C CYS D 101 8.04 4.81 25.56
N ILE D 102 7.67 4.52 24.31
CA ILE D 102 7.62 3.15 23.81
C ILE D 102 8.94 2.84 23.11
N PRO D 103 9.48 1.62 23.25
CA PRO D 103 10.69 1.27 22.51
C PRO D 103 10.47 1.43 21.01
N TYR D 104 11.35 2.19 20.37
CA TYR D 104 11.23 2.55 18.97
C TYR D 104 12.43 2.05 18.18
N CYS D 105 12.34 2.22 16.86
CA CYS D 105 13.35 1.76 15.92
C CYS D 105 14.13 2.95 15.39
N ASN D 106 15.43 2.99 15.67
CA ASN D 106 16.27 4.07 15.17
C ASN D 106 17.06 3.67 13.91
N TYR D 107 16.63 2.61 13.24
CA TYR D 107 17.04 2.24 11.88
C TYR D 107 18.51 1.85 11.79
N SER D 108 19.15 1.51 12.90
CA SER D 108 20.56 1.12 12.89
C SER D 108 20.74 -0.40 12.96
N LYS D 109 20.26 -1.03 14.03
CA LYS D 109 20.45 -2.46 14.22
C LYS D 109 19.19 -3.22 13.86
N TYR D 110 19.39 -4.44 13.35
CA TYR D 110 18.30 -5.34 12.97
C TYR D 110 18.65 -6.75 13.42
N TRP D 111 17.61 -7.56 13.65
CA TRP D 111 17.78 -8.94 14.05
C TRP D 111 17.01 -9.86 13.12
N TYR D 112 17.52 -11.07 12.94
CA TYR D 112 16.86 -12.07 12.10
C TYR D 112 17.24 -13.46 12.58
N LEU D 113 16.48 -14.44 12.09
CA LEU D 113 16.74 -15.84 12.39
C LEU D 113 17.43 -16.49 11.21
N ASN D 114 18.50 -17.23 11.47
CA ASN D 114 19.28 -17.90 10.43
C ASN D 114 19.30 -19.38 10.75
N HIS D 115 18.81 -20.21 9.83
CA HIS D 115 18.81 -21.65 10.04
C HIS D 115 20.23 -22.18 9.94
N THR D 116 20.62 -22.98 10.94
CA THR D 116 22.03 -23.32 11.10
C THR D 116 22.58 -24.15 9.94
N THR D 117 21.73 -24.93 9.28
CA THR D 117 22.19 -25.80 8.20
C THR D 117 21.68 -25.41 6.82
N THR D 118 20.40 -25.02 6.69
CA THR D 118 19.90 -24.65 5.38
C THR D 118 20.43 -23.28 4.96
N GLY D 119 20.58 -22.36 5.91
CA GLY D 119 21.14 -21.06 5.62
C GLY D 119 20.12 -19.98 5.32
N ARG D 120 18.84 -20.32 5.25
CA ARG D 120 17.81 -19.32 4.96
C ARG D 120 17.57 -18.44 6.17
N THR D 121 17.24 -17.17 5.91
CA THR D 121 17.06 -16.19 6.97
C THR D 121 15.71 -15.51 6.81
N SER D 122 15.15 -15.08 7.94
CA SER D 122 13.95 -14.27 7.92
C SER D 122 14.30 -12.86 7.47
N LEU D 123 13.26 -12.07 7.20
CA LEU D 123 13.47 -10.66 6.91
C LEU D 123 13.89 -9.96 8.20
N PRO D 124 15.03 -9.26 8.20
CA PRO D 124 15.51 -8.60 9.43
C PRO D 124 14.50 -7.62 9.98
N LYS D 125 14.03 -7.88 11.19
CA LYS D 125 13.20 -6.94 11.91
C LYS D 125 14.08 -5.98 12.69
N CYS D 126 13.53 -4.82 13.02
CA CYS D 126 14.32 -3.77 13.65
C CYS D 126 14.49 -4.08 15.13
N TRP D 127 15.73 -3.97 15.60
CA TRP D 127 16.06 -4.13 17.02
C TRP D 127 15.71 -2.83 17.74
N LEU D 128 14.71 -2.89 18.62
CA LEU D 128 14.21 -1.68 19.24
C LEU D 128 15.18 -1.17 20.31
N VAL D 129 15.04 0.12 20.62
CA VAL D 129 15.91 0.79 21.57
C VAL D 129 15.07 1.70 22.45
N SER D 130 15.40 1.76 23.74
CA SER D 130 14.71 2.62 24.69
C SER D 130 15.74 3.28 25.59
N ASN D 131 15.76 4.61 25.57
CA ASN D 131 16.68 5.42 26.38
C ASN D 131 18.15 5.04 26.09
N GLY D 132 18.54 5.23 24.83
CA GLY D 132 19.93 5.09 24.43
C GLY D 132 20.53 3.73 24.67
N SER D 133 19.73 2.67 24.66
CA SER D 133 20.26 1.33 24.84
C SER D 133 19.29 0.33 24.22
N TYR D 134 19.82 -0.54 23.36
CA TYR D 134 18.99 -1.55 22.72
C TYR D 134 18.36 -2.48 23.75
N LEU D 135 17.21 -3.04 23.42
CA LEU D 135 16.55 -3.97 24.31
C LEU D 135 17.30 -5.30 24.35
N ASN D 136 17.28 -5.94 25.52
CA ASN D 136 17.82 -7.28 25.62
C ASN D 136 16.96 -8.26 24.85
N GLU D 137 17.57 -9.36 24.43
CA GLU D 137 16.79 -10.46 23.84
C GLU D 137 15.63 -10.87 24.74
N THR D 138 15.81 -10.76 26.05
CA THR D 138 14.81 -11.18 27.02
C THR D 138 13.54 -10.34 26.96
N HIS D 139 13.61 -9.12 26.46
CA HIS D 139 12.46 -8.22 26.46
C HIS D 139 11.63 -8.29 25.19
N PHE D 140 12.12 -8.95 24.14
CA PHE D 140 11.33 -9.21 22.94
C PHE D 140 11.45 -10.68 22.54
N SER D 141 11.50 -11.57 23.53
CA SER D 141 11.65 -12.99 23.25
C SER D 141 10.47 -13.53 22.46
N ASP D 142 9.27 -13.07 22.78
CA ASP D 142 8.06 -13.56 22.11
C ASP D 142 7.89 -12.99 20.70
N ASP D 143 8.62 -11.93 20.35
CA ASP D 143 8.69 -11.52 18.96
C ASP D 143 9.55 -12.47 18.14
N ILE D 144 10.62 -12.99 18.75
CA ILE D 144 11.46 -13.96 18.06
C ILE D 144 10.75 -15.30 17.94
N GLU D 145 9.97 -15.67 18.96
CA GLU D 145 9.22 -16.92 18.92
C GLU D 145 8.22 -16.92 17.77
N GLN D 146 7.50 -15.82 17.59
CA GLN D 146 6.55 -15.72 16.49
C GLN D 146 7.26 -15.83 15.14
N GLN D 147 8.46 -15.28 15.03
CA GLN D 147 9.18 -15.32 13.77
C GLN D 147 9.61 -16.73 13.41
N ALA D 148 10.01 -17.52 14.41
CA ALA D 148 10.35 -18.92 14.16
C ALA D 148 9.14 -19.69 13.62
N ASP D 149 7.95 -19.43 14.19
CA ASP D 149 6.75 -20.12 13.71
C ASP D 149 6.45 -19.74 12.27
N ASN D 150 6.59 -18.47 11.92
CA ASN D 150 6.41 -18.06 10.53
C ASN D 150 7.49 -18.64 9.64
N MET D 151 8.71 -18.77 10.16
CA MET D 151 9.77 -19.45 9.42
C MET D 151 9.41 -20.90 9.16
N ILE D 152 8.87 -21.59 10.17
CA ILE D 152 8.39 -22.96 10.00
C ILE D 152 7.33 -23.02 8.90
N THR D 153 6.33 -22.15 9.00
CA THR D 153 5.24 -22.14 8.02
C THR D 153 5.76 -21.84 6.62
N GLU D 154 6.75 -20.96 6.50
CA GLU D 154 7.31 -20.65 5.19
C GLU D 154 8.16 -21.79 4.65
N MET D 155 8.87 -22.49 5.54
CA MET D 155 9.68 -23.63 5.09
C MET D 155 8.80 -24.80 4.67
N LEU D 156 7.69 -25.03 5.37
CA LEU D 156 6.78 -26.10 5.00
C LEU D 156 6.01 -25.78 3.72
N GLN D 157 5.79 -24.49 3.44
CA GLN D 157 5.08 -24.07 2.24
C GLN D 157 5.87 -24.37 0.95
N LYS D 158 7.16 -24.66 1.06
CA LYS D 158 7.95 -25.08 -0.10
C LYS D 158 7.74 -26.55 -0.43
N GLU D 159 7.51 -27.38 0.58
CA GLU D 159 7.30 -28.82 0.37
C GLU D 159 5.84 -29.15 0.20
N THR E 59 -33.19 -10.94 14.18
CA THR E 59 -34.02 -10.14 13.29
C THR E 59 -34.03 -10.73 11.88
N SER E 60 -32.95 -10.51 11.15
CA SER E 60 -32.80 -11.03 9.79
C SER E 60 -31.48 -11.78 9.71
N LEU E 61 -31.55 -13.08 9.42
CA LEU E 61 -30.37 -13.93 9.36
C LEU E 61 -30.09 -14.36 7.93
N TYR E 62 -28.82 -14.38 7.57
CA TYR E 62 -28.34 -14.78 6.25
C TYR E 62 -27.71 -16.15 6.35
N LYS E 63 -28.10 -17.05 5.44
CA LYS E 63 -27.69 -18.45 5.44
C LYS E 63 -28.11 -19.18 6.72
N GLY E 64 -29.10 -18.64 7.43
CA GLY E 64 -29.66 -19.28 8.61
C GLY E 64 -28.81 -19.19 9.86
N VAL E 65 -27.57 -18.71 9.77
CA VAL E 65 -26.67 -18.72 10.91
C VAL E 65 -26.02 -17.38 11.20
N TYR E 66 -26.04 -16.41 10.28
CA TYR E 66 -25.39 -15.13 10.47
C TYR E 66 -26.46 -14.05 10.64
N GLU E 67 -26.47 -13.38 11.79
CA GLU E 67 -27.46 -12.36 12.09
C GLU E 67 -26.88 -10.98 11.81
N LEU E 68 -27.63 -10.16 11.10
CA LEU E 68 -27.21 -8.81 10.74
C LEU E 68 -27.32 -7.90 11.96
N GLN E 69 -26.19 -7.37 12.42
CA GLN E 69 -26.14 -6.48 13.57
C GLN E 69 -25.51 -5.15 13.17
N THR E 70 -25.71 -4.15 14.02
CA THR E 70 -25.28 -2.79 13.75
C THR E 70 -24.30 -2.32 14.81
N LEU E 71 -23.85 -1.07 14.63
CA LEU E 71 -22.83 -0.46 15.49
C LEU E 71 -22.69 1.01 15.12
N GLU E 72 -22.95 1.91 16.07
CA GLU E 72 -22.86 3.35 15.84
C GLU E 72 -21.84 3.94 16.81
N LEU E 73 -20.78 4.52 16.25
CA LEU E 73 -19.69 5.03 17.08
C LEU E 73 -20.05 6.38 17.68
N ASN E 74 -19.54 6.62 18.88
CA ASN E 74 -19.71 7.91 19.57
C ASN E 74 -18.38 8.65 19.48
N MET E 75 -18.28 9.56 18.50
CA MET E 75 -17.05 10.30 18.27
C MET E 75 -16.76 11.34 19.34
N GLU E 76 -17.73 11.65 20.22
CA GLU E 76 -17.54 12.69 21.21
C GLU E 76 -16.39 12.39 22.15
N THR E 77 -16.00 11.13 22.29
CA THR E 77 -14.90 10.76 23.16
C THR E 77 -13.54 11.13 22.59
N LEU E 78 -13.47 11.50 21.31
CA LEU E 78 -12.22 11.92 20.70
C LEU E 78 -11.97 13.42 20.86
N ASN E 79 -12.66 14.07 21.80
CA ASN E 79 -12.63 15.54 21.87
C ASN E 79 -11.27 16.06 22.32
N MET E 80 -10.50 15.27 23.07
CA MET E 80 -9.26 15.76 23.65
C MET E 80 -8.08 15.73 22.68
N THR E 81 -8.18 14.98 21.58
CA THR E 81 -7.07 14.81 20.66
C THR E 81 -7.25 15.53 19.34
N MET E 82 -8.47 15.58 18.83
CA MET E 82 -8.74 16.09 17.50
C MET E 82 -10.03 16.89 17.50
N PRO E 83 -10.17 17.86 16.60
CA PRO E 83 -11.41 18.64 16.52
C PRO E 83 -12.58 17.78 16.06
N LEU E 84 -13.78 18.28 16.32
CA LEU E 84 -15.01 17.58 15.97
C LEU E 84 -15.98 18.59 15.38
N SER E 85 -16.41 18.35 14.13
CA SER E 85 -17.37 19.20 13.46
C SER E 85 -18.77 18.62 13.56
N CYS E 86 -19.76 19.50 13.59
CA CYS E 86 -21.16 19.11 13.66
C CYS E 86 -22.00 20.33 13.30
N THR E 87 -23.31 20.12 13.21
CA THR E 87 -24.22 21.19 12.79
C THR E 87 -25.46 21.18 13.67
N LYS E 88 -25.95 22.38 13.98
CA LYS E 88 -27.14 22.57 14.82
C LYS E 88 -28.40 22.69 13.95
N ASN E 89 -28.41 23.66 13.05
CA ASN E 89 -29.50 23.82 12.08
C ASN E 89 -28.88 24.28 10.76
N ASN E 90 -29.70 24.83 9.88
CA ASN E 90 -29.20 25.22 8.56
C ASN E 90 -28.18 26.35 8.66
N SER E 91 -28.36 27.24 9.63
CA SER E 91 -27.53 28.44 9.72
C SER E 91 -26.29 28.24 10.57
N HIS E 92 -26.37 27.41 11.61
CA HIS E 92 -25.33 27.32 12.63
C HIS E 92 -24.61 25.98 12.54
N HIS E 93 -23.29 26.03 12.46
CA HIS E 93 -22.42 24.85 12.47
C HIS E 93 -21.27 25.10 13.44
N TYR E 94 -20.68 24.02 13.94
CA TYR E 94 -19.69 24.14 15.01
C TYR E 94 -18.54 23.17 14.81
N ILE E 95 -17.37 23.55 15.33
CA ILE E 95 -16.18 22.70 15.41
C ILE E 95 -15.68 22.77 16.84
N MET E 96 -15.66 21.63 17.53
CA MET E 96 -15.33 21.58 18.94
C MET E 96 -13.92 21.05 19.16
N VAL E 97 -13.18 21.71 20.06
CA VAL E 97 -11.83 21.30 20.44
C VAL E 97 -11.84 21.14 21.96
N GLY E 98 -11.85 19.90 22.43
CA GLY E 98 -11.88 19.63 23.85
C GLY E 98 -13.27 19.70 24.44
N ASN E 99 -13.41 20.24 25.66
CA ASN E 99 -14.70 20.36 26.31
C ASN E 99 -15.05 21.76 26.75
N GLU E 100 -14.24 22.76 26.42
CA GLU E 100 -14.52 24.13 26.85
C GLU E 100 -14.49 25.09 25.67
N THR E 101 -13.32 25.29 25.07
CA THR E 101 -13.21 26.18 23.93
C THR E 101 -13.76 25.50 22.68
N GLY E 102 -14.42 26.30 21.84
CA GLY E 102 -14.96 25.79 20.60
C GLY E 102 -14.83 26.79 19.47
N LEU E 103 -15.63 26.62 18.42
CA LEU E 103 -15.57 27.53 17.28
C LEU E 103 -16.85 27.38 16.47
N GLU E 104 -17.49 28.51 16.19
CA GLU E 104 -18.75 28.55 15.45
C GLU E 104 -18.53 29.21 14.10
N LEU E 105 -19.03 28.56 13.05
CA LEU E 105 -19.06 29.13 11.71
C LEU E 105 -20.50 29.19 11.25
N THR E 106 -20.99 30.40 10.96
CA THR E 106 -22.41 30.62 10.72
C THR E 106 -22.61 31.34 9.40
N LEU E 107 -23.78 31.09 8.79
CA LEU E 107 -24.18 31.71 7.53
C LEU E 107 -25.35 32.62 7.80
N THR E 108 -25.13 33.94 7.69
CA THR E 108 -26.14 34.93 7.96
C THR E 108 -26.15 35.98 6.86
N ASN E 109 -27.35 36.52 6.59
CA ASN E 109 -27.45 37.72 5.78
C ASN E 109 -27.02 38.97 6.52
N THR E 110 -26.84 38.89 7.84
CA THR E 110 -26.40 40.00 8.67
C THR E 110 -24.89 39.94 8.87
N SER E 111 -24.20 41.04 8.61
CA SER E 111 -22.75 41.09 8.75
C SER E 111 -22.35 41.41 10.19
N ILE E 112 -21.07 41.20 10.48
CA ILE E 112 -20.55 41.40 11.82
C ILE E 112 -19.28 42.26 11.76
N ILE E 113 -18.70 42.39 10.57
CA ILE E 113 -17.48 43.18 10.40
C ILE E 113 -17.64 44.04 9.15
N ASN E 114 -17.50 45.34 9.31
CA ASN E 114 -17.67 46.29 8.22
C ASN E 114 -16.36 46.84 7.66
N HIS E 115 -15.27 46.76 8.42
CA HIS E 115 -13.96 47.14 7.89
C HIS E 115 -13.38 45.98 7.08
N LYS E 116 -12.69 46.32 5.99
CA LYS E 116 -12.14 45.31 5.08
C LYS E 116 -10.65 45.11 5.27
N PHE E 117 -10.20 45.03 6.52
CA PHE E 117 -8.81 44.74 6.85
C PHE E 117 -8.73 43.47 7.69
N CYS E 118 -7.56 42.83 7.65
CA CYS E 118 -7.30 41.61 8.42
C CYS E 118 -5.90 41.75 8.99
N ASN E 119 -5.81 42.31 10.20
CA ASN E 119 -4.53 42.58 10.86
C ASN E 119 -3.99 41.28 11.45
N LEU E 120 -3.45 40.43 10.56
CA LEU E 120 -2.96 39.12 11.00
C LEU E 120 -1.59 39.23 11.68
N SER E 121 -0.73 40.14 11.20
CA SER E 121 0.59 40.29 11.81
C SER E 121 0.50 40.84 13.22
N ASP E 122 -0.37 41.83 13.44
CA ASP E 122 -0.61 42.34 14.80
C ASP E 122 -1.11 41.21 15.71
N ALA E 123 -2.05 40.40 15.22
CA ALA E 123 -2.61 39.34 16.05
C ALA E 123 -1.56 38.30 16.44
N HIS E 124 -0.66 37.96 15.52
CA HIS E 124 0.41 37.01 15.84
C HIS E 124 1.33 37.55 16.93
N LYS E 125 1.71 38.83 16.82
CA LYS E 125 2.62 39.42 17.78
C LYS E 125 2.03 39.42 19.19
N LYS E 126 0.80 39.92 19.33
CA LYS E 126 0.08 39.83 20.59
C LYS E 126 -0.52 38.43 20.70
N ASN E 127 0.27 37.52 21.30
CA ASN E 127 -0.05 36.10 21.32
C ASN E 127 -1.07 35.83 22.43
N LEU E 128 -2.30 36.24 22.16
CA LEU E 128 -3.40 36.08 23.11
C LEU E 128 -4.32 34.92 22.77
N TYR E 129 -4.57 34.69 21.48
CA TYR E 129 -5.55 33.71 21.00
C TYR E 129 -5.14 32.28 21.35
N ASP E 130 -6.10 31.38 21.21
CA ASP E 130 -5.84 29.95 21.35
C ASP E 130 -5.14 29.45 20.09
N HIS E 131 -3.98 28.81 20.26
CA HIS E 131 -3.22 28.33 19.12
C HIS E 131 -3.97 27.24 18.35
N ALA E 132 -4.80 26.45 19.04
CA ALA E 132 -5.55 25.40 18.37
C ALA E 132 -6.59 26.00 17.42
N LEU E 133 -7.33 27.00 17.89
CA LEU E 133 -8.33 27.64 17.03
C LEU E 133 -7.70 28.38 15.86
N MET E 134 -6.48 28.90 16.05
CA MET E 134 -5.79 29.54 14.94
C MET E 134 -5.30 28.52 13.93
N SER E 135 -4.96 27.31 14.39
CA SER E 135 -4.51 26.27 13.46
C SER E 135 -5.64 25.85 12.53
N ILE E 136 -6.85 25.66 13.07
CA ILE E 136 -7.96 25.20 12.24
C ILE E 136 -8.49 26.32 11.34
N ILE E 137 -8.23 27.58 11.71
CA ILE E 137 -8.65 28.68 10.84
C ILE E 137 -7.60 28.98 9.77
N SER E 138 -6.33 28.62 10.01
CA SER E 138 -5.34 28.64 8.95
C SER E 138 -5.61 27.53 7.95
N THR E 139 -5.89 26.32 8.47
CA THR E 139 -6.24 25.20 7.60
C THR E 139 -7.42 25.54 6.70
N PHE E 140 -8.41 26.25 7.25
CA PHE E 140 -9.60 26.58 6.46
C PHE E 140 -9.27 27.56 5.34
N HIS E 141 -8.60 28.67 5.66
CA HIS E 141 -8.31 29.66 4.64
C HIS E 141 -7.36 29.12 3.58
N LEU E 142 -6.41 28.28 3.99
CA LEU E 142 -5.48 27.71 3.02
C LEU E 142 -6.20 26.74 2.08
N SER E 143 -7.19 26.00 2.60
CA SER E 143 -7.90 25.01 1.80
C SER E 143 -8.83 25.62 0.76
N ILE E 144 -9.01 26.93 0.77
CA ILE E 144 -9.84 27.56 -0.26
C ILE E 144 -9.12 27.47 -1.60
N PRO E 145 -9.71 26.81 -2.60
CA PRO E 145 -9.09 26.81 -3.94
C PRO E 145 -9.41 28.08 -4.72
N ASN E 146 -8.40 28.59 -5.44
CA ASN E 146 -8.56 29.75 -6.31
C ASN E 146 -9.15 30.94 -5.54
N PHE E 147 -8.51 31.27 -4.42
CA PHE E 147 -8.89 32.44 -3.62
C PHE E 147 -8.12 33.63 -4.16
N ASN E 148 -8.84 34.56 -4.78
CA ASN E 148 -8.18 35.66 -5.48
C ASN E 148 -8.65 37.05 -5.09
N GLN E 149 -9.74 37.18 -4.34
CA GLN E 149 -10.23 38.48 -3.89
C GLN E 149 -10.11 38.55 -2.38
N TYR E 150 -9.01 39.17 -1.91
CA TYR E 150 -8.77 39.31 -0.49
C TYR E 150 -9.71 40.31 0.17
N GLU E 151 -10.40 41.12 -0.63
CA GLU E 151 -11.30 42.13 -0.07
C GLU E 151 -12.45 41.50 0.70
N ALA E 152 -12.84 40.27 0.34
CA ALA E 152 -13.98 39.63 1.00
C ALA E 152 -13.62 39.14 2.40
N MET E 153 -12.36 38.75 2.62
CA MET E 153 -11.93 38.32 3.94
C MET E 153 -11.64 39.53 4.82
N SER E 154 -12.39 39.64 5.92
CA SER E 154 -12.20 40.68 6.91
C SER E 154 -12.21 40.01 8.28
N CYS E 155 -11.36 40.51 9.18
CA CYS E 155 -11.08 39.82 10.42
C CYS E 155 -11.01 40.81 11.57
N ASP E 156 -10.99 40.27 12.79
CA ASP E 156 -10.88 41.07 14.01
C ASP E 156 -10.38 40.15 15.11
N PHE E 157 -9.11 40.32 15.51
CA PHE E 157 -8.49 39.47 16.53
C PHE E 157 -8.13 40.25 17.78
N ASN E 158 -8.92 41.26 18.14
CA ASN E 158 -8.58 42.11 19.28
C ASN E 158 -8.77 41.34 20.59
N GLY E 159 -7.70 41.24 21.36
CA GLY E 159 -7.75 40.57 22.64
C GLY E 159 -7.73 39.06 22.57
N GLY E 160 -7.28 38.49 21.45
CA GLY E 160 -7.33 37.06 21.25
C GLY E 160 -8.63 36.54 20.67
N LYS E 161 -9.73 37.27 20.87
CA LYS E 161 -11.02 36.91 20.31
C LYS E 161 -10.94 36.88 18.78
N ILE E 162 -10.89 35.69 18.21
CA ILE E 162 -10.78 35.53 16.76
C ILE E 162 -12.17 35.57 16.14
N SER E 163 -12.27 36.29 15.02
CA SER E 163 -13.54 36.43 14.31
C SER E 163 -13.23 36.80 12.87
N VAL E 164 -13.67 35.98 11.93
CA VAL E 164 -13.36 36.17 10.51
C VAL E 164 -14.66 36.13 9.72
N GLN E 165 -14.80 37.04 8.76
CA GLN E 165 -16.00 37.17 7.95
C GLN E 165 -15.62 37.10 6.47
N TYR E 166 -16.32 36.23 5.74
CA TYR E 166 -16.18 36.09 4.30
C TYR E 166 -17.41 36.69 3.61
N ASN E 167 -17.20 37.77 2.86
CA ASN E 167 -18.30 38.42 2.15
C ASN E 167 -18.55 37.67 0.85
N LEU E 168 -19.65 36.91 0.80
CA LEU E 168 -20.01 36.18 -0.40
C LEU E 168 -20.60 37.15 -1.42
N SER E 169 -20.02 37.17 -2.62
CA SER E 169 -20.37 38.14 -3.66
C SER E 169 -20.17 39.57 -3.16
N CYS E 180 -20.37 30.23 -11.01
CA CYS E 180 -19.27 29.30 -11.19
C CYS E 180 -17.93 30.03 -11.32
N GLY E 181 -17.02 29.78 -10.36
CA GLY E 181 -15.70 30.36 -10.40
C GLY E 181 -15.47 31.54 -9.47
N THR E 182 -16.54 32.07 -8.87
CA THR E 182 -16.39 33.21 -7.98
C THR E 182 -15.75 32.79 -6.66
N VAL E 183 -15.43 33.78 -5.84
CA VAL E 183 -14.78 33.50 -4.56
C VAL E 183 -15.75 32.82 -3.60
N ALA E 184 -17.05 33.04 -3.78
CA ALA E 184 -18.04 32.39 -2.91
C ALA E 184 -18.01 30.88 -3.08
N ASN E 185 -17.74 30.39 -4.30
CA ASN E 185 -17.70 28.95 -4.52
C ASN E 185 -16.57 28.30 -3.73
N GLY E 186 -15.37 28.90 -3.77
CA GLY E 186 -14.24 28.30 -3.10
C GLY E 186 -14.40 28.27 -1.59
N VAL E 187 -15.06 29.29 -1.03
CA VAL E 187 -15.25 29.33 0.41
C VAL E 187 -16.34 28.34 0.83
N LEU E 188 -17.38 28.20 0.02
CA LEU E 188 -18.45 27.26 0.35
C LEU E 188 -18.04 25.81 0.11
N GLN E 189 -17.14 25.57 -0.84
CA GLN E 189 -16.58 24.23 -1.01
C GLN E 189 -15.79 23.82 0.22
N THR E 190 -14.99 24.73 0.76
CA THR E 190 -14.21 24.45 1.96
C THR E 190 -15.12 24.31 3.18
N PHE E 191 -16.19 25.10 3.24
CA PHE E 191 -17.17 24.91 4.31
C PHE E 191 -17.90 23.58 4.16
N MET E 192 -18.21 23.17 2.93
CA MET E 192 -18.84 21.88 2.72
C MET E 192 -17.97 20.75 3.25
N ARG E 193 -16.65 20.88 3.06
CA ARG E 193 -15.73 19.87 3.56
C ARG E 193 -15.59 19.94 5.07
N MET E 194 -15.47 21.14 5.62
CA MET E 194 -15.14 21.31 7.03
C MET E 194 -16.17 20.64 7.93
N ALA E 195 -17.43 21.08 7.83
CA ALA E 195 -18.53 20.43 8.54
C ALA E 195 -19.10 19.33 7.65
N TRP E 196 -18.43 18.18 7.69
CA TRP E 196 -18.80 17.09 6.78
C TRP E 196 -20.23 16.62 7.02
N GLY E 197 -20.58 16.38 8.28
CA GLY E 197 -21.95 16.01 8.60
C GLY E 197 -22.87 17.21 8.49
N GLY E 198 -23.92 17.08 7.68
CA GLY E 198 -24.95 18.10 7.63
C GLY E 198 -24.56 19.42 7.00
N SER E 199 -23.66 19.40 6.02
CA SER E 199 -23.41 20.61 5.24
C SER E 199 -24.39 20.75 4.08
N TYR E 200 -24.97 19.64 3.61
CA TYR E 200 -25.86 19.67 2.47
C TYR E 200 -27.13 20.46 2.76
N ILE E 201 -27.59 20.47 4.01
CA ILE E 201 -28.83 21.14 4.36
C ILE E 201 -28.72 22.65 4.15
N ALA E 202 -27.51 23.19 4.13
CA ALA E 202 -27.31 24.61 3.88
C ALA E 202 -26.88 24.92 2.46
N LEU E 203 -26.30 23.96 1.75
CA LEU E 203 -25.81 24.24 0.40
C LEU E 203 -26.94 24.51 -0.57
N ASP E 204 -28.01 23.70 -0.50
CA ASP E 204 -29.11 23.77 -1.47
C ASP E 204 -28.59 23.62 -2.90
N SER E 205 -27.55 22.80 -3.06
CA SER E 205 -26.89 22.63 -4.33
C SER E 205 -26.99 21.23 -4.92
N GLY E 206 -27.27 20.22 -4.11
CA GLY E 206 -27.40 18.87 -4.64
C GLY E 206 -26.08 18.37 -5.19
N CYS E 207 -26.07 18.03 -6.47
CA CYS E 207 -24.91 17.44 -7.12
C CYS E 207 -24.60 18.21 -8.40
N GLY E 208 -23.49 18.93 -8.40
CA GLY E 208 -23.09 19.73 -9.54
C GLY E 208 -21.97 20.71 -9.21
N ASP E 211 -17.82 21.87 -7.18
CA ASP E 211 -17.55 22.71 -8.34
C ASP E 211 -18.19 24.09 -8.19
N CYS E 212 -19.49 24.17 -8.48
CA CYS E 212 -20.26 25.39 -8.33
C CYS E 212 -21.26 25.20 -7.20
N ILE E 213 -21.13 25.99 -6.14
CA ILE E 213 -22.07 26.00 -5.03
C ILE E 213 -22.65 27.39 -4.90
N MET E 214 -23.96 27.45 -4.69
CA MET E 214 -24.68 28.71 -4.55
C MET E 214 -25.57 28.64 -3.34
N THR E 215 -25.49 29.66 -2.49
CA THR E 215 -26.30 29.75 -1.29
C THR E 215 -26.97 31.12 -1.23
N SER E 216 -28.12 31.18 -0.55
CA SER E 216 -28.83 32.44 -0.42
C SER E 216 -28.12 33.39 0.55
N TYR E 217 -27.39 32.84 1.52
CA TYR E 217 -26.76 33.65 2.54
C TYR E 217 -25.61 34.47 1.96
N GLN E 218 -25.36 35.63 2.56
CA GLN E 218 -24.38 36.58 2.05
C GLN E 218 -23.04 36.53 2.76
N TYR E 219 -22.99 36.08 4.00
CA TYR E 219 -21.76 36.08 4.78
C TYR E 219 -21.56 34.74 5.47
N LEU E 220 -20.31 34.31 5.54
CA LEU E 220 -19.89 33.20 6.39
C LEU E 220 -19.02 33.79 7.49
N ILE E 221 -19.50 33.74 8.72
CA ILE E 221 -18.82 34.33 9.86
C ILE E 221 -18.30 33.22 10.75
N ILE E 222 -17.01 33.31 11.10
CA ILE E 222 -16.34 32.33 11.94
C ILE E 222 -15.89 33.03 13.22
N GLN E 223 -16.41 32.59 14.35
CA GLN E 223 -16.13 33.20 15.65
C GLN E 223 -15.79 32.11 16.66
N ASN E 224 -15.03 32.49 17.69
CA ASN E 224 -14.75 31.58 18.77
C ASN E 224 -15.95 31.53 19.72
N THR E 225 -16.13 30.39 20.38
CA THR E 225 -17.29 30.17 21.23
C THR E 225 -16.95 29.16 22.32
N THR E 226 -17.92 28.91 23.19
CA THR E 226 -17.78 27.94 24.28
C THR E 226 -18.61 26.70 23.98
N TRP E 227 -18.24 25.59 24.60
CA TRP E 227 -18.84 24.31 24.29
C TRP E 227 -20.20 24.16 24.94
N GLU E 228 -21.19 23.73 24.15
CA GLU E 228 -22.51 23.36 24.65
C GLU E 228 -23.02 22.21 23.79
N ASP E 229 -24.22 21.73 24.12
CA ASP E 229 -24.84 20.63 23.38
C ASP E 229 -25.44 21.16 22.08
N HIS E 230 -24.56 21.48 21.14
CA HIS E 230 -24.95 22.13 19.89
C HIS E 230 -25.30 21.13 18.79
N CYS E 231 -24.61 19.99 18.75
CA CYS E 231 -24.70 19.04 17.65
C CYS E 231 -26.08 18.36 17.64
N GLN E 232 -27.06 19.05 17.06
CA GLN E 232 -28.43 18.56 17.08
C GLN E 232 -28.87 17.90 15.78
N PHE E 233 -28.37 18.36 14.63
CA PHE E 233 -28.76 17.76 13.36
C PHE E 233 -27.83 16.63 12.93
N SER E 234 -26.53 16.76 13.19
CA SER E 234 -25.56 15.74 12.84
C SER E 234 -24.65 15.46 14.03
N ARG E 235 -24.17 14.23 14.10
CA ARG E 235 -23.25 13.85 15.16
C ARG E 235 -21.88 14.48 14.93
N PRO E 236 -21.12 14.74 15.99
CA PRO E 236 -19.76 15.25 15.81
C PRO E 236 -18.85 14.18 15.21
N SER E 237 -17.90 14.62 14.40
CA SER E 237 -16.94 13.71 13.79
C SER E 237 -15.70 14.49 13.40
N PRO E 238 -14.52 13.87 13.43
CA PRO E 238 -13.30 14.55 13.00
C PRO E 238 -12.98 14.41 11.52
N ILE E 239 -13.79 13.64 10.77
CA ILE E 239 -13.44 13.32 9.39
C ILE E 239 -13.35 14.59 8.54
N GLY E 240 -14.19 15.59 8.85
CA GLY E 240 -14.13 16.85 8.14
C GLY E 240 -12.77 17.52 8.23
N TYR E 241 -12.31 17.78 9.46
CA TYR E 241 -11.03 18.46 9.65
C TYR E 241 -9.87 17.63 9.10
N LEU E 242 -9.90 16.31 9.31
CA LEU E 242 -8.78 15.47 8.89
C LEU E 242 -8.58 15.48 7.39
N GLY E 243 -9.64 15.72 6.62
CA GLY E 243 -9.51 15.73 5.17
C GLY E 243 -8.90 17.00 4.62
N LEU E 244 -9.10 18.13 5.31
CA LEU E 244 -8.53 19.39 4.85
C LEU E 244 -7.03 19.46 5.12
N LEU E 245 -6.51 18.62 6.02
CA LEU E 245 -5.10 18.72 6.39
C LEU E 245 -4.20 18.34 5.21
N SER E 246 -4.62 17.39 4.39
CA SER E 246 -3.83 17.00 3.23
C SER E 246 -3.96 18.02 2.11
N GLN E 247 -5.20 18.41 1.80
CA GLN E 247 -5.45 19.44 0.79
C GLN E 247 -5.32 20.82 1.44
N ARG E 248 -4.20 21.06 2.12
CA ARG E 248 -4.02 22.32 2.83
C ARG E 248 -3.59 23.42 1.87
N THR E 249 -2.33 23.40 1.44
CA THR E 249 -1.80 24.37 0.49
C THR E 249 -1.74 23.82 -0.92
N ARG E 250 -2.68 22.93 -1.28
CA ARG E 250 -2.63 22.23 -2.56
C ARG E 250 -3.17 23.06 -3.72
N ASP E 251 -3.87 24.16 -3.45
CA ASP E 251 -4.44 25.00 -4.52
C ASP E 251 -4.34 26.45 -4.09
N ILE E 252 -3.20 27.09 -4.40
CA ILE E 252 -2.93 28.45 -3.98
C ILE E 252 -2.14 29.15 -5.08
N TYR E 253 -2.56 30.35 -5.46
CA TYR E 253 -1.89 31.12 -6.50
C TYR E 253 -0.62 31.77 -5.96
N ILE E 254 0.17 32.33 -6.87
CA ILE E 254 1.42 32.99 -6.52
C ILE E 254 1.12 34.39 -6.00
N SER E 255 1.82 34.79 -4.94
CA SER E 255 1.64 36.11 -4.35
C SER E 255 2.84 37.00 -4.63
N GLY F 1 2.61 8.43 2.99
CA GLY F 1 2.49 7.01 2.72
C GLY F 1 1.16 6.42 3.16
N THR F 2 1.22 5.26 3.82
CA THR F 2 0.04 4.58 4.33
C THR F 2 0.16 4.37 5.83
N PHE F 3 -0.95 3.99 6.46
CA PHE F 3 -1.01 3.90 7.91
C PHE F 3 -0.13 2.76 8.43
N THR F 4 0.65 3.07 9.47
CA THR F 4 1.56 2.12 10.09
C THR F 4 1.21 1.82 11.53
N TRP F 5 0.21 2.49 12.10
CA TRP F 5 -0.14 2.32 13.50
C TRP F 5 -0.82 0.97 13.70
N THR F 6 -0.30 0.19 14.65
CA THR F 6 -0.87 -1.11 15.00
C THR F 6 -1.71 -0.97 16.26
N LEU F 7 -2.89 -1.61 16.23
CA LEU F 7 -3.85 -1.49 17.33
C LEU F 7 -3.35 -2.24 18.55
N SER F 8 -2.96 -1.49 19.59
CA SER F 8 -2.57 -2.10 20.85
C SER F 8 -3.77 -2.78 21.51
N ASP F 9 -3.48 -3.78 22.33
CA ASP F 9 -4.51 -4.53 23.02
C ASP F 9 -4.33 -4.43 24.54
N SER F 10 -5.44 -4.52 25.25
CA SER F 10 -5.45 -4.41 26.70
C SER F 10 -4.89 -5.67 27.34
N GLU F 11 -4.59 -5.58 28.64
CA GLU F 11 -3.86 -6.65 29.31
C GLU F 11 -4.72 -7.87 29.57
N GLY F 12 -5.99 -7.67 29.92
CA GLY F 12 -6.81 -8.82 30.28
C GLY F 12 -7.69 -9.32 29.16
N LYS F 13 -7.12 -10.05 28.19
CA LYS F 13 -7.91 -10.53 27.08
C LYS F 13 -7.47 -11.92 26.62
N ASP F 14 -8.45 -12.64 26.08
CA ASP F 14 -8.30 -14.06 25.75
C ASP F 14 -7.30 -14.28 24.63
N THR F 15 -7.38 -13.49 23.57
CA THR F 15 -6.52 -13.62 22.41
C THR F 15 -5.80 -12.31 22.15
N PRO F 16 -4.51 -12.36 21.85
CA PRO F 16 -3.79 -11.13 21.50
C PRO F 16 -4.24 -10.59 20.16
N GLY F 17 -4.49 -9.27 20.12
CA GLY F 17 -4.85 -8.58 18.91
C GLY F 17 -6.34 -8.31 18.76
N GLY F 18 -7.18 -9.16 19.36
CA GLY F 18 -8.61 -8.94 19.29
C GLY F 18 -9.03 -7.63 19.95
N TYR F 19 -9.79 -6.81 19.24
CA TYR F 19 -10.11 -5.46 19.69
C TYR F 19 -11.54 -5.39 20.22
N CYS F 20 -11.76 -4.44 21.13
CA CYS F 20 -13.05 -4.22 21.77
C CYS F 20 -13.31 -2.73 21.88
N LEU F 21 -14.56 -2.33 21.63
CA LEU F 21 -15.01 -0.96 21.80
C LEU F 21 -15.86 -0.86 23.05
N THR F 22 -15.48 0.04 23.96
CA THR F 22 -16.15 0.16 25.23
C THR F 22 -17.55 0.77 25.05
N ARG F 23 -18.37 0.66 26.11
CA ARG F 23 -19.72 1.19 26.04
C ARG F 23 -19.73 2.70 25.86
N TRP F 24 -18.64 3.39 26.20
CA TRP F 24 -18.52 4.82 25.99
C TRP F 24 -18.03 5.18 24.60
N MET F 25 -17.53 4.21 23.84
CA MET F 25 -17.19 4.43 22.44
C MET F 25 -18.39 4.22 21.51
N LEU F 26 -19.38 3.45 21.93
CA LEU F 26 -20.62 3.27 21.21
C LEU F 26 -21.70 4.19 21.77
N ILE F 27 -22.71 4.45 20.95
CA ILE F 27 -23.86 5.24 21.34
C ILE F 27 -25.07 4.30 21.48
N GLU F 28 -25.73 4.38 22.64
CA GLU F 28 -26.89 3.55 22.97
C GLU F 28 -26.59 2.06 22.72
N ALA F 29 -25.49 1.59 23.30
CA ALA F 29 -25.12 0.19 23.18
C ALA F 29 -24.08 -0.15 24.25
N GLU F 30 -24.02 -1.42 24.60
CA GLU F 30 -23.02 -1.92 25.54
C GLU F 30 -21.72 -2.21 24.77
N LEU F 31 -20.74 -2.79 25.46
CA LEU F 31 -19.45 -3.03 24.83
C LEU F 31 -19.55 -4.19 23.84
N LYS F 32 -18.82 -4.06 22.73
CA LYS F 32 -18.79 -5.06 21.68
C LYS F 32 -17.35 -5.41 21.37
N CYS F 33 -17.07 -6.71 21.26
CA CYS F 33 -15.72 -7.20 21.01
C CYS F 33 -15.67 -7.92 19.67
N PHE F 34 -14.57 -7.71 18.94
CA PHE F 34 -14.39 -8.30 17.62
C PHE F 34 -13.12 -9.15 17.63
N GLY F 35 -13.22 -10.36 17.10
CA GLY F 35 -12.14 -11.32 17.16
C GLY F 35 -10.93 -10.94 16.35
N ASN F 36 -9.82 -11.63 16.63
CA ASN F 36 -8.56 -11.36 15.95
C ASN F 36 -8.68 -11.57 14.44
N THR F 37 -9.38 -12.63 14.03
CA THR F 37 -9.48 -12.95 12.61
C THR F 37 -10.12 -11.81 11.82
N ALA F 38 -10.99 -11.02 12.46
CA ALA F 38 -11.63 -9.91 11.77
C ALA F 38 -10.71 -8.69 11.70
N VAL F 39 -10.23 -8.22 12.85
CA VAL F 39 -9.39 -7.03 12.89
C VAL F 39 -8.03 -7.23 12.23
N ALA F 40 -7.65 -8.47 11.92
CA ALA F 40 -6.39 -8.70 11.22
C ALA F 40 -6.43 -8.13 9.81
N LYS F 41 -7.63 -8.03 9.22
CA LYS F 41 -7.76 -7.42 7.90
C LYS F 41 -7.45 -5.93 7.91
N CYS F 42 -7.49 -5.29 9.08
CA CYS F 42 -7.20 -3.86 9.15
C CYS F 42 -5.76 -3.56 8.76
N ASN F 43 -4.84 -4.49 9.01
CA ASN F 43 -3.45 -4.27 8.65
C ASN F 43 -3.18 -4.59 7.18
N GLU F 44 -4.00 -5.45 6.57
CA GLU F 44 -3.80 -5.80 5.18
C GLU F 44 -4.46 -4.79 4.25
N LYS F 45 -5.76 -4.53 4.45
CA LYS F 45 -6.52 -3.69 3.54
C LYS F 45 -6.22 -2.21 3.78
N HIS F 46 -6.25 -1.45 2.68
CA HIS F 46 -6.19 0.01 2.71
C HIS F 46 -7.57 0.64 2.54
N ASP F 47 -8.61 -0.18 2.34
CA ASP F 47 -9.91 0.28 1.86
C ASP F 47 -10.98 0.41 2.95
N GLU F 48 -10.79 -0.21 4.11
CA GLU F 48 -11.86 -0.33 5.09
C GLU F 48 -11.95 0.92 5.97
N GLU F 49 -13.15 1.49 6.06
CA GLU F 49 -13.35 2.72 6.84
C GLU F 49 -13.40 2.44 8.34
N PHE F 50 -14.01 1.32 8.73
CA PHE F 50 -14.10 1.00 10.15
C PHE F 50 -12.72 0.80 10.76
N CYS F 51 -11.74 0.37 9.96
CA CYS F 51 -10.39 0.19 10.47
C CYS F 51 -9.72 1.54 10.76
N ASP F 52 -9.96 2.53 9.91
CA ASP F 52 -9.40 3.86 10.16
C ASP F 52 -9.96 4.46 11.43
N MET F 53 -11.20 4.11 11.80
CA MET F 53 -11.77 4.62 13.04
C MET F 53 -11.14 3.95 14.25
N LEU F 54 -10.90 2.64 14.19
CA LEU F 54 -10.24 1.95 15.29
C LEU F 54 -8.87 2.55 15.57
N ARG F 55 -8.11 2.88 14.52
CA ARG F 55 -6.81 3.50 14.70
C ARG F 55 -6.95 4.91 15.27
N LEU F 56 -8.06 5.60 15.00
CA LEU F 56 -8.31 6.89 15.64
C LEU F 56 -8.67 6.71 17.11
N PHE F 57 -9.56 5.76 17.41
CA PHE F 57 -9.97 5.53 18.79
C PHE F 57 -8.81 5.03 19.63
N ASP F 58 -8.00 4.13 19.07
CA ASP F 58 -6.85 3.62 19.79
C ASP F 58 -5.81 4.72 20.03
N PHE F 59 -5.53 5.53 19.01
CA PHE F 59 -4.59 6.63 19.16
C PHE F 59 -5.06 7.63 20.20
N ASN F 60 -6.36 7.95 20.19
CA ASN F 60 -6.94 8.77 21.25
C ASN F 60 -6.64 8.19 22.63
N LYS F 61 -6.97 6.91 22.82
CA LYS F 61 -6.71 6.24 24.10
C LYS F 61 -5.23 6.32 24.48
N GLN F 62 -4.35 5.99 23.52
CA GLN F 62 -2.92 5.95 23.82
C GLN F 62 -2.37 7.34 24.16
N ALA F 63 -2.82 8.36 23.43
CA ALA F 63 -2.35 9.71 23.70
C ALA F 63 -2.80 10.20 25.08
N ILE F 64 -3.98 9.77 25.53
CA ILE F 64 -4.46 10.18 26.84
C ILE F 64 -3.70 9.45 27.94
N GLN F 65 -3.51 8.13 27.78
CA GLN F 65 -2.91 7.34 28.84
C GLN F 65 -1.44 7.67 29.06
N ARG F 66 -0.74 8.16 28.04
CA ARG F 66 0.70 8.28 28.07
C ARG F 66 1.23 9.71 28.07
N LEU F 67 0.39 10.71 27.79
CA LEU F 67 0.86 12.09 27.71
C LEU F 67 -0.04 12.99 28.55
N LYS F 68 0.38 14.23 28.70
CA LYS F 68 -0.36 15.22 29.47
C LYS F 68 -0.33 16.57 28.76
N ALA F 69 -1.46 17.25 28.73
CA ALA F 69 -1.57 18.57 28.11
C ALA F 69 -2.27 19.56 29.03
N GLN F 72 -7.08 23.02 25.51
CA GLN F 72 -6.73 21.87 24.70
C GLN F 72 -6.11 22.30 23.37
N THR F 73 -4.81 22.09 23.22
CA THR F 73 -4.10 22.42 21.99
C THR F 73 -3.38 21.20 21.40
N SER F 74 -3.84 19.99 21.76
CA SER F 74 -3.17 18.78 21.34
C SER F 74 -3.41 18.54 19.86
N ILE F 75 -3.96 19.55 19.17
CA ILE F 75 -4.18 19.45 17.73
C ILE F 75 -2.88 19.29 16.99
N GLN F 76 -1.77 19.79 17.56
CA GLN F 76 -0.47 19.65 16.91
C GLN F 76 -0.07 18.18 16.79
N LEU F 77 -0.53 17.34 17.72
CA LEU F 77 -0.17 15.92 17.67
C LEU F 77 -0.92 15.20 16.57
N ILE F 78 -2.24 15.45 16.45
CA ILE F 78 -3.01 14.80 15.40
C ILE F 78 -2.61 15.35 14.03
N ASN F 79 -2.11 16.58 13.99
CA ASN F 79 -1.66 17.16 12.72
C ASN F 79 -0.43 16.41 12.20
N LYS F 80 0.33 15.76 13.09
CA LYS F 80 1.47 14.97 12.67
C LYS F 80 1.08 13.54 12.32
N ALA F 81 0.25 12.91 13.14
CA ALA F 81 0.01 11.48 13.07
C ALA F 81 -1.21 11.10 12.24
N VAL F 82 -1.84 12.07 11.58
CA VAL F 82 -3.09 11.80 10.86
C VAL F 82 -2.88 10.72 9.79
N ASN F 83 -1.80 10.84 9.02
CA ASN F 83 -1.60 9.94 7.89
C ASN F 83 -1.14 8.54 8.32
N ALA F 84 -0.52 8.43 9.49
CA ALA F 84 -0.13 7.13 10.02
C ALA F 84 -1.31 6.36 10.61
N LEU F 85 -2.49 6.98 10.67
CA LEU F 85 -3.70 6.40 11.25
C LEU F 85 -4.78 6.12 10.21
N ILE F 86 -5.14 7.12 9.40
CA ILE F 86 -6.26 7.03 8.49
C ILE F 86 -5.76 7.18 7.06
N ASN F 87 -6.49 6.55 6.14
CA ASN F 87 -6.26 6.73 4.71
C ASN F 87 -6.93 8.03 4.29
N ASP F 88 -6.12 9.05 4.00
CA ASP F 88 -6.67 10.33 3.58
C ASP F 88 -7.53 10.18 2.34
N GLN F 89 -7.08 9.38 1.38
CA GLN F 89 -7.82 9.22 0.13
C GLN F 89 -9.09 8.39 0.30
N LEU F 90 -9.24 7.68 1.41
CA LEU F 90 -10.49 6.96 1.64
C LEU F 90 -11.62 7.91 2.00
N ILE F 91 -11.32 8.94 2.81
CA ILE F 91 -12.38 9.89 3.12
C ILE F 91 -12.61 10.83 1.94
N MET F 92 -11.58 11.07 1.12
CA MET F 92 -11.78 11.77 -0.14
C MET F 92 -12.67 10.96 -1.08
N LYS F 93 -12.62 9.64 -1.00
CA LYS F 93 -13.49 8.80 -1.82
C LYS F 93 -14.96 9.07 -1.49
N ASN F 94 -15.31 9.05 -0.20
CA ASN F 94 -16.70 9.29 0.18
C ASN F 94 -17.12 10.72 -0.12
N HIS F 95 -16.19 11.67 -0.11
CA HIS F 95 -16.51 13.03 -0.52
C HIS F 95 -16.84 13.08 -2.00
N LEU F 96 -16.11 12.32 -2.82
CA LEU F 96 -16.43 12.25 -4.24
C LEU F 96 -17.79 11.60 -4.46
N ARG F 97 -18.10 10.55 -3.70
CA ARG F 97 -19.39 9.88 -3.84
C ARG F 97 -20.53 10.81 -3.42
N ASP F 98 -20.34 11.56 -2.34
CA ASP F 98 -21.36 12.52 -1.93
C ASP F 98 -21.58 13.58 -3.00
N ILE F 99 -20.50 14.07 -3.60
CA ILE F 99 -20.60 15.08 -4.66
C ILE F 99 -21.36 14.52 -5.86
N MET F 100 -21.21 13.23 -6.13
CA MET F 100 -21.79 12.60 -7.31
C MET F 100 -23.11 11.89 -7.01
N CYS F 101 -23.79 12.27 -5.92
CA CYS F 101 -25.10 11.72 -5.56
C CYS F 101 -25.08 10.20 -5.38
N ILE F 102 -23.93 9.66 -5.01
CA ILE F 102 -23.78 8.23 -4.75
C ILE F 102 -23.86 8.00 -3.25
N PRO F 103 -24.55 6.98 -2.78
CA PRO F 103 -24.62 6.73 -1.32
C PRO F 103 -23.23 6.55 -0.74
N TYR F 104 -22.88 7.42 0.20
CA TYR F 104 -21.53 7.49 0.75
C TYR F 104 -21.53 7.08 2.21
N CYS F 105 -20.32 7.02 2.76
CA CYS F 105 -20.09 6.59 4.14
C CYS F 105 -19.76 7.81 4.99
N ASN F 106 -20.62 8.10 5.98
CA ASN F 106 -20.37 9.23 6.87
C ASN F 106 -19.77 8.79 8.20
N TYR F 107 -19.25 7.57 8.28
CA TYR F 107 -18.39 7.09 9.36
C TYR F 107 -19.11 6.94 10.69
N SER F 108 -20.45 6.90 10.70
CA SER F 108 -21.19 6.77 11.94
C SER F 108 -21.66 5.33 12.20
N LYS F 109 -22.52 4.81 11.35
CA LYS F 109 -23.10 3.50 11.54
C LYS F 109 -22.35 2.45 10.72
N TYR F 110 -22.27 1.24 11.26
CA TYR F 110 -21.58 0.13 10.62
C TYR F 110 -22.40 -1.14 10.80
N TRP F 111 -22.33 -2.03 9.81
CA TRP F 111 -23.04 -3.30 9.85
C TRP F 111 -22.06 -4.46 9.73
N TYR F 112 -22.43 -5.58 10.33
CA TYR F 112 -21.59 -6.77 10.33
C TYR F 112 -22.47 -7.98 10.59
N LEU F 113 -21.97 -9.15 10.21
CA LEU F 113 -22.64 -10.41 10.46
C LEU F 113 -22.10 -11.05 11.72
N ASN F 114 -22.97 -11.77 12.42
CA ASN F 114 -22.62 -12.38 13.71
C ASN F 114 -23.24 -13.77 13.77
N HIS F 115 -22.44 -14.76 14.15
CA HIS F 115 -22.91 -16.14 14.13
C HIS F 115 -23.87 -16.39 15.30
N THR F 116 -24.86 -17.26 15.05
CA THR F 116 -25.85 -17.57 16.07
C THR F 116 -25.23 -18.28 17.27
N THR F 117 -24.31 -19.21 17.01
CA THR F 117 -23.69 -20.01 18.06
C THR F 117 -22.22 -19.72 18.26
N THR F 118 -21.46 -19.47 17.18
CA THR F 118 -20.03 -19.26 17.32
C THR F 118 -19.71 -17.92 17.95
N GLY F 119 -20.51 -16.89 17.66
CA GLY F 119 -20.22 -15.55 18.10
C GLY F 119 -19.18 -14.81 17.29
N ARG F 120 -18.51 -15.49 16.35
CA ARG F 120 -17.53 -14.83 15.50
C ARG F 120 -18.22 -13.90 14.51
N THR F 121 -17.64 -12.73 14.31
CA THR F 121 -18.26 -11.67 13.53
C THR F 121 -17.37 -11.26 12.36
N SER F 122 -18.01 -10.74 11.31
CA SER F 122 -17.28 -10.16 10.20
C SER F 122 -16.74 -8.79 10.60
N LEU F 123 -15.84 -8.27 9.78
CA LEU F 123 -15.38 -6.90 9.98
C LEU F 123 -16.49 -5.94 9.60
N PRO F 124 -16.87 -5.02 10.48
CA PRO F 124 -17.96 -4.08 10.18
C PRO F 124 -17.66 -3.25 8.94
N LYS F 125 -18.55 -3.33 7.96
CA LYS F 125 -18.50 -2.45 6.80
C LYS F 125 -19.44 -1.27 7.02
N CYS F 126 -19.10 -0.14 6.42
CA CYS F 126 -19.81 1.10 6.69
C CYS F 126 -21.23 1.06 6.12
N TRP F 127 -22.19 1.46 6.94
CA TRP F 127 -23.58 1.55 6.51
C TRP F 127 -23.77 2.86 5.74
N LEU F 128 -24.03 2.75 4.45
CA LEU F 128 -24.07 3.92 3.59
C LEU F 128 -25.34 4.74 3.81
N VAL F 129 -25.27 6.01 3.41
CA VAL F 129 -26.35 6.96 3.59
C VAL F 129 -26.53 7.75 2.31
N SER F 130 -27.78 8.08 1.98
CA SER F 130 -28.09 8.89 0.80
C SER F 130 -29.18 9.88 1.18
N ASN F 131 -28.87 11.17 1.09
CA ASN F 131 -29.75 12.26 1.51
C ASN F 131 -30.29 12.03 2.92
N GLY F 132 -29.37 12.14 3.88
CA GLY F 132 -29.71 12.19 5.29
C GLY F 132 -30.49 11.01 5.82
N SER F 133 -30.38 9.85 5.19
CA SER F 133 -31.05 8.65 5.68
C SER F 133 -30.28 7.42 5.24
N TYR F 134 -29.99 6.53 6.18
CA TYR F 134 -29.27 5.30 5.87
C TYR F 134 -30.07 4.44 4.92
N LEU F 135 -29.35 3.69 4.08
CA LEU F 135 -29.98 2.79 3.12
C LEU F 135 -30.68 1.63 3.83
N ASN F 136 -31.75 1.13 3.21
CA ASN F 136 -32.39 -0.06 3.72
C ASN F 136 -31.50 -1.28 3.51
N GLU F 137 -31.70 -2.30 4.35
CA GLU F 137 -31.06 -3.59 4.13
C GLU F 137 -31.31 -4.10 2.72
N THR F 138 -32.46 -3.75 2.13
CA THR F 138 -32.83 -4.23 0.80
C THR F 138 -31.96 -3.62 -0.30
N HIS F 139 -31.33 -2.48 -0.05
CA HIS F 139 -30.59 -1.79 -1.11
C HIS F 139 -29.12 -2.18 -1.18
N PHE F 140 -28.57 -2.81 -0.15
CA PHE F 140 -27.23 -3.39 -0.22
C PHE F 140 -27.26 -4.86 0.19
N SER F 141 -28.35 -5.55 -0.17
CA SER F 141 -28.52 -6.94 0.24
C SER F 141 -27.45 -7.84 -0.36
N ASP F 142 -27.05 -7.58 -1.61
CA ASP F 142 -26.01 -8.38 -2.24
C ASP F 142 -24.62 -8.11 -1.67
N ASP F 143 -24.44 -7.03 -0.92
CA ASP F 143 -23.19 -6.84 -0.20
C ASP F 143 -23.13 -7.74 1.03
N ILE F 144 -24.25 -7.92 1.72
CA ILE F 144 -24.29 -8.83 2.87
C ILE F 144 -24.18 -10.27 2.42
N GLU F 145 -24.72 -10.60 1.25
CA GLU F 145 -24.58 -11.96 0.73
C GLU F 145 -23.12 -12.29 0.48
N GLN F 146 -22.36 -11.36 -0.10
CA GLN F 146 -20.96 -11.60 -0.38
C GLN F 146 -20.16 -11.74 0.93
N GLN F 147 -20.54 -10.97 1.95
CA GLN F 147 -19.84 -11.08 3.23
C GLN F 147 -20.10 -12.42 3.88
N ALA F 148 -21.33 -12.93 3.77
CA ALA F 148 -21.63 -14.24 4.34
C ALA F 148 -20.88 -15.35 3.62
N ASP F 149 -20.65 -15.21 2.31
CA ASP F 149 -19.85 -16.21 1.62
C ASP F 149 -18.40 -16.17 2.07
N ASN F 150 -17.88 -14.96 2.31
CA ASN F 150 -16.52 -14.86 2.84
C ASN F 150 -16.43 -15.38 4.27
N MET F 151 -17.51 -15.25 5.04
CA MET F 151 -17.53 -15.81 6.38
C MET F 151 -17.48 -17.32 6.36
N ILE F 152 -18.17 -17.95 5.40
CA ILE F 152 -18.17 -19.40 5.30
C ILE F 152 -16.78 -19.90 4.90
N THR F 153 -16.18 -19.28 3.89
CA THR F 153 -14.85 -19.69 3.46
C THR F 153 -13.78 -19.45 4.53
N GLU F 154 -14.01 -18.51 5.44
CA GLU F 154 -13.07 -18.31 6.52
C GLU F 154 -13.26 -19.31 7.64
N MET F 155 -14.52 -19.63 7.97
CA MET F 155 -14.78 -20.63 9.00
C MET F 155 -14.35 -22.02 8.56
N LEU F 156 -14.32 -22.27 7.25
CA LEU F 156 -13.84 -23.56 6.77
C LEU F 156 -12.32 -23.69 6.89
N GLN F 157 -11.59 -22.59 6.71
CA GLN F 157 -10.14 -22.63 6.87
C GLN F 157 -9.72 -22.84 8.31
N LYS F 158 -10.62 -22.61 9.27
CA LYS F 158 -10.34 -22.97 10.66
C LYS F 158 -10.24 -24.47 10.84
N GLU F 159 -11.02 -25.24 10.07
CA GLU F 159 -11.02 -26.69 10.18
C GLU F 159 -10.31 -27.34 8.99
N GLU G 2 -23.31 -13.43 -25.64
CA GLU G 2 -24.33 -12.45 -25.31
C GLU G 2 -25.16 -12.90 -24.12
N VAL G 3 -25.26 -12.01 -23.12
CA VAL G 3 -25.99 -12.30 -21.89
C VAL G 3 -27.49 -12.35 -22.18
N GLN G 4 -28.15 -13.42 -21.72
CA GLN G 4 -29.58 -13.58 -21.95
C GLN G 4 -30.22 -14.37 -20.83
N LEU G 5 -31.55 -14.26 -20.77
CA LEU G 5 -32.39 -15.01 -19.85
C LEU G 5 -33.54 -15.58 -20.67
N VAL G 6 -33.76 -16.90 -20.55
CA VAL G 6 -34.77 -17.59 -21.36
C VAL G 6 -35.84 -18.14 -20.42
N GLN G 7 -37.05 -17.63 -20.55
CA GLN G 7 -38.18 -17.99 -19.71
C GLN G 7 -38.95 -19.17 -20.30
N SER G 8 -39.79 -19.79 -19.46
CA SER G 8 -40.60 -20.92 -19.87
C SER G 8 -41.63 -21.20 -18.80
N GLY G 9 -42.74 -21.82 -19.21
CA GLY G 9 -43.70 -22.37 -18.27
C GLY G 9 -44.91 -21.51 -17.95
N GLY G 10 -45.47 -20.85 -18.96
CA GLY G 10 -46.68 -20.08 -18.76
C GLY G 10 -47.91 -20.95 -18.86
N GLY G 11 -48.89 -20.53 -19.64
CA GLY G 11 -50.03 -21.36 -19.95
C GLY G 11 -51.30 -20.94 -19.24
N LEU G 12 -52.33 -21.75 -19.43
CA LEU G 12 -53.66 -21.53 -18.87
C LEU G 12 -53.82 -22.33 -17.59
N VAL G 13 -54.48 -21.72 -16.59
CA VAL G 13 -54.69 -22.38 -15.31
C VAL G 13 -56.03 -21.93 -14.75
N LYS G 14 -56.74 -22.86 -14.09
CA LYS G 14 -58.00 -22.54 -13.43
C LYS G 14 -57.78 -21.62 -12.23
N ALA G 15 -58.78 -20.79 -11.95
CA ALA G 15 -58.73 -19.92 -10.79
C ALA G 15 -58.64 -20.74 -9.51
N GLY G 16 -57.70 -20.38 -8.65
CA GLY G 16 -57.41 -21.14 -7.45
C GLY G 16 -56.31 -22.16 -7.60
N GLY G 17 -55.88 -22.46 -8.83
CA GLY G 17 -54.86 -23.44 -9.08
C GLY G 17 -53.45 -22.91 -8.82
N SER G 18 -52.47 -23.63 -9.36
CA SER G 18 -51.07 -23.29 -9.16
C SER G 18 -50.32 -23.39 -10.47
N LEU G 19 -49.25 -22.60 -10.59
CA LEU G 19 -48.41 -22.62 -11.78
C LEU G 19 -46.98 -22.33 -11.37
N ARG G 20 -46.04 -22.90 -12.14
CA ARG G 20 -44.61 -22.74 -11.89
C ARG G 20 -43.95 -22.09 -13.11
N LEU G 21 -43.23 -21.01 -12.87
CA LEU G 21 -42.51 -20.29 -13.91
C LEU G 21 -41.01 -20.49 -13.75
N SER G 22 -40.33 -20.72 -14.87
CA SER G 22 -38.90 -20.93 -14.89
C SER G 22 -38.21 -19.82 -15.67
N CYS G 23 -36.99 -19.50 -15.25
CA CYS G 23 -36.17 -18.47 -15.88
C CYS G 23 -34.73 -18.97 -15.80
N ALA G 24 -34.14 -19.24 -16.97
CA ALA G 24 -32.84 -19.88 -17.07
C ALA G 24 -31.80 -18.87 -17.53
N ALA G 25 -30.69 -18.78 -16.79
CA ALA G 25 -29.64 -17.85 -17.12
C ALA G 25 -28.76 -18.41 -18.22
N SER G 26 -28.25 -17.53 -19.07
CA SER G 26 -27.43 -17.91 -20.20
C SER G 26 -26.29 -16.93 -20.35
N GLY G 27 -25.07 -17.40 -20.20
CA GLY G 27 -23.91 -16.58 -20.49
C GLY G 27 -23.51 -15.57 -19.44
N PHE G 28 -23.90 -15.78 -18.18
CA PHE G 28 -23.43 -14.89 -17.12
C PHE G 28 -23.49 -15.62 -15.79
N THR G 29 -22.59 -15.22 -14.88
CA THR G 29 -22.46 -15.84 -13.56
C THR G 29 -23.70 -15.50 -12.73
N PHE G 30 -24.76 -16.26 -12.98
CA PHE G 30 -26.06 -16.07 -12.35
C PHE G 30 -25.98 -15.91 -10.83
N SER G 31 -25.09 -16.65 -10.18
CA SER G 31 -25.05 -16.68 -8.72
C SER G 31 -24.76 -15.32 -8.09
N THR G 32 -24.12 -14.40 -8.81
CA THR G 32 -23.70 -13.12 -8.22
C THR G 32 -24.71 -11.99 -8.43
N TYR G 33 -25.87 -12.26 -9.01
CA TYR G 33 -26.88 -11.24 -9.27
C TYR G 33 -28.17 -11.56 -8.53
N SER G 34 -28.86 -10.51 -8.11
CA SER G 34 -30.20 -10.67 -7.55
C SER G 34 -31.22 -10.71 -8.68
N MET G 35 -32.27 -11.51 -8.51
CA MET G 35 -33.24 -11.77 -9.56
C MET G 35 -34.60 -11.21 -9.19
N ASN G 36 -35.29 -10.65 -10.18
CA ASN G 36 -36.58 -10.00 -9.98
C ASN G 36 -37.61 -10.58 -10.92
N TRP G 37 -38.88 -10.48 -10.50
CA TRP G 37 -40.03 -10.86 -11.31
C TRP G 37 -40.91 -9.63 -11.48
N ILE G 38 -41.27 -9.34 -12.73
CA ILE G 38 -42.08 -8.17 -13.06
C ILE G 38 -43.19 -8.61 -14.00
N ARG G 39 -44.43 -8.31 -13.65
CA ARG G 39 -45.58 -8.66 -14.46
C ARG G 39 -46.15 -7.42 -15.15
N GLN G 40 -46.80 -7.66 -16.28
CA GLN G 40 -47.37 -6.59 -17.10
C GLN G 40 -48.75 -7.04 -17.56
N ALA G 41 -49.80 -6.47 -16.98
CA ALA G 41 -51.16 -6.87 -17.30
C ALA G 41 -51.45 -6.58 -18.77
N PRO G 42 -52.39 -7.32 -19.38
CA PRO G 42 -52.74 -7.05 -20.78
C PRO G 42 -53.14 -5.61 -21.00
N GLY G 43 -52.32 -4.87 -21.73
CA GLY G 43 -52.58 -3.46 -21.96
C GLY G 43 -52.50 -2.62 -20.71
N LYS G 44 -51.42 -2.77 -19.94
CA LYS G 44 -51.21 -2.01 -18.72
C LYS G 44 -49.72 -1.81 -18.54
N GLY G 45 -49.35 -1.23 -17.39
CA GLY G 45 -47.97 -0.90 -17.11
C GLY G 45 -47.22 -2.03 -16.41
N LEU G 46 -45.93 -1.79 -16.21
CA LEU G 46 -45.08 -2.74 -15.52
C LEU G 46 -45.33 -2.65 -14.01
N GLU G 47 -45.25 -3.80 -13.34
CA GLU G 47 -45.43 -3.86 -11.90
C GLU G 47 -44.44 -4.86 -11.32
N TRP G 48 -43.54 -4.38 -10.47
CA TRP G 48 -42.61 -5.27 -9.79
C TRP G 48 -43.38 -6.25 -8.91
N VAL G 49 -42.87 -7.48 -8.80
CA VAL G 49 -43.59 -8.54 -8.10
C VAL G 49 -42.75 -9.15 -6.97
N ALA G 50 -41.57 -9.66 -7.30
CA ALA G 50 -40.77 -10.38 -6.31
C ALA G 50 -39.29 -10.19 -6.59
N SER G 51 -38.49 -10.37 -5.53
CA SER G 51 -37.04 -10.22 -5.58
C SER G 51 -36.39 -11.28 -4.71
N ILE G 52 -35.16 -11.65 -5.07
CA ILE G 52 -34.37 -12.62 -4.32
C ILE G 52 -32.91 -12.24 -4.45
N SER G 53 -32.16 -12.36 -3.35
CA SER G 53 -30.77 -11.93 -3.30
C SER G 53 -29.87 -12.90 -4.05
N SER G 54 -28.65 -12.43 -4.31
CA SER G 54 -27.64 -13.27 -4.95
C SER G 54 -27.16 -14.33 -3.97
N ARG G 55 -26.53 -15.37 -4.50
CA ARG G 55 -25.96 -16.46 -3.71
C ARG G 55 -27.10 -17.11 -2.91
N SER G 56 -27.02 -17.17 -1.58
CA SER G 56 -28.18 -17.58 -0.80
C SER G 56 -29.31 -16.56 -0.94
N GLY G 57 -30.52 -17.05 -1.21
CA GLY G 57 -31.63 -16.14 -1.33
C GLY G 57 -32.18 -15.74 0.03
N SER G 58 -31.32 -15.17 0.88
CA SER G 58 -31.70 -14.91 2.26
C SER G 58 -32.64 -13.71 2.39
N HIS G 59 -32.52 -12.74 1.49
CA HIS G 59 -33.36 -11.53 1.52
C HIS G 59 -34.36 -11.62 0.38
N ILE G 60 -35.64 -11.72 0.72
CA ILE G 60 -36.71 -11.93 -0.25
C ILE G 60 -37.80 -10.89 0.02
N ASN G 61 -38.36 -10.35 -1.07
CA ASN G 61 -39.41 -9.34 -0.98
C ASN G 61 -40.55 -9.68 -1.94
N TYR G 62 -41.76 -9.31 -1.55
CA TYR G 62 -42.95 -9.50 -2.38
C TYR G 62 -43.81 -8.24 -2.34
N VAL G 63 -44.83 -8.23 -3.20
CA VAL G 63 -45.87 -7.21 -3.18
C VAL G 63 -46.97 -7.67 -2.24
N ASP G 64 -47.59 -6.70 -1.54
CA ASP G 64 -48.62 -7.03 -0.56
C ASP G 64 -49.75 -7.86 -1.19
N SER G 65 -50.08 -7.59 -2.45
CA SER G 65 -51.15 -8.29 -3.15
C SER G 65 -50.72 -9.66 -3.66
N VAL G 66 -49.63 -10.21 -3.14
CA VAL G 66 -49.04 -11.43 -3.68
C VAL G 66 -48.42 -12.25 -2.54
N LYS G 67 -48.23 -11.59 -1.39
CA LYS G 67 -47.63 -12.25 -0.24
C LYS G 67 -48.45 -13.45 0.21
N GLY G 68 -47.76 -14.48 0.68
CA GLY G 68 -48.40 -15.69 1.14
C GLY G 68 -49.01 -16.55 0.05
N ARG G 69 -48.88 -16.15 -1.21
CA ARG G 69 -49.40 -16.89 -2.34
C ARG G 69 -48.35 -17.22 -3.37
N PHE G 70 -47.36 -16.36 -3.57
CA PHE G 70 -46.25 -16.59 -4.48
C PHE G 70 -44.99 -16.87 -3.67
N THR G 71 -44.07 -17.62 -4.28
CA THR G 71 -42.80 -17.98 -3.63
C THR G 71 -41.71 -17.93 -4.68
N ILE G 72 -40.77 -17.00 -4.52
CA ILE G 72 -39.61 -16.90 -5.40
C ILE G 72 -38.51 -17.79 -4.85
N SER G 73 -37.73 -18.38 -5.76
CA SER G 73 -36.64 -19.27 -5.39
C SER G 73 -35.64 -19.31 -6.52
N ARG G 74 -34.42 -19.78 -6.22
CA ARG G 74 -33.36 -19.84 -7.20
C ARG G 74 -32.50 -21.08 -6.97
N ASP G 75 -32.00 -21.63 -8.08
CA ASP G 75 -31.11 -22.80 -8.09
C ASP G 75 -29.81 -22.38 -8.76
N ASN G 76 -28.80 -22.03 -7.97
CA ASN G 76 -27.54 -21.54 -8.52
C ASN G 76 -26.76 -22.63 -9.25
N ALA G 77 -27.06 -23.90 -8.99
CA ALA G 77 -26.38 -24.99 -9.69
C ALA G 77 -26.82 -25.07 -11.15
N ARG G 78 -28.12 -25.03 -11.38
CA ARG G 78 -28.70 -25.11 -12.71
C ARG G 78 -28.97 -23.75 -13.35
N ASP G 79 -28.59 -22.66 -12.68
CA ASP G 79 -28.80 -21.29 -13.16
C ASP G 79 -30.27 -21.05 -13.52
N LEU G 80 -31.13 -21.23 -12.52
CA LEU G 80 -32.57 -21.14 -12.71
C LEU G 80 -33.20 -20.25 -11.64
N LEU G 81 -34.27 -19.56 -12.04
CA LEU G 81 -35.09 -18.75 -11.15
C LEU G 81 -36.52 -19.27 -11.24
N TYR G 82 -37.16 -19.45 -10.09
CA TYR G 82 -38.50 -19.99 -10.04
C TYR G 82 -39.47 -19.00 -9.41
N LEU G 83 -40.74 -19.17 -9.74
CA LEU G 83 -41.84 -18.44 -9.13
C LEU G 83 -43.00 -19.40 -8.98
N GLN G 84 -43.30 -19.80 -7.75
CA GLN G 84 -44.41 -20.71 -7.47
C GLN G 84 -45.64 -19.90 -7.10
N MET G 85 -46.62 -19.88 -8.00
CA MET G 85 -47.88 -19.18 -7.78
C MET G 85 -48.92 -20.16 -7.27
N ASN G 86 -49.53 -19.83 -6.14
CA ASN G 86 -50.57 -20.66 -5.55
C ASN G 86 -51.78 -19.79 -5.23
N SER G 87 -52.95 -20.42 -5.18
CA SER G 87 -54.21 -19.72 -4.97
C SER G 87 -54.35 -18.56 -5.96
N LEU G 88 -54.17 -18.88 -7.24
CA LEU G 88 -54.11 -17.86 -8.28
C LEU G 88 -55.44 -17.16 -8.43
N ARG G 89 -55.41 -15.83 -8.32
CA ARG G 89 -56.56 -15.00 -8.61
C ARG G 89 -56.66 -14.73 -10.11
N VAL G 90 -57.81 -14.21 -10.54
CA VAL G 90 -57.95 -13.79 -11.94
C VAL G 90 -57.07 -12.59 -12.22
N ASP G 91 -56.90 -11.70 -11.23
CA ASP G 91 -56.07 -10.51 -11.42
C ASP G 91 -54.63 -10.87 -11.76
N ASP G 92 -54.15 -12.02 -11.30
CA ASP G 92 -52.76 -12.40 -11.49
C ASP G 92 -52.39 -12.62 -12.96
N SER G 93 -53.38 -12.88 -13.82
CA SER G 93 -53.09 -13.16 -15.23
C SER G 93 -52.46 -11.95 -15.90
N ALA G 94 -51.23 -12.13 -16.39
CA ALA G 94 -50.47 -11.05 -17.00
C ALA G 94 -49.26 -11.66 -17.69
N LEU G 95 -48.46 -10.79 -18.30
CA LEU G 95 -47.19 -11.18 -18.91
C LEU G 95 -46.09 -11.05 -17.85
N TYR G 96 -45.37 -12.13 -17.59
CA TYR G 96 -44.41 -12.19 -16.50
C TYR G 96 -42.98 -12.15 -17.05
N TYR G 97 -42.19 -11.23 -16.54
CA TYR G 97 -40.79 -11.06 -16.91
C TYR G 97 -39.88 -11.39 -15.72
N CYS G 98 -38.70 -11.92 -16.02
CA CYS G 98 -37.63 -12.05 -15.04
C CYS G 98 -36.48 -11.13 -15.44
N ALA G 99 -35.93 -10.42 -14.48
CA ALA G 99 -34.93 -9.40 -14.74
C ALA G 99 -33.83 -9.47 -13.69
N ARG G 100 -32.60 -9.22 -14.14
CA ARG G 100 -31.42 -9.28 -13.31
C ARG G 100 -31.04 -7.89 -12.80
N ASP G 101 -30.56 -7.82 -11.56
CA ASP G 101 -30.02 -6.58 -11.01
C ASP G 101 -29.06 -6.96 -9.89
N ARG G 102 -28.43 -5.93 -9.29
CA ARG G 102 -27.50 -6.14 -8.18
C ARG G 102 -27.75 -5.07 -7.13
N ARG G 103 -28.08 -5.50 -5.92
CA ARG G 103 -28.31 -4.60 -4.78
C ARG G 103 -27.00 -4.44 -4.01
N SER G 104 -26.18 -3.49 -4.47
CA SER G 104 -24.90 -3.21 -3.86
C SER G 104 -24.80 -1.72 -3.53
N GLY G 105 -24.06 -1.41 -2.46
CA GLY G 105 -23.80 -0.03 -2.13
C GLY G 105 -22.62 0.55 -2.89
N THR G 106 -21.62 -0.29 -3.17
CA THR G 106 -20.44 0.17 -3.90
C THR G 106 -20.67 0.17 -5.40
N SER G 107 -21.13 -0.97 -5.95
CA SER G 107 -21.33 -1.13 -7.39
C SER G 107 -22.72 -1.71 -7.66
N PRO G 108 -23.75 -0.89 -7.61
CA PRO G 108 -25.11 -1.37 -7.90
C PRO G 108 -25.34 -1.51 -9.41
N LEU G 109 -26.39 -2.27 -9.73
CA LEU G 109 -26.81 -2.47 -11.11
C LEU G 109 -28.33 -2.34 -11.22
N PRO G 110 -28.83 -1.80 -12.34
CA PRO G 110 -30.28 -1.74 -12.55
C PRO G 110 -30.82 -3.02 -13.15
N LEU G 111 -32.09 -3.01 -13.57
CA LEU G 111 -32.70 -4.16 -14.24
C LEU G 111 -32.25 -4.14 -15.70
N ASP G 112 -31.01 -4.59 -15.91
CA ASP G 112 -30.38 -4.49 -17.22
C ASP G 112 -30.83 -5.61 -18.17
N VAL G 113 -30.81 -6.85 -17.68
CA VAL G 113 -31.10 -8.02 -18.50
C VAL G 113 -32.50 -8.53 -18.16
N TRP G 114 -33.37 -8.59 -19.15
CA TRP G 114 -34.74 -9.04 -19.00
C TRP G 114 -34.97 -10.31 -19.82
N GLY G 115 -35.95 -11.10 -19.40
CA GLY G 115 -36.36 -12.25 -20.18
C GLY G 115 -37.30 -11.87 -21.31
N GLN G 116 -37.60 -12.86 -22.14
CA GLN G 116 -38.53 -12.63 -23.25
C GLN G 116 -39.97 -12.49 -22.76
N GLY G 117 -40.28 -13.00 -21.57
CA GLY G 117 -41.62 -12.92 -21.05
C GLY G 117 -42.44 -14.16 -21.31
N THR G 118 -43.27 -14.54 -20.35
CA THR G 118 -44.15 -15.70 -20.50
C THR G 118 -45.52 -15.33 -19.97
N THR G 119 -46.56 -15.71 -20.71
CA THR G 119 -47.92 -15.27 -20.42
C THR G 119 -48.63 -16.26 -19.51
N VAL G 120 -49.34 -15.71 -18.52
CA VAL G 120 -50.16 -16.47 -17.59
C VAL G 120 -51.60 -15.97 -17.71
N THR G 121 -52.53 -16.90 -17.94
CA THR G 121 -53.94 -16.56 -18.09
C THR G 121 -54.75 -17.40 -17.11
N VAL G 122 -55.48 -16.73 -16.22
CA VAL G 122 -56.29 -17.38 -15.19
C VAL G 122 -57.75 -17.26 -15.58
N PHE G 123 -58.40 -18.40 -15.80
CA PHE G 123 -59.78 -18.49 -16.24
C PHE G 123 -60.65 -19.14 -15.17
N SER G 124 -61.96 -19.05 -15.36
CA SER G 124 -62.94 -19.69 -14.50
C SER G 124 -63.65 -20.84 -15.18
N ALA G 125 -63.84 -20.77 -16.50
CA ALA G 125 -64.43 -21.84 -17.28
C ALA G 125 -63.41 -22.26 -18.34
N SER G 126 -63.31 -23.58 -18.57
CA SER G 126 -62.34 -24.06 -19.55
C SER G 126 -62.77 -23.71 -20.97
N THR G 127 -64.06 -23.81 -21.26
CA THR G 127 -64.60 -23.45 -22.57
C THR G 127 -66.03 -22.97 -22.37
N LYS G 128 -66.32 -21.76 -22.84
CA LYS G 128 -67.66 -21.20 -22.74
C LYS G 128 -68.02 -20.47 -24.02
N GLY G 129 -69.24 -20.70 -24.51
CA GLY G 129 -69.73 -20.00 -25.66
C GLY G 129 -70.14 -18.59 -25.33
N PRO G 130 -70.05 -17.69 -26.31
CA PRO G 130 -70.34 -16.28 -26.05
C PRO G 130 -71.82 -15.96 -26.20
N SER G 131 -72.20 -14.86 -25.56
CA SER G 131 -73.55 -14.30 -25.67
C SER G 131 -73.47 -12.98 -26.42
N VAL G 132 -74.14 -12.90 -27.57
CA VAL G 132 -74.10 -11.73 -28.43
C VAL G 132 -75.32 -10.87 -28.15
N PHE G 133 -75.10 -9.59 -27.90
CA PHE G 133 -76.16 -8.61 -27.70
C PHE G 133 -75.98 -7.46 -28.67
N PRO G 134 -77.07 -6.90 -29.19
CA PRO G 134 -76.96 -5.85 -30.21
C PRO G 134 -76.75 -4.48 -29.57
N LEU G 135 -75.76 -3.74 -30.08
CA LEU G 135 -75.54 -2.35 -29.70
C LEU G 135 -76.35 -1.51 -30.68
N ALA G 136 -77.60 -1.25 -30.31
CA ALA G 136 -78.52 -0.60 -31.23
C ALA G 136 -78.16 0.86 -31.43
N PRO G 137 -78.32 1.40 -32.65
CA PRO G 137 -78.04 2.81 -32.88
C PRO G 137 -79.23 3.68 -32.50
N SER G 138 -78.91 4.89 -32.06
CA SER G 138 -79.94 5.84 -31.64
C SER G 138 -79.63 7.25 -32.12
N THR G 146 -74.67 10.24 -40.00
CA THR G 146 -73.83 9.08 -39.73
C THR G 146 -74.12 8.48 -38.36
N ALA G 147 -74.38 7.17 -38.34
CA ALA G 147 -74.73 6.45 -37.12
C ALA G 147 -73.78 5.27 -36.90
N ALA G 148 -73.50 4.98 -35.63
CA ALA G 148 -72.65 3.88 -35.24
C ALA G 148 -73.49 2.79 -34.58
N LEU G 149 -73.19 1.53 -34.92
CA LEU G 149 -73.90 0.38 -34.35
C LEU G 149 -72.95 -0.81 -34.32
N GLY G 150 -73.23 -1.75 -33.43
CA GLY G 150 -72.34 -2.90 -33.33
C GLY G 150 -72.94 -4.04 -32.54
N CYS G 151 -72.06 -4.98 -32.18
CA CYS G 151 -72.39 -6.19 -31.44
C CYS G 151 -71.50 -6.30 -30.22
N LEU G 152 -72.07 -6.83 -29.14
CA LEU G 152 -71.33 -7.07 -27.90
C LEU G 152 -71.19 -8.58 -27.71
N VAL G 153 -69.97 -9.07 -27.85
CA VAL G 153 -69.65 -10.48 -27.61
C VAL G 153 -69.15 -10.61 -26.18
N LYS G 154 -69.87 -11.36 -25.35
CA LYS G 154 -69.63 -11.36 -23.91
C LYS G 154 -69.42 -12.75 -23.36
N ASP G 155 -68.55 -12.83 -22.35
CA ASP G 155 -68.34 -14.02 -21.52
C ASP G 155 -68.08 -15.28 -22.36
N TYR G 156 -66.90 -15.28 -22.97
CA TYR G 156 -66.46 -16.43 -23.74
C TYR G 156 -65.04 -16.79 -23.35
N PHE G 157 -64.65 -18.01 -23.68
CA PHE G 157 -63.29 -18.48 -23.42
C PHE G 157 -63.05 -19.75 -24.25
N PRO G 158 -61.87 -19.86 -24.89
CA PRO G 158 -60.74 -18.92 -24.86
C PRO G 158 -60.80 -17.76 -25.84
N GLU G 159 -59.65 -17.11 -26.01
CA GLU G 159 -59.59 -15.79 -26.64
C GLU G 159 -60.07 -15.71 -28.09
N PRO G 160 -59.79 -16.66 -28.99
CA PRO G 160 -60.04 -16.39 -30.42
C PRO G 160 -61.53 -16.28 -30.73
N VAL G 161 -61.90 -15.14 -31.33
CA VAL G 161 -63.25 -14.90 -31.83
C VAL G 161 -63.14 -13.98 -33.04
N THR G 162 -63.85 -14.34 -34.12
CA THR G 162 -63.86 -13.53 -35.34
C THR G 162 -65.28 -13.08 -35.62
N VAL G 163 -65.44 -11.77 -35.87
CA VAL G 163 -66.73 -11.17 -36.16
C VAL G 163 -66.70 -10.58 -37.56
N SER G 164 -67.72 -10.88 -38.35
CA SER G 164 -67.91 -10.27 -39.65
C SER G 164 -69.31 -9.65 -39.69
N TRP G 165 -69.60 -8.92 -40.78
CA TRP G 165 -70.87 -8.22 -40.92
C TRP G 165 -71.50 -8.54 -42.26
N ASN G 166 -72.80 -8.86 -42.24
CA ASN G 166 -73.55 -9.24 -43.44
C ASN G 166 -72.83 -10.33 -44.21
N SER G 167 -72.24 -11.27 -43.47
CA SER G 167 -71.52 -12.42 -44.03
C SER G 167 -70.40 -11.98 -44.98
N GLY G 168 -69.65 -10.95 -44.57
CA GLY G 168 -68.53 -10.47 -45.33
C GLY G 168 -68.85 -9.44 -46.39
N ALA G 169 -70.13 -9.19 -46.66
CA ALA G 169 -70.49 -8.18 -47.67
C ALA G 169 -70.17 -6.77 -47.19
N LEU G 170 -70.16 -6.56 -45.88
CA LEU G 170 -69.92 -5.24 -45.29
C LEU G 170 -68.53 -5.23 -44.67
N THR G 171 -67.64 -4.43 -45.25
CA THR G 171 -66.28 -4.24 -44.71
C THR G 171 -65.92 -2.78 -44.49
N SER G 172 -66.65 -1.84 -45.08
CA SER G 172 -66.34 -0.42 -44.93
C SER G 172 -66.89 0.09 -43.60
N GLY G 173 -65.99 0.56 -42.74
CA GLY G 173 -66.37 1.09 -41.44
C GLY G 173 -66.35 0.07 -40.32
N VAL G 174 -66.09 -1.19 -40.61
CA VAL G 174 -66.11 -2.24 -39.60
C VAL G 174 -64.81 -2.21 -38.82
N HIS G 175 -64.91 -2.33 -37.49
CA HIS G 175 -63.74 -2.45 -36.63
C HIS G 175 -64.07 -3.39 -35.48
N THR G 176 -63.29 -4.45 -35.33
CA THR G 176 -63.44 -5.41 -34.26
C THR G 176 -62.35 -5.17 -33.22
N PHE G 177 -62.75 -4.93 -31.97
CA PHE G 177 -61.84 -4.55 -30.92
C PHE G 177 -61.22 -5.78 -30.26
N PRO G 178 -60.07 -5.61 -29.62
CA PRO G 178 -59.47 -6.72 -28.87
C PRO G 178 -60.30 -7.07 -27.65
N ALA G 179 -60.07 -8.29 -27.15
CA ALA G 179 -60.84 -8.79 -26.02
C ALA G 179 -60.31 -8.24 -24.72
N VAL G 180 -61.22 -8.06 -23.77
CA VAL G 180 -60.89 -7.69 -22.39
C VAL G 180 -61.21 -8.87 -21.50
N LEU G 181 -60.25 -9.26 -20.66
CA LEU G 181 -60.47 -10.33 -19.69
C LEU G 181 -61.13 -9.70 -18.47
N GLN G 182 -62.43 -9.91 -18.32
CA GLN G 182 -63.17 -9.29 -17.23
C GLN G 182 -62.79 -9.95 -15.90
N SER G 183 -63.26 -9.33 -14.81
CA SER G 183 -62.97 -9.85 -13.48
C SER G 183 -63.43 -11.30 -13.33
N SER G 184 -64.50 -11.68 -14.00
CA SER G 184 -65.03 -13.05 -13.92
C SER G 184 -64.12 -14.09 -14.57
N GLY G 185 -63.08 -13.66 -15.29
CA GLY G 185 -62.22 -14.59 -15.99
C GLY G 185 -62.67 -14.98 -17.38
N LEU G 186 -63.52 -14.17 -18.01
CA LEU G 186 -64.05 -14.45 -19.33
C LEU G 186 -63.82 -13.24 -20.24
N TYR G 187 -63.47 -13.50 -21.49
CA TYR G 187 -63.20 -12.41 -22.41
C TYR G 187 -64.50 -11.78 -22.92
N SER G 188 -64.37 -10.58 -23.48
CA SER G 188 -65.47 -9.86 -24.07
C SER G 188 -64.91 -8.88 -25.09
N LEU G 189 -65.59 -8.75 -26.22
CA LEU G 189 -65.16 -7.80 -27.23
C LEU G 189 -66.39 -7.25 -27.94
N SER G 190 -66.17 -6.19 -28.71
CA SER G 190 -67.22 -5.55 -29.47
C SER G 190 -66.73 -5.34 -30.89
N SER G 191 -67.67 -5.18 -31.81
CA SER G 191 -67.36 -4.88 -33.20
C SER G 191 -68.41 -3.89 -33.69
N VAL G 192 -67.96 -2.74 -34.20
CA VAL G 192 -68.87 -1.70 -34.63
C VAL G 192 -68.62 -1.39 -36.10
N VAL G 193 -69.63 -0.79 -36.72
CA VAL G 193 -69.56 -0.33 -38.09
C VAL G 193 -70.26 1.02 -38.19
N THR G 194 -69.63 1.96 -38.88
CA THR G 194 -70.20 3.29 -39.08
C THR G 194 -70.89 3.34 -40.44
N VAL G 195 -72.16 3.77 -40.43
CA VAL G 195 -73.00 3.78 -41.61
C VAL G 195 -73.85 5.04 -41.61
N PRO G 196 -74.37 5.44 -42.77
CA PRO G 196 -75.20 6.65 -42.82
C PRO G 196 -76.54 6.47 -42.11
N SER G 197 -77.00 7.56 -41.49
CA SER G 197 -78.25 7.50 -40.73
C SER G 197 -79.45 7.18 -41.60
N SER G 198 -79.41 7.55 -42.88
CA SER G 198 -80.52 7.25 -43.78
C SER G 198 -80.61 5.76 -44.10
N SER G 199 -79.46 5.08 -44.15
CA SER G 199 -79.42 3.67 -44.49
C SER G 199 -79.99 2.77 -43.40
N LEU G 200 -80.21 3.30 -42.19
CA LEU G 200 -80.68 2.48 -41.09
C LEU G 200 -82.01 1.81 -41.41
N GLY G 201 -82.95 2.57 -41.96
CA GLY G 201 -84.26 2.00 -42.27
C GLY G 201 -84.21 1.02 -43.44
N THR G 202 -83.48 1.35 -44.49
CA THR G 202 -83.42 0.51 -45.68
C THR G 202 -82.59 -0.74 -45.42
N GLN G 203 -81.28 -0.56 -45.26
CA GLN G 203 -80.37 -1.71 -45.14
C GLN G 203 -80.47 -2.36 -43.77
N THR G 204 -80.37 -3.69 -43.75
CA THR G 204 -80.35 -4.47 -42.53
C THR G 204 -78.91 -4.85 -42.20
N TYR G 205 -78.59 -4.86 -40.91
CA TYR G 205 -77.24 -5.15 -40.44
C TYR G 205 -77.27 -6.32 -39.46
N ILE G 206 -76.52 -7.37 -39.78
CA ILE G 206 -76.35 -8.53 -38.90
C ILE G 206 -74.86 -8.83 -38.80
N CYS G 207 -74.39 -9.10 -37.59
CA CYS G 207 -73.01 -9.45 -37.34
C CYS G 207 -72.87 -10.96 -37.16
N ASN G 208 -71.80 -11.52 -37.71
CA ASN G 208 -71.55 -12.96 -37.67
C ASN G 208 -70.41 -13.23 -36.69
N VAL G 209 -70.77 -13.61 -35.47
CA VAL G 209 -69.81 -13.92 -34.42
C VAL G 209 -69.50 -15.41 -34.47
N ASN G 210 -68.22 -15.76 -34.53
CA ASN G 210 -67.80 -17.15 -34.63
C ASN G 210 -66.78 -17.45 -33.55
N HIS G 211 -67.05 -18.48 -32.74
CA HIS G 211 -66.20 -18.91 -31.65
C HIS G 211 -65.88 -20.40 -31.88
N LYS G 212 -64.82 -20.65 -32.65
CA LYS G 212 -64.50 -22.02 -33.05
C LYS G 212 -64.22 -22.99 -31.90
N PRO G 213 -63.52 -22.62 -30.82
CA PRO G 213 -63.26 -23.61 -29.77
C PRO G 213 -64.52 -24.13 -29.09
N SER G 214 -65.60 -23.35 -29.08
CA SER G 214 -66.89 -23.82 -28.59
C SER G 214 -67.78 -24.35 -29.70
N ASN G 215 -67.32 -24.32 -30.95
CA ASN G 215 -68.11 -24.67 -32.13
C ASN G 215 -69.42 -23.88 -32.13
N THR G 216 -69.30 -22.59 -31.85
CA THR G 216 -70.44 -21.67 -31.77
C THR G 216 -70.38 -20.67 -32.90
N LYS G 217 -71.53 -20.42 -33.54
CA LYS G 217 -71.63 -19.44 -34.61
C LYS G 217 -73.00 -18.77 -34.49
N VAL G 218 -73.00 -17.50 -34.09
CA VAL G 218 -74.23 -16.76 -33.84
C VAL G 218 -74.31 -15.59 -34.83
N ASP G 219 -75.53 -15.32 -35.30
CA ASP G 219 -75.80 -14.17 -36.15
C ASP G 219 -76.82 -13.29 -35.43
N LYS G 220 -76.47 -12.04 -35.19
CA LYS G 220 -77.32 -11.12 -34.44
C LYS G 220 -77.68 -9.94 -35.33
N ARG G 221 -78.98 -9.71 -35.51
CA ARG G 221 -79.48 -8.59 -36.29
C ARG G 221 -79.64 -7.38 -35.39
N VAL G 222 -79.07 -6.26 -35.82
CA VAL G 222 -79.11 -5.01 -35.05
C VAL G 222 -80.16 -4.10 -35.67
N GLU G 223 -81.16 -3.73 -34.88
CA GLU G 223 -82.25 -2.87 -35.30
C GLU G 223 -82.34 -1.65 -34.38
N PRO G 224 -82.83 -0.50 -34.89
CA PRO G 224 -82.81 0.74 -34.10
C PRO G 224 -83.70 0.72 -32.87
N LYS G 225 -83.64 1.80 -32.09
CA LYS G 225 -84.32 1.88 -30.80
C LYS G 225 -85.84 1.71 -30.96
N SER G 226 -86.48 1.31 -29.87
CA SER G 226 -87.92 1.12 -29.85
C SER G 226 -88.58 2.21 -29.00
N SER H 3 -48.67 1.71 -4.70
CA SER H 3 -48.95 2.86 -5.55
C SER H 3 -47.90 3.01 -6.64
N ALA H 4 -48.34 3.42 -7.82
CA ALA H 4 -47.47 3.58 -8.98
C ALA H 4 -46.83 4.97 -8.99
N LEU H 5 -45.98 5.20 -9.99
CA LEU H 5 -45.38 6.51 -10.21
C LEU H 5 -46.16 7.23 -11.31
N THR H 6 -46.43 8.51 -11.09
CA THR H 6 -47.29 9.29 -11.98
C THR H 6 -46.54 9.64 -13.25
N GLN H 7 -46.97 9.07 -14.37
CA GLN H 7 -46.44 9.33 -15.70
C GLN H 7 -47.54 9.89 -16.59
N PRO H 8 -47.20 10.69 -17.60
CA PRO H 8 -48.22 11.14 -18.56
C PRO H 8 -48.71 9.98 -19.40
N ALA H 9 -50.00 10.04 -19.75
CA ALA H 9 -50.57 8.99 -20.58
C ALA H 9 -49.86 8.92 -21.93
N SER H 10 -49.58 10.07 -22.54
CA SER H 10 -48.89 10.13 -23.82
C SER H 10 -48.17 11.47 -23.96
N VAL H 11 -47.11 11.46 -24.74
CA VAL H 11 -46.46 12.67 -25.21
C VAL H 11 -46.25 12.53 -26.71
N SER H 12 -46.37 13.64 -27.42
CA SER H 12 -46.26 13.64 -28.87
C SER H 12 -45.27 14.71 -29.33
N GLY H 13 -44.73 14.51 -30.51
CA GLY H 13 -43.79 15.45 -31.08
C GLY H 13 -43.51 15.21 -32.56
N SER H 14 -43.29 16.30 -33.30
CA SER H 14 -42.93 16.18 -34.70
C SER H 14 -41.49 15.69 -34.82
N PRO H 15 -41.14 15.03 -35.92
CA PRO H 15 -39.75 14.56 -36.09
C PRO H 15 -38.77 15.72 -36.04
N GLY H 16 -37.69 15.52 -35.29
CA GLY H 16 -36.69 16.56 -35.08
C GLY H 16 -36.91 17.42 -33.87
N GLN H 17 -38.13 17.45 -33.32
CA GLN H 17 -38.42 18.24 -32.15
C GLN H 17 -37.84 17.59 -30.89
N SER H 18 -37.93 18.31 -29.79
CA SER H 18 -37.55 17.80 -28.49
C SER H 18 -38.79 17.63 -27.62
N ILE H 19 -38.84 16.53 -26.88
CA ILE H 19 -39.95 16.23 -26.00
C ILE H 19 -39.40 15.72 -24.68
N THR H 20 -40.20 15.86 -23.63
CA THR H 20 -39.80 15.43 -22.30
C THR H 20 -40.93 14.65 -21.65
N ILE H 21 -40.58 13.57 -20.95
CA ILE H 21 -41.55 12.70 -20.28
C ILE H 21 -41.35 12.84 -18.77
N SER H 22 -42.40 13.20 -18.07
CA SER H 22 -42.37 13.38 -16.63
C SER H 22 -42.52 12.05 -15.90
N CYS H 23 -42.07 12.04 -14.64
CA CYS H 23 -42.17 10.86 -13.79
C CYS H 23 -42.15 11.36 -12.34
N THR H 24 -43.31 11.45 -11.72
CA THR H 24 -43.45 12.07 -10.41
C THR H 24 -43.73 11.03 -9.33
N GLY H 25 -43.02 11.16 -8.22
CA GLY H 25 -43.22 10.31 -7.06
C GLY H 25 -43.17 11.11 -5.78
N THR H 26 -42.77 10.47 -4.68
CA THR H 26 -42.67 11.14 -3.40
C THR H 26 -41.22 11.15 -2.94
N GLY H 27 -40.96 11.88 -1.86
CA GLY H 27 -39.65 11.82 -1.25
C GLY H 27 -39.26 10.44 -0.77
N SER H 28 -40.25 9.58 -0.50
CA SER H 28 -39.97 8.22 -0.06
C SER H 28 -39.31 7.38 -1.15
N ASP H 29 -39.54 7.72 -2.42
CA ASP H 29 -38.91 6.95 -3.49
C ASP H 29 -37.98 7.81 -4.35
N ILE H 30 -38.52 8.60 -5.29
CA ILE H 30 -37.68 9.37 -6.18
C ILE H 30 -36.91 10.45 -5.41
N GLY H 31 -37.57 11.11 -4.47
CA GLY H 31 -36.91 12.14 -3.70
C GLY H 31 -35.80 11.62 -2.80
N GLY H 32 -35.90 10.36 -2.39
CA GLY H 32 -34.95 9.77 -1.46
C GLY H 32 -33.77 9.06 -2.08
N TYR H 33 -33.80 8.79 -3.38
CA TYR H 33 -32.72 8.08 -4.04
C TYR H 33 -32.45 8.68 -5.40
N ASN H 34 -31.20 8.56 -5.84
CA ASN H 34 -30.81 8.90 -7.21
C ASN H 34 -30.68 7.62 -8.05
N PHE H 35 -31.69 6.77 -7.96
CA PHE H 35 -31.68 5.49 -8.65
C PHE H 35 -32.90 5.36 -9.57
N VAL H 36 -33.16 6.39 -10.36
CA VAL H 36 -34.26 6.38 -11.32
C VAL H 36 -33.77 5.74 -12.61
N SER H 37 -34.56 4.83 -13.17
CA SER H 37 -34.22 4.19 -14.43
C SER H 37 -35.35 4.39 -15.43
N TRP H 38 -35.00 4.33 -16.72
CA TRP H 38 -35.95 4.51 -17.81
C TRP H 38 -35.84 3.35 -18.78
N TYR H 39 -36.99 2.84 -19.22
CA TYR H 39 -37.04 1.70 -20.12
C TYR H 39 -37.87 2.04 -21.35
N GLN H 40 -37.46 1.51 -22.50
CA GLN H 40 -38.14 1.69 -23.77
C GLN H 40 -38.69 0.35 -24.22
N GLN H 41 -40.00 0.27 -24.39
CA GLN H 41 -40.67 -0.99 -24.74
C GLN H 41 -41.39 -0.83 -26.07
N TYR H 42 -40.90 -1.52 -27.10
CA TYR H 42 -41.62 -1.65 -28.35
C TYR H 42 -42.74 -2.66 -28.20
N PRO H 43 -43.78 -2.58 -29.04
CA PRO H 43 -44.88 -3.54 -28.94
C PRO H 43 -44.39 -4.97 -29.17
N GLY H 44 -44.82 -5.88 -28.28
CA GLY H 44 -44.42 -7.26 -28.38
C GLY H 44 -42.96 -7.53 -28.07
N LYS H 45 -42.31 -6.66 -27.31
CA LYS H 45 -40.91 -6.83 -26.98
C LYS H 45 -40.69 -6.56 -25.50
N ALA H 46 -39.56 -7.03 -24.99
CA ALA H 46 -39.19 -6.81 -23.60
C ALA H 46 -38.66 -5.39 -23.42
N PRO H 47 -38.80 -4.83 -22.21
CA PRO H 47 -38.30 -3.47 -21.98
C PRO H 47 -36.78 -3.40 -22.09
N LYS H 48 -36.31 -2.34 -22.74
CA LYS H 48 -34.89 -2.08 -22.92
C LYS H 48 -34.46 -0.94 -22.01
N LEU H 49 -33.43 -1.18 -21.19
CA LEU H 49 -32.91 -0.13 -20.33
C LEU H 49 -32.21 0.95 -21.15
N ILE H 50 -32.62 2.20 -20.96
CA ILE H 50 -32.06 3.34 -21.66
C ILE H 50 -31.20 4.20 -20.74
N ILE H 51 -31.74 4.55 -19.57
CA ILE H 51 -31.02 5.38 -18.60
C ILE H 51 -31.18 4.77 -17.22
N TYR H 52 -30.09 4.78 -16.44
CA TYR H 52 -30.13 4.32 -15.06
C TYR H 52 -29.36 5.31 -14.18
N GLU H 53 -29.68 5.28 -12.88
CA GLU H 53 -29.14 6.23 -11.91
C GLU H 53 -29.35 7.67 -12.36
N VAL H 54 -30.57 7.95 -12.80
CA VAL H 54 -31.08 9.28 -13.16
C VAL H 54 -30.50 9.80 -14.46
N ARG H 55 -29.18 9.81 -14.60
CA ARG H 55 -28.54 10.46 -15.74
C ARG H 55 -27.74 9.56 -16.66
N ILE H 56 -27.29 8.39 -16.20
CA ILE H 56 -26.34 7.59 -16.95
C ILE H 56 -27.05 6.82 -18.06
N ARG H 57 -26.52 6.92 -19.28
CA ARG H 57 -27.06 6.16 -20.40
C ARG H 57 -26.48 4.75 -20.43
N ALA H 58 -27.28 3.82 -20.94
CA ALA H 58 -26.81 2.46 -21.13
C ALA H 58 -25.97 2.36 -22.39
N SER H 59 -25.25 1.24 -22.52
CA SER H 59 -24.39 1.04 -23.67
C SER H 59 -25.20 1.02 -24.96
N GLY H 60 -24.77 1.79 -25.95
CA GLY H 60 -25.44 1.85 -27.23
C GLY H 60 -26.59 2.82 -27.30
N VAL H 61 -27.03 3.37 -26.17
CA VAL H 61 -28.15 4.31 -26.19
C VAL H 61 -27.67 5.62 -26.79
N SER H 62 -28.45 6.15 -27.74
CA SER H 62 -28.09 7.39 -28.41
C SER H 62 -27.91 8.53 -27.43
N ASN H 63 -27.02 9.46 -27.77
CA ASN H 63 -26.81 10.66 -26.96
C ASN H 63 -28.01 11.61 -26.99
N ARG H 64 -28.99 11.36 -27.86
CA ARG H 64 -30.21 12.15 -27.87
C ARG H 64 -31.03 11.96 -26.59
N PHE H 65 -30.92 10.80 -25.95
CA PHE H 65 -31.65 10.53 -24.73
C PHE H 65 -30.89 11.10 -23.53
N SER H 66 -31.62 11.82 -22.67
CA SER H 66 -31.03 12.45 -21.50
C SER H 66 -31.98 12.33 -20.32
N GLY H 67 -31.42 12.09 -19.13
CA GLY H 67 -32.20 11.93 -17.92
C GLY H 67 -31.88 13.02 -16.92
N SER H 68 -32.91 13.48 -16.21
CA SER H 68 -32.76 14.53 -15.22
C SER H 68 -33.66 14.25 -14.03
N LYS H 69 -33.48 15.01 -12.96
CA LYS H 69 -34.30 14.89 -11.77
C LYS H 69 -34.31 16.21 -11.03
N SER H 70 -35.48 16.61 -10.56
CA SER H 70 -35.64 17.82 -9.75
C SER H 70 -36.65 17.51 -8.66
N GLY H 71 -36.19 17.39 -7.42
CA GLY H 71 -37.08 17.09 -6.32
C GLY H 71 -37.70 15.71 -6.40
N ASN H 72 -39.03 15.66 -6.53
CA ASN H 72 -39.76 14.40 -6.60
C ASN H 72 -40.14 14.02 -8.02
N THR H 73 -39.52 14.66 -9.03
CA THR H 73 -39.87 14.41 -10.42
C THR H 73 -38.63 14.13 -11.24
N ALA H 74 -38.66 13.02 -11.98
CA ALA H 74 -37.60 12.66 -12.92
C ALA H 74 -38.10 12.90 -14.33
N SER H 75 -37.19 13.27 -15.23
CA SER H 75 -37.56 13.66 -16.58
C SER H 75 -36.64 12.98 -17.59
N LEU H 76 -37.25 12.35 -18.58
CA LEU H 76 -36.54 11.79 -19.72
C LEU H 76 -36.80 12.68 -20.93
N THR H 77 -35.74 13.29 -21.46
CA THR H 77 -35.84 14.20 -22.59
C THR H 77 -35.23 13.55 -23.82
N ILE H 78 -35.92 13.68 -24.95
CA ILE H 78 -35.47 13.12 -26.22
C ILE H 78 -35.42 14.25 -27.24
N SER H 79 -34.21 14.57 -27.72
CA SER H 79 -34.00 15.58 -28.75
C SER H 79 -33.81 14.92 -30.10
N GLY H 80 -34.10 15.68 -31.15
CA GLY H 80 -34.00 15.16 -32.51
C GLY H 80 -34.87 13.94 -32.71
N LEU H 81 -36.17 14.09 -32.44
CA LEU H 81 -37.11 12.98 -32.48
C LEU H 81 -37.05 12.26 -33.82
N GLN H 82 -36.95 10.93 -33.76
CA GLN H 82 -36.91 10.08 -34.93
C GLN H 82 -38.02 9.05 -34.85
N ALA H 83 -38.40 8.51 -36.00
CA ALA H 83 -39.50 7.54 -36.06
C ALA H 83 -39.24 6.34 -35.16
N GLU H 84 -37.98 5.90 -35.09
CA GLU H 84 -37.64 4.74 -34.26
C GLU H 84 -37.94 4.95 -32.78
N ASP H 85 -38.09 6.20 -32.34
CA ASP H 85 -38.33 6.49 -30.93
C ASP H 85 -39.77 6.27 -30.48
N GLU H 86 -40.71 6.05 -31.41
CA GLU H 86 -42.10 5.85 -31.04
C GLU H 86 -42.25 4.52 -30.30
N ALA H 87 -42.46 4.58 -28.99
CA ALA H 87 -42.57 3.38 -28.16
C ALA H 87 -43.23 3.76 -26.84
N ASP H 88 -43.33 2.79 -25.95
CA ASP H 88 -43.80 3.02 -24.59
C ASP H 88 -42.60 3.17 -23.66
N TYR H 89 -42.66 4.15 -22.78
CA TYR H 89 -41.55 4.49 -21.89
C TYR H 89 -42.02 4.41 -20.44
N TYR H 90 -41.28 3.65 -19.63
CA TYR H 90 -41.59 3.46 -18.22
C TYR H 90 -40.41 3.92 -17.38
N CYS H 91 -40.72 4.52 -16.24
CA CYS H 91 -39.71 4.92 -15.25
C CYS H 91 -39.87 4.10 -13.99
N ASN H 92 -38.75 3.88 -13.30
CA ASN H 92 -38.78 3.18 -12.02
C ASN H 92 -37.67 3.74 -11.13
N SER H 93 -37.83 3.52 -9.83
CA SER H 93 -36.90 4.09 -8.86
C SER H 93 -36.85 3.20 -7.63
N TYR H 94 -35.73 3.32 -6.89
CA TYR H 94 -35.65 2.74 -5.57
C TYR H 94 -36.76 3.27 -4.70
N SER H 95 -37.18 2.48 -3.72
CA SER H 95 -38.23 2.90 -2.80
C SER H 95 -37.90 2.41 -1.40
N ILE H 96 -38.40 3.15 -0.41
CA ILE H 96 -38.22 2.74 0.98
C ILE H 96 -38.99 1.45 1.26
N HIS H 97 -40.09 1.23 0.54
CA HIS H 97 -40.99 0.12 0.82
C HIS H 97 -40.74 -1.12 -0.04
N SER H 98 -40.24 -0.96 -1.25
CA SER H 98 -40.01 -2.08 -2.15
C SER H 98 -38.74 -1.82 -2.94
N PRO H 99 -38.11 -2.88 -3.48
CA PRO H 99 -36.88 -2.67 -4.27
C PRO H 99 -37.09 -1.77 -5.48
N TRP H 100 -38.20 -1.93 -6.18
CA TRP H 100 -38.50 -1.09 -7.34
C TRP H 100 -39.95 -0.65 -7.28
N VAL H 101 -40.23 0.50 -7.90
CA VAL H 101 -41.58 0.98 -8.11
C VAL H 101 -41.64 1.57 -9.51
N PHE H 102 -42.58 1.09 -10.31
CA PHE H 102 -42.66 1.49 -11.71
C PHE H 102 -43.72 2.58 -11.92
N GLY H 103 -43.57 3.31 -13.03
CA GLY H 103 -44.58 4.25 -13.44
C GLY H 103 -45.62 3.62 -14.34
N GLY H 104 -46.73 4.33 -14.54
CA GLY H 104 -47.80 3.81 -15.38
C GLY H 104 -47.36 3.59 -16.81
N GLY H 105 -46.47 4.43 -17.32
CA GLY H 105 -46.01 4.30 -18.69
C GLY H 105 -46.53 5.44 -19.55
N THR H 106 -45.77 5.74 -20.61
CA THR H 106 -46.10 6.83 -21.52
C THR H 106 -45.89 6.37 -22.95
N LYS H 107 -46.89 6.59 -23.80
CA LYS H 107 -46.77 6.27 -25.22
C LYS H 107 -46.27 7.50 -25.95
N LEU H 108 -45.00 7.50 -26.33
CA LEU H 108 -44.43 8.58 -27.12
C LEU H 108 -44.78 8.35 -28.59
N THR H 109 -45.39 9.35 -29.22
CA THR H 109 -45.81 9.26 -30.61
C THR H 109 -45.06 10.31 -31.43
N VAL H 110 -44.35 9.85 -32.46
CA VAL H 110 -43.70 10.74 -33.41
C VAL H 110 -44.72 11.03 -34.50
N LEU H 111 -45.37 12.20 -34.41
CA LEU H 111 -46.50 12.55 -35.25
C LEU H 111 -46.19 12.41 -36.73
N ARG H 112 -47.10 11.74 -37.46
CA ARG H 112 -47.04 11.63 -38.90
C ARG H 112 -48.37 11.97 -39.56
N GLN H 113 -49.37 12.36 -38.77
CA GLN H 113 -50.68 12.80 -39.21
C GLN H 113 -51.07 13.99 -38.35
N PRO H 114 -52.06 14.77 -38.78
CA PRO H 114 -52.61 15.80 -37.89
C PRO H 114 -53.41 15.16 -36.76
N LYS H 115 -53.30 15.75 -35.57
CA LYS H 115 -53.98 15.22 -34.40
C LYS H 115 -55.48 15.16 -34.63
N ALA H 116 -56.06 13.99 -34.37
CA ALA H 116 -57.49 13.76 -34.56
C ALA H 116 -58.16 13.63 -33.19
N ALA H 117 -59.25 14.37 -32.99
CA ALA H 117 -60.01 14.24 -31.76
C ALA H 117 -60.92 13.01 -31.83
N PRO H 118 -61.13 12.32 -30.72
CA PRO H 118 -61.91 11.09 -30.74
C PRO H 118 -63.41 11.33 -30.84
N SER H 119 -64.09 10.35 -31.44
CA SER H 119 -65.54 10.35 -31.59
C SER H 119 -66.12 9.31 -30.63
N VAL H 120 -66.65 9.77 -29.51
CA VAL H 120 -67.11 8.88 -28.44
C VAL H 120 -68.58 8.54 -28.66
N THR H 121 -68.92 7.27 -28.45
CA THR H 121 -70.30 6.79 -28.57
C THR H 121 -70.57 5.84 -27.41
N LEU H 122 -71.52 6.21 -26.55
CA LEU H 122 -71.87 5.42 -25.37
C LEU H 122 -73.20 4.73 -25.60
N PHE H 123 -73.21 3.39 -25.45
CA PHE H 123 -74.42 2.58 -25.63
C PHE H 123 -74.97 2.15 -24.29
N PRO H 124 -76.27 2.27 -24.07
CA PRO H 124 -76.88 1.76 -22.83
C PRO H 124 -77.08 0.26 -22.92
N PRO H 125 -77.34 -0.41 -21.80
CA PRO H 125 -77.60 -1.85 -21.86
C PRO H 125 -78.84 -2.14 -22.71
N SER H 126 -78.68 -3.07 -23.65
CA SER H 126 -79.78 -3.43 -24.53
C SER H 126 -80.88 -4.14 -23.76
N SER H 127 -82.12 -4.03 -24.26
CA SER H 127 -83.25 -4.72 -23.64
C SER H 127 -83.02 -6.22 -23.59
N GLU H 128 -82.39 -6.78 -24.62
CA GLU H 128 -82.12 -8.22 -24.66
C GLU H 128 -81.17 -8.63 -23.54
N GLU H 129 -80.20 -7.77 -23.20
CA GLU H 129 -79.29 -8.08 -22.12
C GLU H 129 -79.93 -7.92 -20.75
N LEU H 130 -80.86 -6.97 -20.62
CA LEU H 130 -81.50 -6.74 -19.32
C LEU H 130 -82.45 -7.87 -18.96
N GLN H 131 -83.21 -8.39 -19.93
CA GLN H 131 -84.08 -9.52 -19.64
C GLN H 131 -83.30 -10.79 -19.34
N ALA H 132 -82.00 -10.81 -19.62
CA ALA H 132 -81.11 -11.86 -19.15
C ALA H 132 -80.48 -11.53 -17.80
N ASN H 133 -81.01 -10.51 -17.11
CA ASN H 133 -80.55 -10.11 -15.78
C ASN H 133 -79.07 -9.71 -15.80
N LYS H 134 -78.67 -8.94 -16.81
CA LYS H 134 -77.32 -8.41 -16.91
C LYS H 134 -77.39 -6.97 -17.43
N ALA H 135 -76.30 -6.24 -17.20
CA ALA H 135 -76.19 -4.85 -17.64
C ALA H 135 -74.74 -4.52 -17.92
N THR H 136 -74.47 -3.99 -19.11
CA THR H 136 -73.11 -3.63 -19.51
C THR H 136 -73.16 -2.38 -20.37
N LEU H 137 -72.43 -1.35 -19.97
CA LEU H 137 -72.32 -0.11 -20.71
C LEU H 137 -71.08 -0.17 -21.60
N VAL H 138 -71.27 0.03 -22.91
CA VAL H 138 -70.20 -0.08 -23.89
C VAL H 138 -69.88 1.31 -24.41
N CYS H 139 -68.66 1.76 -24.17
CA CYS H 139 -68.18 3.06 -24.64
C CYS H 139 -67.14 2.83 -25.72
N LEU H 140 -67.43 3.28 -26.93
CA LEU H 140 -66.60 3.01 -28.10
C LEU H 140 -65.98 4.31 -28.61
N ILE H 141 -64.66 4.41 -28.51
CA ILE H 141 -63.90 5.59 -28.88
C ILE H 141 -63.14 5.28 -30.16
N SER H 142 -63.28 6.16 -31.16
CA SER H 142 -62.71 5.87 -32.47
C SER H 142 -62.18 7.14 -33.13
N ASP H 143 -61.32 6.94 -34.13
CA ASP H 143 -60.83 8.00 -35.01
C ASP H 143 -60.07 9.09 -34.24
N PHE H 144 -59.11 8.66 -33.42
CA PHE H 144 -58.24 9.61 -32.74
C PHE H 144 -56.77 9.34 -33.04
N TYR H 145 -55.98 10.40 -32.98
CA TYR H 145 -54.53 10.34 -33.18
C TYR H 145 -53.90 11.46 -32.35
N PRO H 146 -52.82 11.17 -31.61
CA PRO H 146 -52.13 9.87 -31.51
C PRO H 146 -52.89 8.83 -30.69
N GLY H 147 -52.43 7.58 -30.76
CA GLY H 147 -53.13 6.46 -30.16
C GLY H 147 -52.95 6.29 -28.66
N ALA H 148 -53.56 7.16 -27.86
CA ALA H 148 -53.51 7.02 -26.41
C ALA H 148 -54.64 7.84 -25.80
N VAL H 149 -55.50 7.17 -25.03
CA VAL H 149 -56.61 7.81 -24.34
C VAL H 149 -56.71 7.22 -22.93
N THR H 150 -57.48 7.89 -22.08
CA THR H 150 -57.77 7.42 -20.74
C THR H 150 -59.24 7.65 -20.45
N VAL H 151 -59.94 6.61 -20.05
CA VAL H 151 -61.38 6.68 -19.82
C VAL H 151 -61.65 6.74 -18.33
N ALA H 152 -62.75 7.42 -17.99
CA ALA H 152 -63.19 7.55 -16.61
C ALA H 152 -64.71 7.43 -16.58
N TRP H 153 -65.21 6.56 -15.73
CA TRP H 153 -66.64 6.32 -15.62
C TRP H 153 -67.21 7.07 -14.43
N LYS H 154 -68.43 7.60 -14.60
CA LYS H 154 -69.12 8.34 -13.56
C LYS H 154 -70.55 7.83 -13.46
N ALA H 155 -71.01 7.64 -12.23
CA ALA H 155 -72.41 7.30 -11.95
C ALA H 155 -72.98 8.40 -11.08
N ASP H 156 -74.01 9.07 -11.60
CA ASP H 156 -74.65 10.17 -10.89
C ASP H 156 -73.61 11.21 -10.45
N SER H 157 -72.71 11.54 -11.38
CA SER H 157 -71.64 12.51 -11.17
C SER H 157 -70.70 12.10 -10.03
N SER H 158 -70.53 10.79 -9.83
CA SER H 158 -69.63 10.23 -8.82
C SER H 158 -68.76 9.19 -9.51
N PRO H 159 -67.44 9.24 -9.32
CA PRO H 159 -66.55 8.34 -10.08
C PRO H 159 -66.79 6.87 -9.76
N VAL H 160 -66.78 6.05 -10.81
CA VAL H 160 -66.92 4.60 -10.69
C VAL H 160 -65.63 3.94 -11.17
N LYS H 161 -65.08 3.08 -10.33
CA LYS H 161 -63.85 2.37 -10.65
C LYS H 161 -63.99 0.86 -10.69
N ALA H 162 -64.99 0.31 -10.00
CA ALA H 162 -65.19 -1.14 -9.99
C ALA H 162 -65.98 -1.59 -11.20
N GLY H 163 -65.55 -2.69 -11.80
CA GLY H 163 -66.24 -3.24 -12.95
C GLY H 163 -65.92 -2.59 -14.27
N VAL H 164 -64.79 -1.89 -14.36
CA VAL H 164 -64.40 -1.17 -15.56
C VAL H 164 -63.26 -1.92 -16.22
N GLU H 165 -63.42 -2.24 -17.51
CA GLU H 165 -62.39 -2.88 -18.31
C GLU H 165 -62.26 -2.11 -19.60
N THR H 166 -61.02 -1.84 -20.02
CA THR H 166 -60.77 -1.01 -21.17
C THR H 166 -59.71 -1.64 -22.06
N THR H 167 -59.88 -1.49 -23.36
CA THR H 167 -58.90 -1.98 -24.32
C THR H 167 -57.82 -0.93 -24.56
N THR H 168 -56.63 -1.38 -24.95
CA THR H 168 -55.61 -0.44 -25.39
C THR H 168 -55.84 -0.07 -26.85
N PRO H 169 -55.61 1.19 -27.21
CA PRO H 169 -55.93 1.66 -28.57
C PRO H 169 -55.26 0.80 -29.63
N SER H 170 -56.04 0.39 -30.62
CA SER H 170 -55.58 -0.40 -31.75
C SER H 170 -55.78 0.39 -33.03
N LYS H 171 -54.85 0.21 -33.97
CA LYS H 171 -54.89 0.98 -35.21
C LYS H 171 -56.08 0.56 -36.07
N GLN H 172 -56.71 1.55 -36.71
CA GLN H 172 -57.85 1.29 -37.58
C GLN H 172 -57.38 1.07 -39.01
N SER H 173 -58.35 0.88 -39.93
CA SER H 173 -58.01 0.77 -41.34
C SER H 173 -57.46 2.08 -41.89
N ASN H 174 -57.93 3.22 -41.37
CA ASN H 174 -57.48 4.53 -41.82
C ASN H 174 -56.30 5.06 -41.01
N ASN H 175 -55.47 4.16 -40.47
CA ASN H 175 -54.25 4.51 -39.74
C ASN H 175 -54.51 5.31 -38.47
N LYS H 176 -55.77 5.58 -38.14
CA LYS H 176 -56.12 6.16 -36.86
C LYS H 176 -56.31 5.06 -35.83
N TYR H 177 -56.60 5.45 -34.58
CA TYR H 177 -56.67 4.51 -33.47
C TYR H 177 -58.05 4.53 -32.83
N ALA H 178 -58.37 3.43 -32.16
CA ALA H 178 -59.67 3.27 -31.52
C ALA H 178 -59.52 2.38 -30.29
N ALA H 179 -60.39 2.59 -29.30
CA ALA H 179 -60.36 1.81 -28.08
C ALA H 179 -61.79 1.64 -27.57
N SER H 180 -61.95 0.78 -26.57
CA SER H 180 -63.25 0.45 -26.02
C SER H 180 -63.17 0.35 -24.50
N SER H 181 -64.19 0.85 -23.82
CA SER H 181 -64.31 0.74 -22.37
C SER H 181 -65.69 0.19 -22.02
N TYR H 182 -65.71 -0.74 -21.06
CA TYR H 182 -66.94 -1.39 -20.63
C TYR H 182 -67.16 -1.16 -19.14
N LEU H 183 -68.41 -0.92 -18.76
CA LEU H 183 -68.82 -0.80 -17.37
C LEU H 183 -69.91 -1.84 -17.11
N SER H 184 -69.56 -2.91 -16.41
CA SER H 184 -70.50 -3.96 -16.09
C SER H 184 -71.26 -3.62 -14.81
N LEU H 185 -72.58 -3.72 -14.87
CA LEU H 185 -73.45 -3.41 -13.74
C LEU H 185 -74.48 -4.52 -13.57
N THR H 186 -75.25 -4.40 -12.52
CA THR H 186 -76.45 -5.19 -12.33
C THR H 186 -77.66 -4.40 -12.83
N PRO H 187 -78.74 -5.07 -13.24
CA PRO H 187 -79.93 -4.33 -13.65
C PRO H 187 -80.45 -3.39 -12.58
N GLU H 188 -80.27 -3.73 -11.30
CA GLU H 188 -80.64 -2.82 -10.23
C GLU H 188 -79.77 -1.57 -10.24
N GLN H 189 -78.45 -1.76 -10.32
CA GLN H 189 -77.53 -0.61 -10.36
C GLN H 189 -77.85 0.32 -11.53
N TRP H 190 -78.21 -0.25 -12.68
CA TRP H 190 -78.51 0.57 -13.85
C TRP H 190 -79.72 1.47 -13.61
N LYS H 191 -80.78 0.93 -13.01
CA LYS H 191 -81.98 1.70 -12.75
C LYS H 191 -81.89 2.56 -11.50
N SER H 192 -80.92 2.30 -10.61
CA SER H 192 -80.80 2.98 -9.33
C SER H 192 -80.09 4.33 -9.42
N HIS H 193 -79.92 4.90 -10.60
CA HIS H 193 -79.19 6.15 -10.72
C HIS H 193 -79.88 7.06 -11.73
N ARG H 194 -79.48 8.33 -11.69
CA ARG H 194 -80.00 9.33 -12.63
C ARG H 194 -79.31 9.24 -13.99
N SER H 195 -78.00 9.04 -14.01
CA SER H 195 -77.26 9.03 -15.26
C SER H 195 -75.92 8.34 -15.08
N TYR H 196 -75.42 7.78 -16.18
CA TYR H 196 -74.09 7.17 -16.25
C TYR H 196 -73.31 7.87 -17.36
N SER H 197 -72.03 8.15 -17.09
CA SER H 197 -71.21 8.93 -18.01
C SER H 197 -69.90 8.22 -18.33
N CYS H 198 -69.46 8.37 -19.59
CA CYS H 198 -68.16 7.91 -20.06
C CYS H 198 -67.33 9.12 -20.42
N GLN H 199 -66.19 9.30 -19.74
CA GLN H 199 -65.37 10.50 -19.86
C GLN H 199 -64.00 10.11 -20.42
N VAL H 200 -63.74 10.49 -21.67
CA VAL H 200 -62.54 10.08 -22.42
C VAL H 200 -61.63 11.29 -22.57
N THR H 201 -60.38 11.14 -22.09
CA THR H 201 -59.38 12.19 -22.16
C THR H 201 -58.36 11.87 -23.25
N HIS H 202 -58.26 12.74 -24.26
CA HIS H 202 -57.28 12.59 -25.33
C HIS H 202 -56.53 13.89 -25.53
N GLU H 203 -55.22 13.86 -25.29
CA GLU H 203 -54.34 15.03 -25.47
C GLU H 203 -54.89 16.26 -24.74
N GLY H 204 -55.04 16.11 -23.42
CA GLY H 204 -55.48 17.21 -22.59
C GLY H 204 -56.97 17.49 -22.66
N SER H 205 -57.54 17.39 -23.86
CA SER H 205 -58.97 17.59 -24.04
C SER H 205 -59.73 16.32 -23.70
N THR H 206 -60.92 16.50 -23.14
CA THR H 206 -61.75 15.37 -22.71
C THR H 206 -63.14 15.49 -23.33
N VAL H 207 -63.72 14.34 -23.68
CA VAL H 207 -65.06 14.24 -24.25
C VAL H 207 -65.90 13.39 -23.31
N GLU H 208 -67.14 13.80 -23.07
CA GLU H 208 -68.04 13.08 -22.19
C GLU H 208 -69.37 12.80 -22.88
N LYS H 209 -69.91 11.61 -22.63
CA LYS H 209 -71.21 11.19 -23.13
C LYS H 209 -71.98 10.58 -21.97
N THR H 210 -73.30 10.80 -21.94
CA THR H 210 -74.13 10.37 -20.82
C THR H 210 -75.35 9.60 -21.31
N VAL H 211 -75.80 8.64 -20.50
CA VAL H 211 -77.00 7.85 -20.77
C VAL H 211 -77.81 7.70 -19.50
N ALA H 212 -79.11 7.49 -19.66
CA ALA H 212 -80.03 7.31 -18.55
C ALA H 212 -81.11 6.31 -18.93
N PRO H 213 -81.68 5.58 -17.95
CA PRO H 213 -82.77 4.65 -18.24
C PRO H 213 -84.12 5.37 -18.33
N GLU I 2 -13.63 -17.65 31.31
CA GLU I 2 -12.90 -16.67 32.12
C GLU I 2 -11.42 -17.03 32.22
N VAL I 3 -10.55 -16.06 31.89
CA VAL I 3 -9.11 -16.30 31.93
C VAL I 3 -8.66 -16.42 33.38
N GLN I 4 -8.00 -17.54 33.69
CA GLN I 4 -7.51 -17.79 35.04
C GLN I 4 -6.35 -18.78 34.98
N LEU I 5 -5.65 -18.90 36.10
CA LEU I 5 -4.56 -19.86 36.27
C LEU I 5 -4.81 -20.65 37.55
N VAL I 6 -4.78 -21.98 37.44
CA VAL I 6 -5.09 -22.86 38.57
C VAL I 6 -3.84 -23.66 38.89
N GLN I 7 -3.27 -23.41 40.07
CA GLN I 7 -2.04 -24.06 40.51
C GLN I 7 -2.35 -25.34 41.29
N SER I 8 -1.33 -26.16 41.47
CA SER I 8 -1.46 -27.40 42.22
C SER I 8 -0.08 -27.97 42.50
N GLY I 9 0.02 -28.76 43.57
CA GLY I 9 1.20 -29.58 43.83
C GLY I 9 2.21 -29.02 44.80
N GLY I 10 1.77 -28.40 45.89
CA GLY I 10 2.69 -27.91 46.90
C GLY I 10 3.09 -28.99 47.89
N GLY I 11 3.02 -28.67 49.18
CA GLY I 11 3.19 -29.66 50.23
C GLY I 11 4.53 -29.53 50.94
N LEU I 12 4.76 -30.49 51.84
CA LEU I 12 5.95 -30.54 52.68
C LEU I 12 6.97 -31.49 52.06
N VAL I 13 8.24 -31.11 52.17
CA VAL I 13 9.33 -31.92 51.60
C VAL I 13 10.56 -31.77 52.50
N LYS I 14 11.31 -32.86 52.63
CA LYS I 14 12.56 -32.81 53.37
C LYS I 14 13.60 -31.99 52.62
N ALA I 15 14.50 -31.37 53.39
CA ALA I 15 15.59 -30.61 52.78
C ALA I 15 16.46 -31.50 51.92
N GLY I 16 16.75 -31.04 50.71
CA GLY I 16 17.46 -31.84 49.72
C GLY I 16 16.57 -32.63 48.77
N GLY I 17 15.27 -32.72 49.04
CA GLY I 17 14.36 -33.46 48.21
C GLY I 17 13.96 -32.69 46.97
N SER I 18 12.88 -33.16 46.35
CA SER I 18 12.39 -32.58 45.10
C SER I 18 10.89 -32.40 45.14
N LEU I 19 10.39 -31.43 44.38
CA LEU I 19 8.98 -31.17 44.25
C LEU I 19 8.67 -30.68 42.84
N ARG I 20 7.42 -30.90 42.42
CA ARG I 20 6.94 -30.51 41.10
C ARG I 20 5.73 -29.61 41.26
N LEU I 21 5.77 -28.44 40.63
CA LEU I 21 4.69 -27.48 40.72
C LEU I 21 3.97 -27.41 39.38
N SER I 22 2.64 -27.40 39.43
CA SER I 22 1.81 -27.37 38.23
C SER I 22 0.98 -26.10 38.19
N CYS I 23 0.75 -25.61 36.97
CA CYS I 23 -0.03 -24.41 36.73
C CYS I 23 -0.77 -24.61 35.43
N ALA I 24 -2.11 -24.65 35.48
CA ALA I 24 -2.95 -24.99 34.34
C ALA I 24 -3.68 -23.75 33.83
N ALA I 25 -3.56 -23.49 32.53
CA ALA I 25 -4.19 -22.34 31.90
C ALA I 25 -5.64 -22.66 31.51
N SER I 26 -6.50 -21.65 31.61
CA SER I 26 -7.91 -21.79 31.31
C SER I 26 -8.43 -20.53 30.66
N GLY I 27 -8.97 -20.64 29.44
CA GLY I 27 -9.67 -19.54 28.81
C GLY I 27 -8.82 -18.51 28.10
N PHE I 28 -7.59 -18.87 27.71
CA PHE I 28 -6.77 -17.99 26.90
C PHE I 28 -5.75 -18.83 26.15
N THR I 29 -5.35 -18.35 24.97
CA THR I 29 -4.42 -19.10 24.12
C THR I 29 -3.07 -19.12 24.79
N PHE I 30 -2.95 -20.04 25.76
CA PHE I 30 -1.75 -20.20 26.59
C PHE I 30 -0.47 -20.20 25.76
N SER I 31 -0.51 -20.78 24.56
CA SER I 31 0.71 -20.95 23.77
C SER I 31 1.36 -19.62 23.36
N THR I 32 0.61 -18.52 23.31
CA THR I 32 1.13 -17.25 22.83
C THR I 32 1.63 -16.34 23.95
N TYR I 33 1.64 -16.81 25.19
CA TYR I 33 2.09 -16.01 26.32
C TYR I 33 3.28 -16.67 26.99
N SER I 34 4.20 -15.84 27.48
CA SER I 34 5.31 -16.33 28.29
C SER I 34 4.85 -16.45 29.74
N MET I 35 5.39 -17.46 30.43
CA MET I 35 4.96 -17.82 31.77
C MET I 35 6.08 -17.57 32.78
N ASN I 36 5.70 -17.07 33.95
CA ASN I 36 6.65 -16.72 34.99
C ASN I 36 6.28 -17.41 36.30
N TRP I 37 7.29 -17.61 37.14
CA TRP I 37 7.12 -18.14 38.48
C TRP I 37 7.64 -17.11 39.49
N ILE I 38 6.82 -16.78 40.48
CA ILE I 38 7.15 -15.78 41.48
C ILE I 38 6.85 -16.35 42.87
N ARG I 39 7.84 -16.32 43.74
CA ARG I 39 7.68 -16.81 45.10
C ARG I 39 7.62 -15.66 46.08
N GLN I 40 6.95 -15.90 47.21
CA GLN I 40 6.74 -14.89 48.25
C GLN I 40 6.97 -15.55 49.60
N ALA I 41 8.09 -15.23 50.25
CA ALA I 41 8.43 -15.84 51.52
C ALA I 41 7.38 -15.49 52.57
N PRO I 42 7.21 -16.33 53.61
CA PRO I 42 6.24 -16.03 54.66
C PRO I 42 6.45 -14.66 55.28
N GLY I 43 5.51 -13.74 55.05
CA GLY I 43 5.63 -12.39 55.56
C GLY I 43 6.75 -11.57 54.95
N LYS I 44 6.95 -11.67 53.63
CA LYS I 44 8.00 -10.95 52.94
C LYS I 44 7.46 -10.44 51.61
N GLY I 45 8.35 -9.89 50.79
CA GLY I 45 7.96 -9.34 49.50
C GLY I 45 7.98 -10.38 48.39
N LEU I 46 7.54 -9.94 47.22
CA LEU I 46 7.54 -10.79 46.04
C LEU I 46 8.95 -10.89 45.45
N GLU I 47 9.26 -12.05 44.90
CA GLU I 47 10.54 -12.27 44.25
C GLU I 47 10.33 -13.13 43.01
N TRP I 48 10.66 -12.58 41.85
CA TRP I 48 10.61 -13.35 40.61
C TRP I 48 11.59 -14.51 40.67
N VAL I 49 11.23 -15.62 40.03
CA VAL I 49 12.03 -16.85 40.12
C VAL I 49 12.47 -17.35 38.75
N ALA I 50 11.51 -17.59 37.86
CA ALA I 50 11.83 -18.20 36.56
C ALA I 50 10.87 -17.70 35.50
N SER I 51 11.32 -17.80 34.25
CA SER I 51 10.53 -17.37 33.09
C SER I 51 10.75 -18.34 31.94
N ILE I 52 9.74 -18.45 31.08
CA ILE I 52 9.83 -19.27 29.88
C ILE I 52 9.02 -18.60 28.78
N SER I 53 9.58 -18.56 27.58
CA SER I 53 8.98 -17.84 26.47
C SER I 53 7.78 -18.60 25.89
N SER I 54 7.01 -17.90 25.06
CA SER I 54 5.85 -18.49 24.42
C SER I 54 6.28 -19.49 23.34
N ARG I 55 5.32 -20.34 22.94
CA ARG I 55 5.51 -21.36 21.91
C ARG I 55 6.61 -22.32 22.38
N SER I 56 7.68 -22.51 21.62
CA SER I 56 8.84 -23.24 22.14
C SER I 56 9.45 -22.44 23.28
N GLY I 57 9.74 -23.12 24.39
CA GLY I 57 10.33 -22.42 25.51
C GLY I 57 11.81 -22.21 25.27
N SER I 58 12.13 -21.56 24.15
CA SER I 58 13.52 -21.42 23.73
C SER I 58 14.28 -20.44 24.60
N HIS I 59 13.61 -19.44 25.15
CA HIS I 59 14.23 -18.42 25.99
C HIS I 59 13.77 -18.65 27.42
N ILE I 60 14.71 -19.05 28.29
CA ILE I 60 14.42 -19.40 29.67
C ILE I 60 15.37 -18.64 30.59
N ASN I 61 14.83 -18.13 31.70
CA ASN I 61 15.62 -17.36 32.65
C ASN I 61 15.33 -17.83 34.07
N TYR I 62 16.35 -17.76 34.93
CA TYR I 62 16.24 -18.11 36.34
C TYR I 62 16.95 -17.05 37.17
N VAL I 63 16.79 -17.17 38.50
CA VAL I 63 17.53 -16.37 39.47
C VAL I 63 18.84 -17.07 39.79
N ASP I 64 19.89 -16.29 40.03
CA ASP I 64 21.19 -16.88 40.34
C ASP I 64 21.12 -17.85 41.53
N SER I 65 20.26 -17.55 42.50
CA SER I 65 20.11 -18.40 43.68
C SER I 65 19.25 -19.62 43.43
N VAL I 66 19.01 -20.00 42.18
CA VAL I 66 18.07 -21.07 41.89
C VAL I 66 18.55 -21.83 40.66
N LYS I 67 19.52 -21.27 39.95
CA LYS I 67 20.05 -21.88 38.74
C LYS I 67 20.63 -23.26 39.04
N GLY I 68 20.47 -24.17 38.08
CA GLY I 68 20.98 -25.53 38.23
C GLY I 68 20.22 -26.39 39.21
N ARG I 69 19.17 -25.87 39.83
CA ARG I 69 18.36 -26.61 40.78
C ARG I 69 16.88 -26.63 40.40
N PHE I 70 16.37 -25.55 39.83
CA PHE I 70 14.99 -25.48 39.36
C PHE I 70 14.97 -25.54 37.84
N THR I 71 13.87 -26.06 37.30
CA THR I 71 13.72 -26.20 35.86
C THR I 71 12.28 -25.87 35.48
N ILE I 72 12.10 -24.81 34.72
CA ILE I 72 10.81 -24.40 34.21
C ILE I 72 10.55 -25.11 32.88
N SER I 73 9.28 -25.46 32.63
CA SER I 73 8.89 -26.14 31.41
C SER I 73 7.42 -25.89 31.16
N ARG I 74 6.99 -26.12 29.92
CA ARG I 74 5.61 -25.87 29.55
C ARG I 74 5.13 -26.92 28.54
N ASP I 75 3.85 -27.24 28.65
CA ASP I 75 3.16 -28.18 27.76
C ASP I 75 2.00 -27.42 27.10
N ASN I 76 2.23 -26.94 25.88
CA ASN I 76 1.21 -26.14 25.20
C ASN I 76 -0.01 -26.95 24.79
N ALA I 77 0.10 -28.27 24.70
CA ALA I 77 -1.06 -29.08 24.34
C ALA I 77 -2.05 -29.15 25.50
N ARG I 78 -1.56 -29.41 26.70
CA ARG I 78 -2.39 -29.52 27.90
C ARG I 78 -2.51 -28.20 28.65
N ASP I 79 -1.93 -27.12 28.14
CA ASP I 79 -1.95 -25.80 28.77
C ASP I 79 -1.45 -25.87 30.22
N LEU I 80 -0.21 -26.31 30.37
CA LEU I 80 0.37 -26.51 31.69
C LEU I 80 1.74 -25.86 31.77
N LEU I 81 2.05 -25.38 32.97
CA LEU I 81 3.37 -24.84 33.31
C LEU I 81 3.91 -25.63 34.48
N TYR I 82 5.18 -26.02 34.39
CA TYR I 82 5.80 -26.84 35.43
C TYR I 82 6.97 -26.11 36.06
N LEU I 83 7.28 -26.53 37.28
CA LEU I 83 8.47 -26.06 37.98
C LEU I 83 9.02 -27.25 38.75
N GLN I 84 10.16 -27.77 38.29
CA GLN I 84 10.81 -28.90 38.93
C GLN I 84 11.89 -28.37 39.88
N MET I 85 11.64 -28.50 41.17
CA MET I 85 12.58 -28.07 42.20
C MET I 85 13.39 -29.28 42.66
N ASN I 86 14.71 -29.17 42.60
CA ASN I 86 15.60 -30.23 43.04
C ASN I 86 16.64 -29.66 43.98
N SER I 87 17.16 -30.52 44.86
CA SER I 87 18.10 -30.12 45.90
C SER I 87 17.56 -28.92 46.68
N LEU I 88 16.32 -29.07 47.16
CA LEU I 88 15.61 -27.96 47.78
C LEU I 88 16.29 -27.51 49.05
N ARG I 89 16.61 -26.22 49.12
CA ARG I 89 17.11 -25.60 50.34
C ARG I 89 15.95 -25.21 51.24
N VAL I 90 16.27 -24.87 52.49
CA VAL I 90 15.27 -24.36 53.41
C VAL I 90 14.78 -22.98 52.96
N ASP I 91 15.67 -22.17 52.37
CA ASP I 91 15.30 -20.85 51.90
C ASP I 91 14.20 -20.90 50.84
N ASP I 92 14.14 -21.99 50.07
CA ASP I 92 13.18 -22.08 48.97
C ASP I 92 11.73 -22.09 49.46
N SER I 93 11.50 -22.44 50.72
CA SER I 93 10.13 -22.53 51.23
C SER I 93 9.47 -21.16 51.21
N ALA I 94 8.39 -21.05 50.45
CA ALA I 94 7.67 -19.80 50.26
C ALA I 94 6.35 -20.12 49.57
N LEU I 95 5.57 -19.07 49.33
CA LEU I 95 4.33 -19.19 48.55
C LEU I 95 4.66 -18.88 47.09
N TYR I 96 4.33 -19.82 46.20
CA TYR I 96 4.75 -19.75 44.80
C TYR I 96 3.56 -19.40 43.90
N TYR I 97 3.76 -18.38 43.05
CA TYR I 97 2.77 -17.93 42.09
C TYR I 97 3.23 -18.18 40.67
N CYS I 98 2.29 -18.44 39.78
CA CYS I 98 2.53 -18.46 38.34
C CYS I 98 1.77 -17.32 37.69
N ALA I 99 2.44 -16.60 36.78
CA ALA I 99 1.87 -15.39 36.21
C ALA I 99 2.15 -15.34 34.71
N ARG I 100 1.20 -14.80 33.96
CA ARG I 100 1.27 -14.68 32.51
C ARG I 100 1.76 -13.29 32.12
N ASP I 101 2.59 -13.24 31.08
CA ASP I 101 3.02 -11.97 30.48
C ASP I 101 3.45 -12.24 29.04
N ARG I 102 3.83 -11.18 28.34
CA ARG I 102 4.28 -11.28 26.95
C ARG I 102 5.48 -10.36 26.75
N ARG I 103 6.61 -10.95 26.35
CA ARG I 103 7.84 -10.20 26.09
C ARG I 103 7.85 -9.82 24.61
N SER I 104 7.22 -8.68 24.30
CA SER I 104 7.14 -8.17 22.95
C SER I 104 7.65 -6.74 22.90
N GLY I 105 8.22 -6.36 21.77
CA GLY I 105 8.64 -4.99 21.56
C GLY I 105 7.51 -4.12 21.05
N THR I 106 6.64 -4.71 20.22
CA THR I 106 5.53 -3.96 19.65
C THR I 106 4.34 -3.90 20.60
N SER I 107 3.90 -5.05 21.12
CA SER I 107 2.73 -5.14 22.00
C SER I 107 3.08 -5.95 23.23
N PRO I 108 3.76 -5.36 24.20
CA PRO I 108 4.11 -6.08 25.42
C PRO I 108 2.93 -6.17 26.39
N LEU I 109 3.06 -7.09 27.34
CA LEU I 109 2.05 -7.27 28.36
C LEU I 109 2.70 -7.42 29.73
N PRO I 110 2.09 -6.90 30.79
CA PRO I 110 2.64 -7.09 32.14
C PRO I 110 2.20 -8.41 32.75
N LEU I 111 2.51 -8.63 34.03
CA LEU I 111 2.07 -9.83 34.75
C LEU I 111 0.62 -9.62 35.18
N ASP I 112 -0.29 -9.79 34.22
CA ASP I 112 -1.69 -9.47 34.45
C ASP I 112 -2.44 -10.58 35.17
N VAL I 113 -2.26 -11.82 34.73
CA VAL I 113 -3.01 -12.97 35.26
C VAL I 113 -2.10 -13.78 36.18
N TRP I 114 -2.52 -13.95 37.42
CA TRP I 114 -1.77 -14.69 38.42
C TRP I 114 -2.55 -15.92 38.87
N GLY I 115 -1.80 -16.91 39.37
CA GLY I 115 -2.42 -18.07 39.97
C GLY I 115 -2.86 -17.81 41.39
N GLN I 116 -3.58 -18.78 41.96
CA GLN I 116 -4.03 -18.64 43.34
C GLN I 116 -2.89 -18.80 44.33
N GLY I 117 -1.80 -19.44 43.92
CA GLY I 117 -0.67 -19.65 44.81
C GLY I 117 -0.68 -21.01 45.48
N THR I 118 0.50 -21.62 45.62
CA THR I 118 0.64 -22.92 46.27
C THR I 118 1.86 -22.87 47.16
N THR I 119 1.74 -23.40 48.38
CA THR I 119 2.76 -23.27 49.40
C THR I 119 3.72 -24.46 49.40
N VAL I 120 5.01 -24.14 49.53
CA VAL I 120 6.08 -25.12 49.63
C VAL I 120 6.81 -24.88 50.95
N THR I 121 6.96 -25.94 51.75
CA THR I 121 7.61 -25.85 53.05
C THR I 121 8.72 -26.88 53.12
N VAL I 122 9.95 -26.41 53.31
CA VAL I 122 11.13 -27.26 53.40
C VAL I 122 11.57 -27.33 54.85
N PHE I 123 11.56 -28.53 55.41
CA PHE I 123 11.88 -28.78 56.82
C PHE I 123 13.13 -29.66 56.93
N SER I 124 13.65 -29.73 58.15
CA SER I 124 14.78 -30.62 58.45
C SER I 124 14.36 -31.78 59.33
N ALA I 125 13.40 -31.57 60.22
CA ALA I 125 12.79 -32.62 61.01
C ALA I 125 11.29 -32.60 60.74
N SER I 126 10.69 -33.78 60.61
CA SER I 126 9.25 -33.81 60.35
C SER I 126 8.46 -33.42 61.59
N THR I 127 8.92 -33.86 62.77
CA THR I 127 8.27 -33.51 64.03
C THR I 127 9.34 -33.28 65.08
N LYS I 128 9.32 -32.09 65.70
CA LYS I 128 10.24 -31.78 66.78
C LYS I 128 9.49 -30.99 67.85
N GLY I 129 9.68 -31.36 69.11
CA GLY I 129 9.10 -30.66 70.22
C GLY I 129 9.88 -29.40 70.53
N PRO I 130 9.21 -28.40 71.10
CA PRO I 130 9.85 -27.11 71.35
C PRO I 130 10.59 -27.10 72.68
N SER I 131 11.55 -26.18 72.77
CA SER I 131 12.31 -25.93 73.99
C SER I 131 11.90 -24.54 74.50
N VAL I 132 11.35 -24.50 75.70
CA VAL I 132 10.83 -23.27 76.28
C VAL I 132 11.88 -22.67 77.21
N PHE I 133 12.17 -21.39 77.00
CA PHE I 133 13.09 -20.65 77.85
C PHE I 133 12.41 -19.41 78.40
N PRO I 134 12.68 -19.03 79.65
CA PRO I 134 11.98 -17.89 80.25
C PRO I 134 12.65 -16.58 79.88
N LEU I 135 11.84 -15.62 79.43
CA LEU I 135 12.31 -14.25 79.20
C LEU I 135 12.07 -13.49 80.50
N ALA I 136 13.09 -13.49 81.36
CA ALA I 136 12.94 -12.93 82.70
C ALA I 136 12.83 -11.41 82.63
N PRO I 137 12.01 -10.79 83.50
CA PRO I 137 11.85 -9.34 83.55
C PRO I 137 12.94 -8.64 84.38
N GLY I 145 5.36 2.16 85.49
CA GLY I 145 5.88 1.04 86.26
C GLY I 145 5.40 -0.30 85.75
N THR I 146 5.43 -0.48 84.44
CA THR I 146 4.99 -1.71 83.79
C THR I 146 6.22 -2.47 83.28
N ALA I 147 6.27 -3.76 83.59
CA ALA I 147 7.39 -4.61 83.21
C ALA I 147 6.88 -5.74 82.32
N ALA I 148 7.70 -6.14 81.35
CA ALA I 148 7.37 -7.17 80.39
C ALA I 148 8.16 -8.44 80.67
N LEU I 149 7.50 -9.59 80.53
CA LEU I 149 8.13 -10.88 80.71
C LEU I 149 7.45 -11.87 79.79
N GLY I 150 8.18 -12.92 79.43
CA GLY I 150 7.58 -13.86 78.51
C GLY I 150 8.33 -15.18 78.43
N CYS I 151 7.99 -15.94 77.39
CA CYS I 151 8.54 -17.25 77.12
C CYS I 151 9.09 -17.28 75.70
N LEU I 152 10.16 -18.02 75.51
CA LEU I 152 10.77 -18.23 74.20
C LEU I 152 10.54 -19.69 73.80
N VAL I 153 9.68 -19.90 72.81
CA VAL I 153 9.41 -21.22 72.27
C VAL I 153 10.31 -21.41 71.05
N LYS I 154 11.22 -22.38 71.13
CA LYS I 154 12.32 -22.47 70.18
C LYS I 154 12.40 -23.85 69.56
N ASP I 155 12.81 -23.88 68.29
CA ASP I 155 13.20 -25.09 67.55
C ASP I 155 12.10 -26.16 67.60
N TYR I 156 11.00 -25.86 66.92
CA TYR I 156 9.89 -26.80 66.81
C TYR I 156 9.43 -26.88 65.35
N PHE I 157 8.69 -27.93 65.06
CA PHE I 157 8.08 -28.14 63.75
C PHE I 157 7.02 -29.21 63.93
N PRO I 158 5.84 -29.05 63.32
CA PRO I 158 5.34 -28.00 62.41
C PRO I 158 4.74 -26.77 63.07
N GLU I 159 4.00 -26.00 62.25
CA GLU I 159 3.66 -24.62 62.59
C GLU I 159 2.83 -24.39 63.86
N PRO I 160 1.79 -25.16 64.18
CA PRO I 160 0.87 -24.72 65.24
C PRO I 160 1.48 -24.79 66.63
N VAL I 161 1.43 -23.66 67.35
CA VAL I 161 1.82 -23.59 68.76
C VAL I 161 0.92 -22.55 69.43
N THR I 162 0.35 -22.91 70.58
CA THR I 162 -0.51 -22.03 71.35
C THR I 162 0.09 -21.81 72.73
N VAL I 163 0.19 -20.56 73.15
CA VAL I 163 0.72 -20.21 74.46
C VAL I 163 -0.36 -19.51 75.27
N SER I 164 -0.53 -19.94 76.51
CA SER I 164 -1.41 -19.29 77.47
C SER I 164 -0.59 -18.97 78.72
N TRP I 165 -1.21 -18.25 79.66
CA TRP I 165 -0.53 -17.83 80.86
C TRP I 165 -1.35 -18.15 82.09
N ASN I 166 -0.70 -18.73 83.10
CA ASN I 166 -1.36 -19.11 84.36
C ASN I 166 -2.59 -19.96 84.10
N SER I 167 -2.48 -20.87 83.12
CA SER I 167 -3.56 -21.77 82.75
C SER I 167 -4.83 -21.01 82.37
N GLY I 168 -4.65 -19.92 81.62
CA GLY I 168 -5.76 -19.14 81.13
C GLY I 168 -6.29 -18.09 82.08
N ALA I 169 -5.82 -18.04 83.32
CA ALA I 169 -6.30 -17.03 84.24
C ALA I 169 -5.83 -15.64 83.84
N LEU I 170 -4.71 -15.56 83.12
CA LEU I 170 -4.11 -14.29 82.73
C LEU I 170 -4.35 -14.07 81.25
N THR I 171 -5.15 -13.04 80.94
CA THR I 171 -5.41 -12.64 79.56
C THR I 171 -5.12 -11.17 79.28
N SER I 172 -4.99 -10.34 80.31
CA SER I 172 -4.74 -8.92 80.11
C SER I 172 -3.25 -8.69 79.88
N GLY I 173 -2.90 -8.15 78.71
CA GLY I 173 -1.52 -7.87 78.37
C GLY I 173 -0.79 -8.97 77.64
N VAL I 174 -1.42 -10.13 77.45
CA VAL I 174 -0.79 -11.27 76.80
C VAL I 174 -0.82 -11.08 75.29
N HIS I 175 0.30 -11.36 74.63
CA HIS I 175 0.37 -11.38 73.18
C HIS I 175 1.33 -12.47 72.73
N THR I 176 0.82 -13.36 71.88
CA THR I 176 1.63 -14.44 71.29
C THR I 176 1.95 -14.05 69.85
N PHE I 177 3.23 -13.99 69.53
CA PHE I 177 3.73 -13.51 68.25
C PHE I 177 3.76 -14.63 67.21
N PRO I 178 3.77 -14.27 65.93
CA PRO I 178 3.92 -15.29 64.88
C PRO I 178 5.30 -15.92 64.89
N ALA I 179 5.37 -17.10 64.29
CA ALA I 179 6.61 -17.87 64.25
C ALA I 179 7.54 -17.40 63.14
N VAL I 180 8.83 -17.56 63.39
CA VAL I 180 9.87 -17.32 62.39
C VAL I 180 10.53 -18.65 62.05
N LEU I 181 10.64 -18.96 60.76
CA LEU I 181 11.31 -20.16 60.30
C LEU I 181 12.80 -19.86 60.19
N GLN I 182 13.58 -20.35 61.16
CA GLN I 182 15.01 -20.11 61.17
C GLN I 182 15.70 -20.96 60.10
N SER I 183 16.99 -20.67 59.90
CA SER I 183 17.78 -21.35 58.88
C SER I 183 17.77 -22.87 59.03
N SER I 184 17.68 -23.36 60.26
CA SER I 184 17.69 -24.81 60.50
C SER I 184 16.44 -25.51 60.00
N GLY I 185 15.41 -24.77 59.61
CA GLY I 185 14.15 -25.38 59.21
C GLY I 185 13.19 -25.62 60.35
N LEU I 186 13.35 -24.91 61.47
CA LEU I 186 12.50 -25.09 62.65
C LEU I 186 11.95 -23.74 63.07
N TYR I 187 10.68 -23.73 63.46
CA TYR I 187 10.02 -22.49 63.86
C TYR I 187 10.41 -22.08 65.28
N SER I 188 10.13 -20.81 65.59
CA SER I 188 10.36 -20.26 66.92
C SER I 188 9.44 -19.08 67.11
N LEU I 189 8.88 -18.96 68.32
CA LEU I 189 8.01 -17.82 68.62
C LEU I 189 8.17 -17.43 70.08
N SER I 190 7.62 -16.27 70.43
CA SER I 190 7.67 -15.75 71.78
C SER I 190 6.28 -15.29 72.17
N SER I 191 6.06 -15.20 73.48
CA SER I 191 4.81 -14.71 74.03
C SER I 191 5.12 -13.88 75.27
N VAL I 192 4.65 -12.63 75.29
CA VAL I 192 4.94 -11.74 76.41
C VAL I 192 3.62 -11.29 77.04
N VAL I 193 3.75 -10.82 78.28
CA VAL I 193 2.65 -10.24 79.03
C VAL I 193 3.19 -9.03 79.76
N THR I 194 2.47 -7.92 79.72
CA THR I 194 2.86 -6.70 80.40
C THR I 194 2.13 -6.63 81.73
N VAL I 195 2.90 -6.44 82.81
CA VAL I 195 2.36 -6.47 84.17
C VAL I 195 3.03 -5.38 84.99
N PRO I 196 2.39 -4.95 86.08
CA PRO I 196 3.00 -3.91 86.92
C PRO I 196 4.21 -4.42 87.68
N SER I 197 5.18 -3.52 87.87
CA SER I 197 6.43 -3.91 88.52
C SER I 197 6.21 -4.36 89.96
N SER I 198 5.18 -3.85 90.62
CA SER I 198 4.91 -4.26 92.00
C SER I 198 4.40 -5.69 92.06
N SER I 199 3.67 -6.14 91.04
CA SER I 199 3.11 -7.49 91.02
C SER I 199 4.16 -8.57 90.84
N LEU I 200 5.39 -8.20 90.46
CA LEU I 200 6.42 -9.20 90.20
C LEU I 200 6.69 -10.07 91.44
N GLY I 201 6.81 -9.44 92.61
CA GLY I 201 7.11 -10.20 93.81
C GLY I 201 5.94 -11.05 94.27
N THR I 202 4.74 -10.50 94.23
CA THR I 202 3.55 -11.21 94.72
C THR I 202 3.11 -12.32 93.77
N GLN I 203 2.62 -11.95 92.60
CA GLN I 203 2.04 -12.92 91.67
C GLN I 203 3.13 -13.71 90.96
N THR I 204 2.85 -14.99 90.73
CA THR I 204 3.72 -15.87 89.97
C THR I 204 3.21 -15.99 88.53
N TYR I 205 4.13 -16.09 87.58
CA TYR I 205 3.79 -16.16 86.17
C TYR I 205 4.36 -17.44 85.57
N ILE I 206 3.48 -18.26 85.00
CA ILE I 206 3.84 -19.49 84.31
C ILE I 206 3.15 -19.48 82.96
N CYS I 207 3.89 -19.79 81.90
CA CYS I 207 3.32 -19.88 80.56
C CYS I 207 3.11 -21.35 80.20
N ASN I 208 1.99 -21.61 79.54
CA ASN I 208 1.61 -22.97 79.15
C ASN I 208 1.78 -23.07 77.64
N VAL I 209 2.90 -23.64 77.22
CA VAL I 209 3.19 -23.82 75.80
C VAL I 209 2.64 -25.18 75.37
N ASN I 210 1.85 -25.19 74.30
CA ASN I 210 1.20 -26.40 73.82
C ASN I 210 1.52 -26.58 72.34
N HIS I 211 2.10 -27.72 71.99
CA HIS I 211 2.46 -28.05 70.61
C HIS I 211 1.80 -29.40 70.30
N LYS I 212 0.55 -29.33 69.83
CA LYS I 212 -0.23 -30.55 69.58
C LYS I 212 0.39 -31.51 68.58
N PRO I 213 1.01 -31.07 67.47
CA PRO I 213 1.57 -32.06 66.53
C PRO I 213 2.67 -32.93 67.13
N SER I 214 3.37 -32.45 68.16
CA SER I 214 4.32 -33.28 68.90
C SER I 214 3.71 -33.88 70.15
N ASN I 215 2.44 -33.58 70.44
CA ASN I 215 1.77 -34.01 71.67
C ASN I 215 2.58 -33.57 72.89
N THR I 216 3.05 -32.32 72.85
CA THR I 216 3.90 -31.75 73.87
C THR I 216 3.19 -30.56 74.53
N LYS I 217 3.30 -30.48 75.84
CA LYS I 217 2.71 -29.38 76.62
C LYS I 217 3.67 -29.05 77.75
N VAL I 218 4.29 -27.87 77.68
CA VAL I 218 5.31 -27.46 78.63
C VAL I 218 4.79 -26.29 79.44
N ASP I 219 5.12 -26.29 80.74
CA ASP I 219 4.81 -25.18 81.64
C ASP I 219 6.12 -24.64 82.18
N LYS I 220 6.37 -23.36 81.93
CA LYS I 220 7.62 -22.70 82.32
C LYS I 220 7.31 -21.54 83.26
N ARG I 221 7.99 -21.54 84.40
CA ARG I 221 7.83 -20.46 85.38
C ARG I 221 8.87 -19.39 85.11
N VAL I 222 8.40 -18.15 84.98
CA VAL I 222 9.27 -17.01 84.72
C VAL I 222 9.46 -16.25 86.03
N GLU I 223 10.71 -16.14 86.47
CA GLU I 223 11.06 -15.44 87.69
C GLU I 223 12.08 -14.34 87.41
N PRO I 224 12.07 -13.26 88.19
CA PRO I 224 12.95 -12.13 87.89
C PRO I 224 14.41 -12.48 88.06
N LYS I 225 15.27 -11.56 87.62
CA LYS I 225 16.72 -11.71 87.65
C LYS I 225 17.24 -11.92 89.08
N SER J 3 19.34 -7.58 45.22
CA SER J 3 19.10 -6.83 44.00
C SER J 3 17.68 -6.29 43.95
N ALA J 4 17.10 -5.97 45.10
CA ALA J 4 15.72 -5.53 45.14
C ALA J 4 15.63 -4.03 44.90
N LEU J 5 14.40 -3.54 44.81
CA LEU J 5 14.12 -2.12 44.64
C LEU J 5 13.74 -1.50 45.99
N THR J 6 14.29 -0.33 46.27
CA THR J 6 14.11 0.32 47.56
C THR J 6 12.71 0.94 47.63
N GLN J 7 11.87 0.39 48.51
CA GLN J 7 10.54 0.90 48.79
C GLN J 7 10.45 1.32 50.26
N PRO J 8 9.60 2.28 50.59
CA PRO J 8 9.37 2.61 51.99
C PRO J 8 8.66 1.48 52.71
N ALA J 9 9.02 1.31 53.99
CA ALA J 9 8.38 0.27 54.79
C ALA J 9 6.89 0.53 54.92
N SER J 10 6.51 1.80 55.12
CA SER J 10 5.09 2.15 55.23
C SER J 10 4.88 3.59 54.82
N VAL J 11 3.67 3.87 54.35
CA VAL J 11 3.16 5.22 54.20
C VAL J 11 1.78 5.26 54.83
N SER J 12 1.46 6.38 55.45
CA SER J 12 0.19 6.53 56.16
C SER J 12 -0.48 7.83 55.73
N GLY J 13 -1.79 7.87 55.90
CA GLY J 13 -2.55 9.05 55.52
C GLY J 13 -3.96 9.04 56.07
N SER J 14 -4.47 10.21 56.41
CA SER J 14 -5.84 10.32 56.88
C SER J 14 -6.80 10.12 55.70
N PRO J 15 -8.02 9.66 55.97
CA PRO J 15 -8.97 9.43 54.87
C PRO J 15 -9.26 10.72 54.09
N GLY J 16 -9.29 10.58 52.77
CA GLY J 16 -9.47 11.70 51.88
C GLY J 16 -8.19 12.34 51.38
N GLN J 17 -7.06 12.04 52.01
CA GLN J 17 -5.79 12.66 51.63
C GLN J 17 -5.12 11.93 50.49
N SER J 18 -4.13 12.61 49.91
CA SER J 18 -3.29 12.05 48.88
C SER J 18 -1.95 11.62 49.48
N ILE J 19 -1.47 10.46 49.06
CA ILE J 19 -0.22 9.89 49.52
C ILE J 19 0.52 9.35 48.29
N THR J 20 1.83 9.23 48.44
CA THR J 20 2.66 8.73 47.34
C THR J 20 3.62 7.68 47.88
N ILE J 21 3.82 6.63 47.09
CA ILE J 21 4.71 5.52 47.45
C ILE J 21 5.90 5.56 46.51
N SER J 22 7.09 5.67 47.08
CA SER J 22 8.31 5.73 46.29
C SER J 22 8.76 4.33 45.88
N CYS J 23 9.58 4.28 44.82
CA CYS J 23 10.14 3.03 44.33
C CYS J 23 11.43 3.41 43.60
N THR J 24 12.56 3.22 44.27
CA THR J 24 13.84 3.69 43.76
C THR J 24 14.70 2.52 43.28
N GLY J 25 15.30 2.69 42.10
CA GLY J 25 16.21 1.71 41.56
C GLY J 25 17.42 2.37 40.94
N THR J 26 18.03 1.73 39.96
CA THR J 26 19.19 2.28 39.26
C THR J 26 18.85 2.47 37.79
N GLY J 27 19.77 3.12 37.07
CA GLY J 27 19.63 3.21 35.62
C GLY J 27 19.58 1.86 34.94
N SER J 28 20.11 0.83 35.59
CA SER J 28 20.11 -0.51 35.02
C SER J 28 18.71 -1.09 34.90
N ASP J 29 17.76 -0.65 35.74
CA ASP J 29 16.40 -1.15 35.64
C ASP J 29 15.38 -0.04 35.37
N ILE J 30 15.01 0.71 36.40
CA ILE J 30 13.97 1.74 36.25
C ILE J 30 14.46 2.87 35.34
N GLY J 31 15.74 3.26 35.47
CA GLY J 31 16.25 4.32 34.63
C GLY J 31 16.33 3.96 33.17
N GLY J 32 16.46 2.66 32.87
CA GLY J 32 16.61 2.21 31.50
C GLY J 32 15.34 1.81 30.78
N TYR J 33 14.23 1.65 31.48
CA TYR J 33 12.98 1.22 30.86
C TYR J 33 11.80 1.99 31.45
N ASN J 34 10.76 2.13 30.63
CA ASN J 34 9.47 2.65 31.07
C ASN J 34 8.45 1.53 31.28
N PHE J 35 8.85 0.48 31.99
CA PHE J 35 7.99 -0.67 32.21
C PHE J 35 7.80 -0.95 33.70
N VAL J 36 7.49 0.10 34.46
CA VAL J 36 7.23 -0.03 35.89
C VAL J 36 5.78 -0.41 36.10
N SER J 37 5.54 -1.40 36.97
CA SER J 37 4.19 -1.83 37.30
C SER J 37 3.99 -1.78 38.81
N TRP J 38 2.72 -1.68 39.22
CA TRP J 38 2.33 -1.60 40.62
C TRP J 38 1.26 -2.64 40.93
N TYR J 39 1.39 -3.31 42.07
CA TYR J 39 0.46 -4.34 42.47
C TYR J 39 -0.09 -4.07 43.87
N GLN J 40 -1.36 -4.41 44.07
CA GLN J 40 -2.05 -4.26 45.34
C GLN J 40 -2.39 -5.64 45.87
N GLN J 41 -1.89 -5.97 47.06
CA GLN J 41 -2.07 -7.28 47.65
C GLN J 41 -2.77 -7.13 48.99
N TYR J 42 -4.01 -7.60 49.06
CA TYR J 42 -4.70 -7.73 50.32
C TYR J 42 -4.16 -8.93 51.09
N PRO J 43 -4.31 -8.94 52.42
CA PRO J 43 -3.82 -10.09 53.19
C PRO J 43 -4.49 -11.39 52.77
N GLY J 44 -3.68 -12.42 52.56
CA GLY J 44 -4.19 -13.70 52.13
C GLY J 44 -4.72 -13.74 50.71
N LYS J 45 -4.27 -12.84 49.85
CA LYS J 45 -4.74 -12.78 48.47
C LYS J 45 -3.55 -12.60 47.53
N ALA J 46 -3.79 -12.90 46.26
CA ALA J 46 -2.79 -12.75 45.22
C ALA J 46 -2.65 -11.28 44.83
N PRO J 47 -1.47 -10.88 44.35
CA PRO J 47 -1.29 -9.47 43.95
C PRO J 47 -2.18 -9.10 42.76
N LYS J 48 -2.78 -7.92 42.86
CA LYS J 48 -3.66 -7.39 41.81
C LYS J 48 -2.93 -6.26 41.10
N LEU J 49 -2.82 -6.39 39.78
CA LEU J 49 -2.16 -5.35 38.98
C LEU J 49 -3.01 -4.08 38.95
N ILE J 50 -2.41 -2.96 39.31
CA ILE J 50 -3.07 -1.66 39.36
C ILE J 50 -2.56 -0.74 38.24
N ILE J 51 -1.24 -0.63 38.09
CA ILE J 51 -0.63 0.21 37.07
C ILE J 51 0.46 -0.59 36.37
N TYR J 52 0.56 -0.43 35.06
CA TYR J 52 1.62 -1.01 34.26
C TYR J 52 2.13 0.03 33.27
N GLU J 53 3.36 -0.16 32.81
CA GLU J 53 4.03 0.79 31.92
C GLU J 53 4.03 2.19 32.52
N VAL J 54 4.37 2.26 33.81
CA VAL J 54 4.61 3.49 34.55
C VAL J 54 3.31 4.25 34.85
N ARG J 55 2.51 4.54 33.82
CA ARG J 55 1.35 5.41 33.98
C ARG J 55 0.01 4.76 33.72
N ILE J 56 -0.04 3.67 32.96
CA ILE J 56 -1.32 3.14 32.47
C ILE J 56 -2.00 2.36 33.59
N ARG J 57 -3.28 2.66 33.80
CA ARG J 57 -4.07 1.92 34.78
C ARG J 57 -4.60 0.62 34.16
N ALA J 58 -4.76 -0.39 34.99
CA ALA J 58 -5.39 -1.63 34.57
C ALA J 58 -6.89 -1.48 34.54
N SER J 59 -7.56 -2.46 33.93
CA SER J 59 -9.01 -2.43 33.79
C SER J 59 -9.69 -2.40 35.15
N GLY J 60 -10.63 -1.48 35.33
CA GLY J 60 -11.38 -1.37 36.56
C GLY J 60 -10.71 -0.59 37.67
N VAL J 61 -9.43 -0.25 37.52
CA VAL J 61 -8.72 0.48 38.57
C VAL J 61 -9.23 1.91 38.62
N SER J 62 -9.55 2.38 39.83
CA SER J 62 -10.05 3.72 40.01
C SER J 62 -9.06 4.76 39.49
N ASN J 63 -9.60 5.86 38.98
CA ASN J 63 -8.76 6.96 38.53
C ASN J 63 -8.03 7.66 39.68
N ARG J 64 -8.35 7.32 40.92
CA ARG J 64 -7.61 7.87 42.05
C ARG J 64 -6.15 7.41 42.06
N PHE J 65 -5.87 6.24 41.49
CA PHE J 65 -4.51 5.72 41.40
C PHE J 65 -3.81 6.33 40.19
N SER J 66 -2.60 6.83 40.40
CA SER J 66 -1.82 7.44 39.33
C SER J 66 -0.36 7.07 39.46
N GLY J 67 0.28 6.82 38.32
CA GLY J 67 1.68 6.42 38.29
C GLY J 67 2.55 7.46 37.60
N SER J 68 3.76 7.63 38.13
CA SER J 68 4.72 8.60 37.59
C SER J 68 6.12 8.02 37.67
N LYS J 69 7.08 8.71 37.06
CA LYS J 69 8.47 8.31 37.12
C LYS J 69 9.35 9.54 36.91
N SER J 70 10.41 9.63 37.70
CA SER J 70 11.39 10.71 37.57
C SER J 70 12.78 10.12 37.79
N GLY J 71 13.54 10.01 36.71
CA GLY J 71 14.88 9.45 36.81
C GLY J 71 14.89 7.99 37.19
N ASN J 72 15.45 7.70 38.37
CA ASN J 72 15.55 6.34 38.87
C ASN J 72 14.48 6.01 39.91
N THR J 73 13.43 6.83 40.00
CA THR J 73 12.40 6.65 41.02
C THR J 73 11.02 6.68 40.38
N ALA J 74 10.22 5.66 40.67
CA ALA J 74 8.83 5.60 40.25
C ALA J 74 7.93 5.86 41.46
N SER J 75 6.78 6.47 41.22
CA SER J 75 5.89 6.90 42.29
C SER J 75 4.45 6.48 41.99
N LEU J 76 3.82 5.85 42.98
CA LEU J 76 2.39 5.52 42.94
C LEU J 76 1.66 6.46 43.86
N THR J 77 0.78 7.28 43.31
CA THR J 77 0.02 8.27 44.08
C THR J 77 -1.43 7.85 44.19
N ILE J 78 -2.00 7.99 45.38
CA ILE J 78 -3.39 7.65 45.65
C ILE J 78 -4.05 8.87 46.27
N SER J 79 -5.01 9.44 45.56
CA SER J 79 -5.80 10.55 46.06
C SER J 79 -7.15 10.05 46.57
N GLY J 80 -7.75 10.83 47.46
CA GLY J 80 -9.01 10.46 48.04
C GLY J 80 -8.92 9.12 48.77
N LEU J 81 -8.00 9.02 49.71
CA LEU J 81 -7.74 7.78 50.43
C LEU J 81 -9.02 7.22 51.03
N GLN J 82 -9.26 5.93 50.82
CA GLN J 82 -10.41 5.23 51.36
C GLN J 82 -9.91 4.02 52.14
N ALA J 83 -10.76 3.54 53.04
CA ALA J 83 -10.38 2.40 53.88
C ALA J 83 -10.01 1.19 53.04
N GLU J 84 -10.71 0.97 51.92
CA GLU J 84 -10.43 -0.17 51.06
C GLU J 84 -9.01 -0.14 50.48
N ASP J 85 -8.35 1.01 50.47
CA ASP J 85 -7.02 1.11 49.89
C ASP J 85 -5.92 0.59 50.81
N GLU J 86 -6.22 0.32 52.08
CA GLU J 86 -5.22 -0.16 53.02
C GLU J 86 -4.79 -1.57 52.64
N ALA J 87 -3.57 -1.69 52.11
CA ALA J 87 -3.03 -2.98 51.67
C ALA J 87 -1.52 -2.83 51.54
N ASP J 88 -0.89 -3.90 51.05
CA ASP J 88 0.52 -3.90 50.72
C ASP J 88 0.69 -3.61 49.23
N TYR J 89 1.65 -2.75 48.90
CA TYR J 89 1.86 -2.31 47.52
C TYR J 89 3.29 -2.62 47.09
N TYR J 90 3.43 -3.28 45.95
CA TYR J 90 4.73 -3.66 45.40
C TYR J 90 4.90 -3.06 44.02
N CYS J 91 6.13 -2.66 43.71
CA CYS J 91 6.51 -2.18 42.39
C CYS J 91 7.48 -3.15 41.74
N ASN J 92 7.45 -3.22 40.41
CA ASN J 92 8.38 -4.06 39.67
C ASN J 92 8.71 -3.41 38.34
N SER J 93 9.83 -3.82 37.75
CA SER J 93 10.33 -3.17 36.55
C SER J 93 11.13 -4.15 35.71
N TYR J 94 11.21 -3.84 34.42
CA TYR J 94 12.14 -4.51 33.53
C TYR J 94 13.56 -4.31 34.05
N SER J 95 14.43 -5.28 33.76
CA SER J 95 15.82 -5.18 34.18
C SER J 95 16.73 -5.72 33.08
N ILE J 96 17.95 -5.19 33.03
CA ILE J 96 18.95 -5.72 32.10
C ILE J 96 19.37 -7.12 32.49
N HIS J 97 19.28 -7.47 33.78
CA HIS J 97 19.78 -8.74 34.28
C HIS J 97 18.71 -9.82 34.37
N SER J 98 17.46 -9.46 34.61
CA SER J 98 16.37 -10.43 34.75
C SER J 98 15.11 -9.84 34.15
N PRO J 99 14.15 -10.70 33.76
CA PRO J 99 12.90 -10.17 33.20
C PRO J 99 12.15 -9.22 34.13
N TRP J 100 12.10 -9.54 35.42
CA TRP J 100 11.45 -8.67 36.39
C TRP J 100 12.31 -8.53 37.63
N VAL J 101 12.16 -7.40 38.32
CA VAL J 101 12.79 -7.16 39.61
C VAL J 101 11.76 -6.46 40.49
N PHE J 102 11.47 -7.02 41.65
CA PHE J 102 10.42 -6.52 42.53
C PHE J 102 11.01 -5.66 43.65
N GLY J 103 10.13 -4.83 44.23
CA GLY J 103 10.48 -4.06 45.42
C GLY J 103 10.15 -4.79 46.71
N GLY J 104 10.70 -4.27 47.80
CA GLY J 104 10.46 -4.87 49.11
C GLY J 104 9.01 -4.84 49.54
N GLY J 105 8.28 -3.81 49.16
CA GLY J 105 6.89 -3.68 49.52
C GLY J 105 6.65 -2.55 50.50
N THR J 106 5.42 -2.02 50.47
CA THR J 106 5.03 -0.89 51.30
C THR J 106 3.65 -1.16 51.88
N LYS J 107 3.52 -0.97 53.20
CA LYS J 107 2.22 -1.10 53.86
C LYS J 107 1.55 0.27 53.95
N LEU J 108 0.55 0.48 53.10
CA LEU J 108 -0.24 1.70 53.16
C LEU J 108 -1.28 1.58 54.26
N THR J 109 -1.29 2.54 55.19
CA THR J 109 -2.22 2.54 56.31
C THR J 109 -3.11 3.77 56.23
N VAL J 110 -4.42 3.54 56.17
CA VAL J 110 -5.41 4.61 56.23
C VAL J 110 -5.68 4.85 57.70
N LEU J 111 -5.04 5.87 58.26
CA LEU J 111 -5.07 6.12 59.70
C LEU J 111 -6.49 6.20 60.25
N ARG J 112 -6.71 5.47 61.34
CA ARG J 112 -7.95 5.51 62.08
C ARG J 112 -7.71 5.69 63.57
N GLN J 113 -6.46 5.83 63.98
CA GLN J 113 -6.03 6.06 65.35
C GLN J 113 -4.91 7.07 65.32
N PRO J 114 -4.62 7.72 66.46
CA PRO J 114 -3.40 8.55 66.52
C PRO J 114 -2.16 7.67 66.55
N LYS J 115 -1.11 8.15 65.89
CA LYS J 115 0.14 7.40 65.78
C LYS J 115 0.69 7.09 67.16
N ALA J 116 0.98 5.81 67.40
CA ALA J 116 1.50 5.32 68.67
C ALA J 116 2.96 4.92 68.51
N ALA J 117 3.81 5.41 69.41
CA ALA J 117 5.22 5.03 69.38
C ALA J 117 5.42 3.64 69.98
N PRO J 118 6.35 2.86 69.45
CA PRO J 118 6.54 1.49 69.92
C PRO J 118 7.26 1.41 71.26
N SER J 119 6.95 0.35 72.01
CA SER J 119 7.57 0.07 73.30
C SER J 119 8.50 -1.12 73.13
N VAL J 120 9.80 -0.84 73.06
CA VAL J 120 10.80 -1.86 72.78
C VAL J 120 11.31 -2.45 74.09
N THR J 121 11.47 -3.78 74.10
CA THR J 121 12.01 -4.49 75.26
C THR J 121 12.98 -5.55 74.74
N LEU J 122 14.24 -5.43 75.10
CA LEU J 122 15.29 -6.33 74.63
C LEU J 122 15.68 -7.28 75.76
N PHE J 123 15.60 -8.59 75.49
CA PHE J 123 15.94 -9.61 76.47
C PHE J 123 17.29 -10.22 76.14
N PRO J 124 18.17 -10.38 77.13
CA PRO J 124 19.42 -11.08 76.89
C PRO J 124 19.19 -12.58 76.90
N PRO J 125 20.14 -13.38 76.44
CA PRO J 125 19.97 -14.84 76.51
C PRO J 125 19.83 -15.29 77.96
N SER J 126 18.81 -16.09 78.22
CA SER J 126 18.56 -16.58 79.57
C SER J 126 19.66 -17.55 79.99
N SER J 127 19.87 -17.63 81.31
CA SER J 127 20.86 -18.56 81.84
C SER J 127 20.54 -20.00 81.45
N GLU J 128 19.25 -20.33 81.39
CA GLU J 128 18.85 -21.68 81.01
C GLU J 128 19.23 -21.98 79.55
N GLU J 129 19.16 -20.96 78.69
CA GLU J 129 19.55 -21.16 77.29
C GLU J 129 21.07 -21.23 77.14
N LEU J 130 21.82 -20.50 77.96
CA LEU J 130 23.28 -20.50 77.83
C LEU J 130 23.88 -21.83 78.28
N GLN J 131 23.36 -22.41 79.36
CA GLN J 131 23.85 -23.71 79.79
C GLN J 131 23.49 -24.82 78.81
N ALA J 132 22.61 -24.54 77.84
CA ALA J 132 22.36 -25.44 76.72
C ALA J 132 23.22 -25.11 75.52
N ASN J 133 24.24 -24.28 75.69
CA ASN J 133 25.18 -23.90 74.62
C ASN J 133 24.45 -23.22 73.46
N LYS J 134 23.52 -22.33 73.78
CA LYS J 134 22.80 -21.55 72.78
C LYS J 134 22.63 -20.13 73.29
N ALA J 135 22.40 -19.20 72.37
CA ALA J 135 22.21 -17.81 72.70
C ALA J 135 21.29 -17.17 71.69
N THR J 136 20.24 -16.52 72.18
CA THR J 136 19.27 -15.85 71.31
C THR J 136 18.80 -14.58 71.99
N LEU J 137 18.94 -13.45 71.30
CA LEU J 137 18.47 -12.17 71.78
C LEU J 137 17.08 -11.91 71.21
N VAL J 138 16.12 -11.67 72.10
CA VAL J 138 14.71 -11.48 71.72
C VAL J 138 14.36 -10.01 71.91
N CYS J 139 13.99 -9.35 70.82
CA CYS J 139 13.57 -7.94 70.83
C CYS J 139 12.09 -7.88 70.51
N LEU J 140 11.30 -7.42 71.47
CA LEU J 140 9.83 -7.44 71.38
C LEU J 140 9.31 -6.01 71.31
N ILE J 141 8.71 -5.66 70.18
CA ILE J 141 8.20 -4.33 69.90
C ILE J 141 6.69 -4.39 69.93
N SER J 142 6.06 -3.52 70.73
CA SER J 142 4.62 -3.60 70.94
C SER J 142 4.02 -2.21 71.06
N ASP J 143 2.69 -2.15 70.85
CA ASP J 143 1.88 -0.94 71.04
C ASP J 143 2.32 0.20 70.12
N PHE J 144 2.43 -0.11 68.82
CA PHE J 144 2.72 0.92 67.84
C PHE J 144 1.65 0.95 66.76
N TYR J 145 1.47 2.13 66.18
CA TYR J 145 0.53 2.36 65.08
C TYR J 145 1.08 3.50 64.23
N PRO J 146 1.08 3.34 62.89
CA PRO J 146 0.57 2.19 62.14
C PRO J 146 1.47 0.95 62.23
N GLY J 147 0.96 -0.18 61.76
CA GLY J 147 1.65 -1.44 61.90
C GLY J 147 2.78 -1.70 60.92
N ALA J 148 3.90 -1.00 61.10
CA ALA J 148 5.07 -1.22 60.25
C ALA J 148 6.29 -0.64 60.95
N VAL J 149 7.30 -1.48 61.18
CA VAL J 149 8.55 -1.07 61.81
C VAL J 149 9.70 -1.72 61.04
N THR J 150 10.91 -1.25 61.31
CA THR J 150 12.11 -1.86 60.74
C THR J 150 13.17 -1.96 61.84
N VAL J 151 13.70 -3.16 62.04
CA VAL J 151 14.64 -3.43 63.12
C VAL J 151 16.05 -3.51 62.54
N ALA J 152 17.02 -3.10 63.35
CA ALA J 152 18.42 -3.18 62.98
C ALA J 152 19.22 -3.56 64.22
N TRP J 153 20.03 -4.60 64.09
CA TRP J 153 20.83 -5.11 65.20
C TRP J 153 22.26 -4.61 65.06
N LYS J 154 22.86 -4.21 66.18
CA LYS J 154 24.23 -3.75 66.17
C LYS J 154 24.99 -4.34 67.35
N ALA J 155 26.22 -4.77 67.11
CA ALA J 155 27.14 -5.28 68.12
C ALA J 155 28.38 -4.40 68.15
N ASP J 156 28.67 -3.82 69.32
CA ASP J 156 29.81 -2.92 69.48
C ASP J 156 29.77 -1.78 68.46
N SER J 157 28.59 -1.17 68.34
CA SER J 157 28.36 -0.05 67.42
C SER J 157 28.63 -0.44 65.97
N SER J 158 28.44 -1.72 65.65
CA SER J 158 28.66 -2.22 64.30
C SER J 158 27.43 -3.00 63.85
N PRO J 159 26.89 -2.73 62.66
CA PRO J 159 25.65 -3.38 62.25
C PRO J 159 25.83 -4.88 62.09
N VAL J 160 24.84 -5.63 62.56
CA VAL J 160 24.81 -7.08 62.45
C VAL J 160 23.63 -7.46 61.57
N LYS J 161 23.90 -8.25 60.53
CA LYS J 161 22.86 -8.69 59.61
C LYS J 161 22.70 -10.21 59.55
N ALA J 162 23.72 -10.97 59.92
CA ALA J 162 23.63 -12.43 59.88
C ALA J 162 22.94 -12.95 61.14
N GLY J 163 22.03 -13.90 60.93
CA GLY J 163 21.32 -14.51 62.04
C GLY J 163 20.17 -13.72 62.59
N VAL J 164 19.63 -12.77 61.82
CA VAL J 164 18.52 -11.93 62.25
C VAL J 164 17.26 -12.36 61.52
N GLU J 165 16.20 -12.63 62.28
CA GLU J 165 14.90 -12.97 61.72
C GLU J 165 13.84 -12.14 62.44
N THR J 166 12.91 -11.58 61.68
CA THR J 166 11.91 -10.66 62.21
C THR J 166 10.53 -11.01 61.69
N THR J 167 9.52 -10.84 62.55
CA THR J 167 8.13 -11.06 62.21
C THR J 167 7.53 -9.79 61.60
N THR J 168 6.49 -9.98 60.79
CA THR J 168 5.75 -8.83 60.32
C THR J 168 4.73 -8.40 61.39
N PRO J 169 4.54 -7.10 61.58
CA PRO J 169 3.67 -6.62 62.66
C PRO J 169 2.27 -7.23 62.59
N SER J 170 1.81 -7.72 63.73
CA SER J 170 0.49 -8.33 63.86
C SER J 170 -0.35 -7.52 64.84
N LYS J 171 -1.66 -7.46 64.56
CA LYS J 171 -2.56 -6.66 65.37
C LYS J 171 -2.70 -7.24 66.77
N GLN J 172 -2.75 -6.37 67.77
CA GLN J 172 -2.94 -6.79 69.16
C GLN J 172 -4.42 -6.80 69.51
N SER J 173 -4.71 -7.11 70.77
CA SER J 173 -6.09 -7.05 71.24
C SER J 173 -6.63 -5.63 71.23
N ASN J 174 -5.77 -4.64 71.49
CA ASN J 174 -6.17 -3.23 71.54
C ASN J 174 -6.02 -2.52 70.19
N ASN J 175 -6.13 -3.26 69.08
CA ASN J 175 -6.10 -2.72 67.73
C ASN J 175 -4.77 -2.06 67.37
N LYS J 176 -3.79 -2.08 68.27
CA LYS J 176 -2.45 -1.65 67.94
C LYS J 176 -1.67 -2.83 67.36
N TYR J 177 -0.40 -2.58 67.01
CA TYR J 177 0.41 -3.58 66.33
C TYR J 177 1.66 -3.91 67.15
N ALA J 178 2.22 -5.09 66.89
CA ALA J 178 3.39 -5.58 67.60
C ALA J 178 4.19 -6.50 66.69
N ALA J 179 5.50 -6.55 66.92
CA ALA J 179 6.40 -7.37 66.13
C ALA J 179 7.54 -7.87 67.01
N SER J 180 8.33 -8.79 66.46
CA SER J 180 9.44 -9.42 67.18
C SER J 180 10.63 -9.60 66.26
N SER J 181 11.83 -9.37 66.79
CA SER J 181 13.07 -9.63 66.08
C SER J 181 14.01 -10.45 66.96
N TYR J 182 14.66 -11.44 66.36
CA TYR J 182 15.56 -12.34 67.05
C TYR J 182 16.95 -12.28 66.44
N LEU J 183 17.97 -12.29 67.30
CA LEU J 183 19.36 -12.36 66.89
C LEU J 183 19.96 -13.59 67.55
N SER J 184 20.16 -14.64 66.77
CA SER J 184 20.72 -15.89 67.27
C SER J 184 22.24 -15.82 67.22
N LEU J 185 22.88 -16.18 68.33
CA LEU J 185 24.34 -16.14 68.45
C LEU J 185 24.83 -17.42 69.08
N THR J 186 26.16 -17.56 69.15
CA THR J 186 26.79 -18.59 69.97
C THR J 186 27.16 -18.00 71.33
N PRO J 187 27.23 -18.82 72.38
CA PRO J 187 27.64 -18.28 73.69
C PRO J 187 28.99 -17.58 73.65
N GLU J 188 29.89 -17.99 72.75
CA GLU J 188 31.15 -17.25 72.58
C GLU J 188 30.90 -15.86 72.02
N GLN J 189 30.10 -15.76 70.95
CA GLN J 189 29.78 -14.47 70.36
C GLN J 189 29.14 -13.53 71.38
N TRP J 190 28.27 -14.05 72.23
CA TRP J 190 27.59 -13.23 73.23
C TRP J 190 28.58 -12.61 74.20
N LYS J 191 29.54 -13.41 74.69
CA LYS J 191 30.52 -12.91 75.64
C LYS J 191 31.67 -12.16 74.98
N SER J 192 31.86 -12.33 73.67
CA SER J 192 32.98 -11.71 72.96
C SER J 192 32.70 -10.27 72.55
N HIS J 193 31.69 -9.62 73.11
CA HIS J 193 31.35 -8.26 72.72
C HIS J 193 30.98 -7.45 73.95
N ARG J 194 31.16 -6.13 73.85
CA ARG J 194 30.80 -5.25 74.96
C ARG J 194 29.29 -5.15 75.10
N SER J 195 28.57 -4.88 74.01
CA SER J 195 27.15 -4.62 74.08
C SER J 195 26.46 -5.01 72.78
N TYR J 196 25.18 -5.36 72.89
CA TYR J 196 24.32 -5.66 71.75
C TYR J 196 23.10 -4.75 71.80
N SER J 197 22.70 -4.24 70.63
CA SER J 197 21.64 -3.24 70.56
C SER J 197 20.56 -3.65 69.56
N CYS J 198 19.32 -3.36 69.91
CA CYS J 198 18.17 -3.52 69.03
C CYS J 198 17.62 -2.14 68.71
N GLN J 199 17.60 -1.80 67.42
CA GLN J 199 17.28 -0.45 66.96
C GLN J 199 16.03 -0.52 66.09
N VAL J 200 14.92 0.02 66.61
CA VAL J 200 13.60 -0.08 65.98
C VAL J 200 13.23 1.27 65.41
N THR J 201 13.00 1.33 64.10
CA THR J 201 12.60 2.55 63.41
C THR J 201 11.11 2.48 63.08
N HIS J 202 10.33 3.40 63.65
CA HIS J 202 8.90 3.47 63.40
C HIS J 202 8.53 4.91 63.03
N GLU J 203 8.07 5.10 61.79
CA GLU J 203 7.64 6.40 61.29
C GLU J 203 8.73 7.47 61.53
N GLY J 204 9.90 7.20 60.96
CA GLY J 204 11.01 8.13 61.03
C GLY J 204 11.77 8.17 62.34
N SER J 205 11.08 8.10 63.46
CA SER J 205 11.74 8.06 64.76
C SER J 205 12.15 6.64 65.11
N THR J 206 13.29 6.51 65.79
CA THR J 206 13.85 5.21 66.12
C THR J 206 14.07 5.09 67.63
N VAL J 207 13.87 3.88 68.14
CA VAL J 207 14.07 3.55 69.54
C VAL J 207 15.15 2.48 69.62
N GLU J 208 16.07 2.63 70.57
CA GLU J 208 17.17 1.67 70.73
C GLU J 208 17.25 1.20 72.17
N LYS J 209 17.53 -0.09 72.33
CA LYS J 209 17.74 -0.72 73.64
C LYS J 209 19.01 -1.54 73.57
N THR J 210 19.76 -1.60 74.67
CA THR J 210 21.07 -2.25 74.68
C THR J 210 21.16 -3.24 75.83
N VAL J 211 21.93 -4.31 75.63
CA VAL J 211 22.20 -5.31 76.67
C VAL J 211 23.67 -5.68 76.64
N ALA J 212 24.16 -6.14 77.79
CA ALA J 212 25.54 -6.57 77.94
C ALA J 212 25.60 -7.73 78.92
N PRO J 213 26.58 -8.64 78.78
CA PRO J 213 26.76 -9.73 79.74
C PRO J 213 27.51 -9.27 80.98
N GLU K 2 29.64 -21.25 -7.09
CA GLU K 2 29.95 -20.42 -8.25
C GLU K 2 29.08 -20.79 -9.45
N VAL K 3 28.42 -19.78 -10.02
CA VAL K 3 27.57 -19.97 -11.19
C VAL K 3 28.45 -20.24 -12.41
N GLN K 4 28.16 -21.34 -13.12
CA GLN K 4 28.97 -21.69 -14.28
C GLN K 4 28.15 -22.47 -15.30
N LEU K 5 28.71 -22.58 -16.50
CA LEU K 5 28.13 -23.33 -17.61
C LEU K 5 29.19 -24.27 -18.16
N VAL K 6 28.84 -25.54 -18.34
CA VAL K 6 29.79 -26.57 -18.75
C VAL K 6 29.40 -27.03 -20.15
N GLN K 7 30.26 -26.74 -21.13
CA GLN K 7 30.00 -27.07 -22.52
C GLN K 7 30.56 -28.45 -22.87
N SER K 8 30.13 -28.96 -24.02
CA SER K 8 30.60 -30.25 -24.51
C SER K 8 30.16 -30.43 -25.96
N GLY K 9 30.91 -31.26 -26.68
CA GLY K 9 30.49 -31.73 -28.00
C GLY K 9 31.02 -31.03 -29.22
N GLY K 10 32.31 -30.68 -29.23
CA GLY K 10 32.92 -30.08 -30.41
C GLY K 10 33.38 -31.12 -31.42
N GLY K 11 34.61 -31.00 -31.88
CA GLY K 11 35.24 -32.01 -32.70
C GLY K 11 35.37 -31.61 -34.16
N LEU K 12 35.84 -32.57 -34.96
CA LEU K 12 36.08 -32.40 -36.38
C LEU K 12 34.89 -32.92 -37.17
N VAL K 13 34.55 -32.21 -38.24
CA VAL K 13 33.42 -32.58 -39.09
C VAL K 13 33.74 -32.21 -40.53
N LYS K 14 33.30 -33.06 -41.46
CA LYS K 14 33.46 -32.77 -42.87
C LYS K 14 32.56 -31.60 -43.27
N ALA K 15 32.99 -30.85 -44.28
CA ALA K 15 32.19 -29.75 -44.79
C ALA K 15 30.87 -30.28 -45.33
N GLY K 16 29.77 -29.66 -44.93
CA GLY K 16 28.44 -30.14 -45.25
C GLY K 16 27.83 -31.04 -44.19
N GLY K 17 28.61 -31.49 -43.22
CA GLY K 17 28.11 -32.38 -42.18
C GLY K 17 27.31 -31.64 -41.13
N SER K 18 27.14 -32.31 -39.99
CA SER K 18 26.33 -31.78 -38.90
C SER K 18 27.04 -32.00 -37.57
N LEU K 19 26.73 -31.14 -36.60
CA LEU K 19 27.27 -31.25 -35.26
C LEU K 19 26.23 -30.77 -34.26
N ARG K 20 26.40 -31.20 -33.01
CA ARG K 20 25.49 -30.86 -31.93
C ARG K 20 26.30 -30.35 -30.75
N LEU K 21 25.94 -29.18 -30.24
CA LEU K 21 26.67 -28.53 -29.16
C LEU K 21 25.82 -28.54 -27.90
N SER K 22 26.44 -28.88 -26.77
CA SER K 22 25.74 -28.96 -25.49
C SER K 22 26.31 -27.93 -24.52
N CYS K 23 25.44 -27.42 -23.65
CA CYS K 23 25.81 -26.44 -22.64
C CYS K 23 24.95 -26.71 -21.41
N ALA K 24 25.58 -27.09 -20.31
CA ALA K 24 24.88 -27.54 -19.11
C ALA K 24 25.02 -26.50 -18.00
N ALA K 25 23.89 -26.12 -17.41
CA ALA K 25 23.87 -25.11 -16.35
C ALA K 25 24.24 -25.73 -15.01
N SER K 26 24.91 -24.94 -14.18
CA SER K 26 25.36 -25.38 -12.86
C SER K 26 25.18 -24.25 -11.87
N GLY K 27 24.35 -24.47 -10.85
CA GLY K 27 24.25 -23.54 -9.75
C GLY K 27 23.38 -22.31 -9.97
N PHE K 28 22.44 -22.36 -10.90
CA PHE K 28 21.51 -21.24 -11.06
C PHE K 28 20.23 -21.74 -11.72
N THR K 29 19.12 -21.08 -11.41
CA THR K 29 17.79 -21.44 -11.92
C THR K 29 17.75 -21.16 -13.41
N PHE K 30 18.31 -22.11 -14.17
CA PHE K 30 18.48 -22.02 -15.61
C PHE K 30 17.22 -21.56 -16.33
N SER K 31 16.04 -22.02 -15.88
CA SER K 31 14.81 -21.78 -16.63
C SER K 31 14.44 -20.30 -16.73
N THR K 32 14.96 -19.45 -15.84
CA THR K 32 14.54 -18.05 -15.82
C THR K 32 15.46 -17.13 -16.62
N TYR K 33 16.45 -17.67 -17.32
CA TYR K 33 17.41 -16.88 -18.08
C TYR K 33 17.33 -17.26 -19.55
N SER K 34 17.55 -16.28 -20.42
CA SER K 34 17.69 -16.55 -21.85
C SER K 34 19.13 -16.94 -22.15
N MET K 35 19.30 -17.83 -23.13
CA MET K 35 20.60 -18.41 -23.44
C MET K 35 21.07 -17.98 -24.82
N ASN K 36 22.37 -17.71 -24.93
CA ASN K 36 22.96 -17.21 -26.16
C ASN K 36 24.13 -18.10 -26.57
N TRP K 37 24.43 -18.08 -27.87
CA TRP K 37 25.60 -18.76 -28.44
C TRP K 37 26.47 -17.73 -29.15
N ILE K 38 27.75 -17.72 -28.84
CA ILE K 38 28.70 -16.76 -29.40
C ILE K 38 29.93 -17.51 -29.87
N ARG K 39 30.30 -17.31 -31.14
CA ARG K 39 31.46 -17.96 -31.73
C ARG K 39 32.59 -16.97 -31.94
N GLN K 40 33.81 -17.49 -31.92
CA GLN K 40 35.04 -16.69 -32.03
C GLN K 40 35.99 -17.41 -32.97
N ALA K 41 36.16 -16.88 -34.18
CA ALA K 41 37.03 -17.51 -35.17
C ALA K 41 38.47 -17.55 -34.66
N PRO K 42 39.28 -18.50 -35.15
CA PRO K 42 40.69 -18.56 -34.74
C PRO K 42 41.44 -17.25 -34.98
N GLY K 43 41.85 -16.59 -33.90
CA GLY K 43 42.53 -15.31 -34.02
C GLY K 43 41.65 -14.20 -34.55
N LYS K 44 40.39 -14.15 -34.12
CA LYS K 44 39.44 -13.14 -34.58
C LYS K 44 38.55 -12.75 -33.42
N GLY K 45 37.52 -11.95 -33.70
CA GLY K 45 36.70 -11.40 -32.65
C GLY K 45 35.49 -12.26 -32.33
N LEU K 46 34.77 -11.83 -31.28
CA LEU K 46 33.56 -12.51 -30.88
C LEU K 46 32.42 -12.13 -31.83
N GLU K 47 31.54 -13.09 -32.10
CA GLU K 47 30.38 -12.88 -32.96
C GLU K 47 29.20 -13.62 -32.37
N TRP K 48 28.15 -12.87 -32.01
CA TRP K 48 26.92 -13.49 -31.55
C TRP K 48 26.32 -14.35 -32.65
N VAL K 49 25.68 -15.45 -32.27
CA VAL K 49 25.18 -16.42 -33.24
C VAL K 49 23.68 -16.65 -33.08
N ALA K 50 23.26 -17.04 -31.88
CA ALA K 50 21.86 -17.42 -31.67
C ALA K 50 21.44 -17.07 -30.25
N SER K 51 20.12 -16.94 -30.06
CA SER K 51 19.53 -16.60 -28.78
C SER K 51 18.24 -17.39 -28.61
N ILE K 52 17.89 -17.65 -27.36
CA ILE K 52 16.63 -18.30 -27.03
C ILE K 52 16.14 -17.76 -25.70
N SER K 53 14.84 -17.49 -25.63
CA SER K 53 14.25 -16.86 -24.46
C SER K 53 14.11 -17.86 -23.31
N SER K 54 13.85 -17.32 -22.12
CA SER K 54 13.68 -18.15 -20.93
C SER K 54 12.36 -18.93 -20.98
N ARG K 55 12.28 -19.94 -20.13
CA ARG K 55 11.09 -20.81 -19.98
C ARG K 55 10.83 -21.49 -21.31
N SER K 56 9.65 -21.34 -21.92
CA SER K 56 9.46 -21.79 -23.29
C SER K 56 10.33 -20.95 -24.22
N GLY K 57 11.06 -21.62 -25.11
CA GLY K 57 11.91 -20.88 -26.02
C GLY K 57 11.13 -20.26 -27.16
N SER K 58 10.14 -19.44 -26.81
CA SER K 58 9.21 -18.93 -27.82
C SER K 58 9.85 -17.86 -28.69
N HIS K 59 10.82 -17.12 -28.15
CA HIS K 59 11.48 -16.04 -28.88
C HIS K 59 12.90 -16.48 -29.20
N ILE K 60 13.19 -16.66 -30.49
CA ILE K 60 14.47 -17.18 -30.96
C ILE K 60 14.99 -16.26 -32.06
N ASN K 61 16.31 -16.01 -32.05
CA ASN K 61 16.95 -15.17 -33.05
C ASN K 61 18.23 -15.81 -33.55
N TYR K 62 18.56 -15.56 -34.82
CA TYR K 62 19.79 -16.04 -35.43
C TYR K 62 20.44 -14.93 -36.24
N VAL K 63 21.67 -15.20 -36.70
CA VAL K 63 22.37 -14.33 -37.63
C VAL K 63 22.00 -14.74 -39.05
N ASP K 64 21.90 -13.75 -39.94
CA ASP K 64 21.47 -14.01 -41.32
C ASP K 64 22.35 -15.06 -42.00
N SER K 65 23.64 -15.08 -41.68
CA SER K 65 24.57 -16.03 -42.29
C SER K 65 24.49 -17.42 -41.65
N VAL K 66 23.41 -17.71 -40.93
CA VAL K 66 23.31 -18.91 -40.12
C VAL K 66 21.86 -19.41 -40.17
N LYS K 67 20.94 -18.54 -40.62
CA LYS K 67 19.53 -18.90 -40.67
C LYS K 67 19.32 -20.14 -41.55
N GLY K 68 18.36 -20.97 -41.14
CA GLY K 68 18.05 -22.17 -41.89
C GLY K 68 19.08 -23.27 -41.79
N ARG K 69 20.16 -23.06 -41.05
CA ARG K 69 21.22 -24.05 -40.91
C ARG K 69 21.50 -24.45 -39.46
N PHE K 70 21.39 -23.51 -38.52
CA PHE K 70 21.58 -23.80 -37.10
C PHE K 70 20.24 -23.76 -36.40
N THR K 71 20.14 -24.49 -35.29
CA THR K 71 18.90 -24.56 -34.52
C THR K 71 19.25 -24.56 -33.04
N ILE K 72 18.85 -23.51 -32.35
CA ILE K 72 19.04 -23.42 -30.90
C ILE K 72 17.84 -24.05 -30.22
N SER K 73 18.08 -24.67 -29.07
CA SER K 73 17.02 -25.32 -28.30
C SER K 73 17.47 -25.43 -26.86
N ARG K 74 16.50 -25.65 -25.98
CA ARG K 74 16.79 -25.76 -24.55
C ARG K 74 15.89 -26.80 -23.91
N ASP K 75 16.44 -27.50 -22.93
CA ASP K 75 15.73 -28.50 -22.14
C ASP K 75 15.81 -28.05 -20.69
N ASN K 76 14.75 -27.40 -20.21
CA ASN K 76 14.78 -26.88 -18.84
C ASN K 76 14.73 -28.00 -17.81
N ALA K 77 14.31 -29.20 -18.20
CA ALA K 77 14.29 -30.31 -17.25
C ALA K 77 15.69 -30.80 -16.92
N ARG K 78 16.54 -30.99 -17.93
CA ARG K 78 17.91 -31.43 -17.71
C ARG K 78 18.90 -30.28 -17.64
N ASP K 79 18.42 -29.03 -17.66
CA ASP K 79 19.25 -27.82 -17.60
C ASP K 79 20.32 -27.83 -18.70
N LEU K 80 19.85 -27.90 -19.94
CA LEU K 80 20.74 -28.03 -21.10
C LEU K 80 20.37 -27.03 -22.17
N LEU K 81 21.39 -26.58 -22.91
CA LEU K 81 21.23 -25.73 -24.08
C LEU K 81 21.89 -26.42 -25.26
N TYR K 82 21.20 -26.44 -26.39
CA TYR K 82 21.69 -27.14 -27.57
C TYR K 82 21.89 -26.19 -28.73
N LEU K 83 22.75 -26.60 -29.66
CA LEU K 83 22.94 -25.91 -30.93
C LEU K 83 23.17 -26.98 -31.97
N GLN K 84 22.18 -27.18 -32.85
CA GLN K 84 22.28 -28.17 -33.91
C GLN K 84 22.73 -27.47 -35.19
N MET K 85 23.95 -27.76 -35.61
CA MET K 85 24.52 -27.20 -36.83
C MET K 85 24.38 -28.19 -37.98
N ASN K 86 23.80 -27.74 -39.09
CA ASN K 86 23.64 -28.58 -40.27
C ASN K 86 24.16 -27.83 -41.49
N SER K 87 24.53 -28.60 -42.52
CA SER K 87 25.13 -28.05 -43.74
C SER K 87 26.28 -27.11 -43.40
N LEU K 88 27.20 -27.63 -42.58
CA LEU K 88 28.27 -26.80 -42.03
C LEU K 88 29.19 -26.28 -43.11
N ARG K 89 29.35 -24.96 -43.15
CA ARG K 89 30.33 -24.33 -44.02
C ARG K 89 31.71 -24.36 -43.36
N VAL K 90 32.73 -24.06 -44.14
CA VAL K 90 34.07 -23.94 -43.57
C VAL K 90 34.15 -22.72 -42.65
N ASP K 91 33.44 -21.64 -43.00
CA ASP K 91 33.47 -20.42 -42.19
C ASP K 91 32.98 -20.66 -40.77
N ASP K 92 32.10 -21.64 -40.57
CA ASP K 92 31.51 -21.89 -39.26
C ASP K 92 32.52 -22.37 -38.22
N SER K 93 33.67 -22.89 -38.67
CA SER K 93 34.67 -23.40 -37.74
C SER K 93 35.21 -22.28 -36.88
N ALA K 94 35.02 -22.40 -35.57
CA ALA K 94 35.42 -21.38 -34.62
C ALA K 94 35.30 -21.96 -33.21
N LEU K 95 35.62 -21.13 -32.22
CA LEU K 95 35.42 -21.47 -30.81
C LEU K 95 34.04 -20.97 -30.40
N TYR K 96 33.21 -21.87 -29.90
CA TYR K 96 31.81 -21.57 -29.61
C TYR K 96 31.58 -21.47 -28.10
N TYR K 97 30.98 -20.36 -27.68
CA TYR K 97 30.65 -20.09 -26.29
C TYR K 97 29.14 -20.06 -26.11
N CYS K 98 28.68 -20.48 -24.93
CA CYS K 98 27.30 -20.29 -24.52
C CYS K 98 27.27 -19.33 -23.33
N ALA K 99 26.35 -18.36 -23.37
CA ALA K 99 26.28 -17.32 -22.35
C ALA K 99 24.83 -17.04 -21.99
N ARG K 100 24.59 -16.78 -20.71
CA ARG K 100 23.26 -16.49 -20.19
C ARG K 100 23.05 -14.99 -20.05
N ASP K 101 21.81 -14.56 -20.26
CA ASP K 101 21.40 -13.19 -20.03
C ASP K 101 19.91 -13.17 -19.73
N ARG K 102 19.37 -11.98 -19.52
CA ARG K 102 17.95 -11.79 -19.25
C ARG K 102 17.47 -10.63 -20.08
N ARG K 103 16.50 -10.88 -20.96
CA ARG K 103 15.94 -9.82 -21.78
C ARG K 103 14.70 -9.29 -21.06
N SER K 104 14.95 -8.34 -20.15
CA SER K 104 13.90 -7.75 -19.33
C SER K 104 13.93 -6.24 -19.46
N GLY K 105 12.74 -5.63 -19.34
CA GLY K 105 12.65 -4.19 -19.32
C GLY K 105 12.87 -3.63 -17.93
N THR K 106 12.43 -4.37 -16.91
CA THR K 106 12.56 -3.90 -15.54
C THR K 106 13.94 -4.21 -14.95
N SER K 107 14.35 -5.49 -15.03
CA SER K 107 15.62 -5.94 -14.46
C SER K 107 16.38 -6.76 -15.49
N PRO K 108 17.01 -6.12 -16.46
CA PRO K 108 17.80 -6.86 -17.46
C PRO K 108 19.15 -7.27 -16.91
N LEU K 109 19.75 -8.24 -17.60
CA LEU K 109 21.07 -8.74 -17.23
C LEU K 109 21.92 -8.88 -18.48
N PRO K 110 23.23 -8.62 -18.38
CA PRO K 110 24.12 -8.78 -19.54
C PRO K 110 24.60 -10.22 -19.68
N LEU K 111 25.55 -10.44 -20.59
CA LEU K 111 26.17 -11.77 -20.76
C LEU K 111 27.18 -11.95 -19.64
N ASP K 112 26.67 -12.28 -18.45
CA ASP K 112 27.49 -12.35 -17.25
C ASP K 112 28.21 -13.70 -17.15
N VAL K 113 27.51 -14.79 -17.38
CA VAL K 113 28.05 -16.15 -17.19
C VAL K 113 28.33 -16.74 -18.57
N TRP K 114 29.58 -17.14 -18.80
CA TRP K 114 30.00 -17.73 -20.05
C TRP K 114 30.45 -19.17 -19.81
N GLY K 115 30.37 -19.97 -20.87
CA GLY K 115 30.91 -21.31 -20.82
C GLY K 115 32.41 -21.31 -21.03
N GLN K 116 33.01 -22.48 -20.84
CA GLN K 116 34.45 -22.60 -21.04
C GLN K 116 34.82 -22.55 -22.52
N GLY K 117 33.86 -22.82 -23.41
CA GLY K 117 34.13 -22.80 -24.83
C GLY K 117 34.43 -24.16 -25.40
N THR K 118 33.96 -24.43 -26.62
CA THR K 118 34.19 -25.70 -27.29
C THR K 118 34.53 -25.44 -28.76
N THR K 119 35.51 -26.19 -29.27
CA THR K 119 36.05 -25.93 -30.60
C THR K 119 35.33 -26.77 -31.65
N VAL K 120 35.01 -26.11 -32.77
CA VAL K 120 34.44 -26.75 -33.94
C VAL K 120 35.37 -26.49 -35.12
N THR K 121 35.79 -27.55 -35.80
CA THR K 121 36.68 -27.43 -36.94
C THR K 121 36.07 -28.15 -38.13
N VAL K 122 35.82 -27.40 -39.21
CA VAL K 122 35.23 -27.93 -40.43
C VAL K 122 36.31 -27.99 -41.49
N PHE K 123 36.59 -29.19 -42.01
CA PHE K 123 37.61 -29.35 -43.03
C PHE K 123 36.97 -29.76 -44.36
N SER K 124 37.65 -29.40 -45.44
CA SER K 124 37.17 -29.64 -46.80
C SER K 124 38.09 -30.48 -47.67
N ALA K 125 39.40 -30.47 -47.44
CA ALA K 125 40.35 -31.09 -48.36
C ALA K 125 41.07 -32.28 -47.73
N SER K 126 41.29 -33.30 -48.56
CA SER K 126 41.95 -34.53 -48.14
C SER K 126 43.44 -34.29 -47.90
N THR K 127 44.11 -35.33 -47.43
CA THR K 127 45.54 -35.27 -47.15
C THR K 127 46.33 -34.94 -48.41
N LYS K 128 47.15 -33.89 -48.34
CA LYS K 128 47.98 -33.48 -49.46
C LYS K 128 49.37 -33.08 -48.99
N GLY K 129 50.38 -33.53 -49.73
CA GLY K 129 51.76 -33.17 -49.45
C GLY K 129 52.07 -31.78 -49.95
N PRO K 130 53.04 -31.11 -49.30
CA PRO K 130 53.36 -29.73 -49.65
C PRO K 130 54.38 -29.62 -50.79
N SER K 131 54.36 -28.45 -51.43
CA SER K 131 55.31 -28.08 -52.47
C SER K 131 56.20 -26.97 -51.92
N VAL K 132 57.50 -27.24 -51.87
CA VAL K 132 58.47 -26.30 -51.32
C VAL K 132 59.10 -25.50 -52.46
N PHE K 133 59.07 -24.17 -52.33
CA PHE K 133 59.68 -23.25 -53.28
C PHE K 133 60.67 -22.35 -52.57
N PRO K 134 61.77 -21.98 -53.21
CA PRO K 134 62.78 -21.16 -52.53
C PRO K 134 62.48 -19.67 -52.59
N LEU K 135 62.56 -18.99 -51.44
CA LEU K 135 62.47 -17.54 -51.39
C LEU K 135 63.90 -17.00 -51.50
N ALA K 136 64.32 -16.75 -52.74
CA ALA K 136 65.71 -16.41 -52.99
C ALA K 136 66.06 -15.01 -52.48
N PRO K 137 67.29 -14.82 -51.99
CA PRO K 137 67.71 -13.49 -51.54
C PRO K 137 68.17 -12.63 -52.70
N SER K 138 67.86 -11.34 -52.62
CA SER K 138 68.28 -10.38 -53.64
C SER K 138 68.82 -9.10 -53.02
N GLY K 145 74.13 -4.87 -44.00
CA GLY K 145 74.37 -5.83 -45.05
C GLY K 145 73.77 -7.21 -44.77
N THR K 146 72.60 -7.23 -44.14
CA THR K 146 71.90 -8.47 -43.84
C THR K 146 70.84 -8.73 -44.90
N ALA K 147 70.79 -9.95 -45.41
CA ALA K 147 69.88 -10.35 -46.45
C ALA K 147 68.99 -11.49 -45.94
N ALA K 148 67.74 -11.49 -46.39
CA ALA K 148 66.76 -12.48 -45.97
C ALA K 148 66.47 -13.47 -47.09
N LEU K 149 66.32 -14.74 -46.71
CA LEU K 149 65.97 -15.81 -47.63
C LEU K 149 65.19 -16.86 -46.86
N GLY K 150 64.37 -17.61 -47.57
CA GLY K 150 63.55 -18.60 -46.89
C GLY K 150 62.94 -19.61 -47.83
N CYS K 151 61.96 -20.35 -47.29
CA CYS K 151 61.26 -21.39 -48.01
C CYS K 151 59.76 -21.15 -47.95
N LEU K 152 59.06 -21.47 -49.04
CA LEU K 152 57.61 -21.37 -49.12
C LEU K 152 57.02 -22.76 -49.20
N VAL K 153 56.34 -23.17 -48.12
CA VAL K 153 55.65 -24.46 -48.06
C VAL K 153 54.19 -24.21 -48.43
N LYS K 154 53.73 -24.80 -49.53
CA LYS K 154 52.46 -24.43 -50.11
C LYS K 154 51.55 -25.64 -50.32
N ASP K 155 50.25 -25.41 -50.14
CA ASP K 155 49.18 -26.34 -50.46
C ASP K 155 49.41 -27.69 -49.78
N TYR K 156 49.25 -27.69 -48.45
CA TYR K 156 49.38 -28.91 -47.67
C TYR K 156 48.21 -29.08 -46.71
N PHE K 157 48.07 -30.32 -46.24
CA PHE K 157 47.03 -30.71 -45.29
C PHE K 157 47.41 -32.06 -44.67
N PRO K 158 47.22 -32.20 -43.35
CA PRO K 158 46.68 -31.25 -42.37
C PRO K 158 47.71 -30.29 -41.79
N GLU K 159 47.32 -29.66 -40.68
CA GLU K 159 48.02 -28.48 -40.18
C GLU K 159 49.49 -28.69 -39.80
N PRO K 160 49.91 -29.79 -39.15
CA PRO K 160 51.29 -29.83 -38.61
C PRO K 160 52.35 -29.95 -39.71
N VAL K 161 53.33 -29.04 -39.68
CA VAL K 161 54.50 -29.05 -40.54
C VAL K 161 55.67 -28.45 -39.76
N THR K 162 56.83 -29.10 -39.82
CA THR K 162 58.02 -28.63 -39.12
C THR K 162 59.12 -28.29 -40.10
N VAL K 163 59.71 -27.10 -39.96
CA VAL K 163 60.78 -26.63 -40.82
C VAL K 163 62.03 -26.37 -39.97
N SER K 164 63.16 -26.88 -40.43
CA SER K 164 64.48 -26.59 -39.87
C SER K 164 65.39 -26.10 -40.98
N TRP K 165 66.61 -25.69 -40.62
CA TRP K 165 67.58 -25.18 -41.58
C TRP K 165 68.92 -25.86 -41.41
N ASN K 166 69.52 -26.28 -42.52
CA ASN K 166 70.81 -26.98 -42.53
C ASN K 166 70.83 -28.15 -41.55
N SER K 167 69.70 -28.87 -41.50
CA SER K 167 69.55 -30.04 -40.63
C SER K 167 69.78 -29.68 -39.17
N GLY K 168 69.24 -28.54 -38.74
CA GLY K 168 69.33 -28.10 -37.36
C GLY K 168 70.57 -27.33 -36.99
N ALA K 169 71.55 -27.22 -37.90
CA ALA K 169 72.77 -26.48 -37.58
C ALA K 169 72.53 -24.98 -37.50
N LEU K 170 71.53 -24.47 -38.21
CA LEU K 170 71.25 -23.03 -38.26
C LEU K 170 69.99 -22.73 -37.46
N THR K 171 70.17 -21.98 -36.35
CA THR K 171 69.06 -21.52 -35.53
C THR K 171 69.07 -20.01 -35.33
N SER K 172 70.17 -19.33 -35.67
CA SER K 172 70.29 -17.90 -35.49
C SER K 172 69.58 -17.17 -36.63
N GLY K 173 68.54 -16.41 -36.31
CA GLY K 173 67.78 -15.67 -37.30
C GLY K 173 66.60 -16.40 -37.89
N VAL K 174 66.41 -17.67 -37.55
CA VAL K 174 65.33 -18.48 -38.11
C VAL K 174 64.02 -18.18 -37.41
N HIS K 175 62.95 -18.03 -38.18
CA HIS K 175 61.60 -17.91 -37.65
C HIS K 175 60.65 -18.62 -38.61
N THR K 176 59.86 -19.54 -38.07
CA THR K 176 58.87 -20.27 -38.85
C THR K 176 57.49 -19.69 -38.53
N PHE K 177 56.82 -19.22 -39.56
CA PHE K 177 55.56 -18.51 -39.36
C PHE K 177 54.39 -19.48 -39.26
N PRO K 178 53.29 -19.06 -38.65
CA PRO K 178 52.08 -19.88 -38.63
C PRO K 178 51.48 -20.01 -40.02
N ALA K 179 50.66 -21.05 -40.17
CA ALA K 179 50.06 -21.37 -41.46
C ALA K 179 48.82 -20.53 -41.72
N VAL K 180 48.56 -20.27 -43.00
CA VAL K 180 47.34 -19.63 -43.47
C VAL K 180 46.51 -20.65 -44.23
N LEU K 181 45.23 -20.75 -43.88
CA LEU K 181 44.31 -21.63 -44.60
C LEU K 181 43.77 -20.87 -45.81
N GLN K 182 44.27 -21.20 -46.99
CA GLN K 182 43.87 -20.51 -48.20
C GLN K 182 42.44 -20.90 -48.59
N SER K 183 41.91 -20.18 -49.58
CA SER K 183 40.54 -20.42 -50.05
C SER K 183 40.32 -21.86 -50.50
N SER K 184 41.35 -22.50 -51.06
CA SER K 184 41.23 -23.87 -51.54
C SER K 184 41.06 -24.88 -50.41
N GLY K 185 41.23 -24.46 -49.17
CA GLY K 185 41.17 -25.38 -48.04
C GLY K 185 42.48 -26.04 -47.71
N LEU K 186 43.61 -25.45 -48.13
CA LEU K 186 44.93 -26.02 -47.89
C LEU K 186 45.83 -24.99 -47.24
N TYR K 187 46.63 -25.45 -46.28
CA TYR K 187 47.50 -24.57 -45.52
C TYR K 187 48.75 -24.21 -46.32
N SER K 188 49.41 -23.15 -45.86
CA SER K 188 50.66 -22.67 -46.44
C SER K 188 51.42 -21.89 -45.37
N LEU K 189 52.73 -22.07 -45.33
CA LEU K 189 53.56 -21.34 -44.38
C LEU K 189 54.91 -21.03 -45.00
N SER K 190 55.65 -20.15 -44.33
CA SER K 190 56.98 -19.77 -44.76
C SER K 190 57.92 -19.81 -43.55
N SER K 191 59.21 -19.92 -43.83
CA SER K 191 60.25 -19.89 -42.81
C SER K 191 61.45 -19.16 -43.38
N VAL K 192 61.90 -18.10 -42.71
CA VAL K 192 63.00 -17.27 -43.20
C VAL K 192 64.13 -17.24 -42.20
N VAL K 193 65.31 -16.89 -42.71
CA VAL K 193 66.52 -16.72 -41.92
C VAL K 193 67.27 -15.51 -42.44
N THR K 194 67.73 -14.65 -41.54
CA THR K 194 68.50 -13.47 -41.88
C THR K 194 70.00 -13.76 -41.73
N VAL K 195 70.76 -13.48 -42.79
CA VAL K 195 72.17 -13.83 -42.84
C VAL K 195 72.95 -12.70 -43.51
N PRO K 196 74.28 -12.65 -43.31
CA PRO K 196 75.06 -11.59 -43.95
C PRO K 196 75.14 -11.78 -45.45
N SER K 197 75.17 -10.63 -46.16
CA SER K 197 75.18 -10.66 -47.62
C SER K 197 76.45 -11.29 -48.17
N SER K 198 77.56 -11.18 -47.44
CA SER K 198 78.81 -11.80 -47.88
C SER K 198 78.75 -13.31 -47.77
N SER K 199 78.02 -13.83 -46.77
CA SER K 199 77.91 -15.26 -46.56
C SER K 199 77.13 -15.96 -47.65
N LEU K 200 76.41 -15.21 -48.49
CA LEU K 200 75.59 -15.83 -49.54
C LEU K 200 76.44 -16.67 -50.47
N GLY K 201 77.58 -16.14 -50.92
CA GLY K 201 78.42 -16.89 -51.83
C GLY K 201 79.11 -18.07 -51.18
N THR K 202 79.62 -17.87 -49.95
CA THR K 202 80.35 -18.93 -49.25
C THR K 202 79.41 -20.01 -48.72
N GLN K 203 78.61 -19.67 -47.71
CA GLN K 203 77.77 -20.66 -47.05
C GLN K 203 76.56 -21.03 -47.88
N THR K 204 76.18 -22.30 -47.82
CA THR K 204 74.98 -22.81 -48.46
C THR K 204 73.86 -22.94 -47.42
N TYR K 205 72.63 -22.67 -47.85
CA TYR K 205 71.47 -22.67 -46.97
C TYR K 205 70.44 -23.67 -47.49
N ILE K 206 70.08 -24.63 -46.65
CA ILE K 206 69.09 -25.65 -46.99
C ILE K 206 68.05 -25.71 -45.87
N CYS K 207 66.77 -25.69 -46.25
CA CYS K 207 65.67 -25.83 -45.31
C CYS K 207 65.12 -27.25 -45.39
N ASN K 208 64.78 -27.82 -44.24
CA ASN K 208 64.28 -29.19 -44.15
C ASN K 208 62.80 -29.14 -43.76
N VAL K 209 61.92 -29.27 -44.75
CA VAL K 209 60.48 -29.28 -44.51
C VAL K 209 60.03 -30.73 -44.33
N ASN K 210 59.29 -30.99 -43.25
CA ASN K 210 58.82 -32.32 -42.94
C ASN K 210 57.33 -32.27 -42.66
N HIS K 211 56.56 -33.08 -43.39
CA HIS K 211 55.11 -33.18 -43.25
C HIS K 211 54.78 -34.65 -42.98
N LYS K 212 54.81 -35.03 -41.71
CA LYS K 212 54.63 -36.44 -41.33
C LYS K 212 53.31 -37.05 -41.80
N PRO K 213 52.17 -36.37 -41.77
CA PRO K 213 50.92 -37.04 -42.21
C PRO K 213 50.95 -37.48 -43.66
N SER K 214 51.74 -36.85 -44.52
CA SER K 214 51.92 -37.28 -45.90
C SER K 214 53.14 -38.15 -46.11
N ASN K 215 53.89 -38.48 -45.05
CA ASN K 215 55.16 -39.19 -45.16
C ASN K 215 56.09 -38.46 -46.14
N THR K 216 56.12 -37.14 -46.04
CA THR K 216 56.88 -36.28 -46.94
C THR K 216 58.02 -35.62 -46.19
N LYS K 217 59.20 -35.60 -46.80
CA LYS K 217 60.35 -34.93 -46.22
C LYS K 217 61.16 -34.34 -47.36
N VAL K 218 61.15 -33.02 -47.50
CA VAL K 218 61.82 -32.33 -48.59
C VAL K 218 62.94 -31.46 -48.03
N ASP K 219 64.06 -31.41 -48.75
CA ASP K 219 65.18 -30.54 -48.42
C ASP K 219 65.42 -29.62 -49.60
N LYS K 220 65.35 -28.31 -49.37
CA LYS K 220 65.45 -27.31 -50.42
C LYS K 220 66.64 -26.41 -50.18
N ARG K 221 67.48 -26.25 -51.21
CA ARG K 221 68.64 -25.37 -51.15
C ARG K 221 68.30 -24.04 -51.83
N VAL K 222 68.54 -22.94 -51.10
CA VAL K 222 68.19 -21.61 -51.57
C VAL K 222 69.46 -20.93 -52.09
N GLU K 223 69.42 -20.52 -53.36
CA GLU K 223 70.53 -19.85 -54.03
C GLU K 223 70.07 -18.50 -54.56
N PRO K 224 70.98 -17.51 -54.63
CA PRO K 224 70.61 -16.14 -55.01
C PRO K 224 70.13 -16.00 -56.45
N GLN L 2 24.00 -5.61 -39.57
CA GLN L 2 24.71 -6.83 -39.94
C GLN L 2 26.22 -6.65 -39.80
N SER L 3 26.68 -5.42 -39.95
CA SER L 3 28.09 -5.12 -39.78
C SER L 3 28.46 -5.06 -38.30
N ALA L 4 29.76 -5.13 -38.03
CA ALA L 4 30.27 -5.17 -36.67
C ALA L 4 30.43 -3.74 -36.12
N LEU L 5 30.89 -3.64 -34.88
CA LEU L 5 31.15 -2.35 -34.26
C LEU L 5 32.62 -2.01 -34.43
N THR L 6 32.91 -0.77 -34.82
CA THR L 6 34.26 -0.35 -35.15
C THR L 6 35.06 -0.12 -33.86
N GLN L 7 36.08 -0.94 -33.64
CA GLN L 7 37.02 -0.83 -32.53
C GLN L 7 38.42 -0.61 -33.08
N PRO L 8 39.31 0.05 -32.33
CA PRO L 8 40.70 0.15 -32.77
C PRO L 8 41.37 -1.21 -32.73
N ALA L 9 42.26 -1.45 -33.69
CA ALA L 9 42.96 -2.72 -33.74
C ALA L 9 43.81 -2.92 -32.48
N SER L 10 44.51 -1.89 -32.04
CA SER L 10 45.31 -1.98 -30.84
C SER L 10 45.46 -0.61 -30.20
N VAL L 11 45.62 -0.61 -28.88
CA VAL L 11 46.03 0.57 -28.13
C VAL L 11 47.14 0.14 -27.20
N SER L 12 48.10 1.03 -26.97
CA SER L 12 49.26 0.73 -26.14
C SER L 12 49.44 1.84 -25.12
N GLY L 13 50.12 1.50 -24.03
CA GLY L 13 50.37 2.45 -22.97
C GLY L 13 51.42 1.98 -21.98
N SER L 14 52.20 2.91 -21.45
CA SER L 14 53.19 2.57 -20.45
C SER L 14 52.50 2.24 -19.11
N PRO L 15 53.14 1.44 -18.27
CA PRO L 15 52.53 1.12 -16.97
C PRO L 15 52.32 2.38 -16.14
N GLY L 16 51.14 2.47 -15.52
CA GLY L 16 50.74 3.63 -14.76
C GLY L 16 50.00 4.69 -15.54
N GLN L 17 50.09 4.64 -16.86
CA GLN L 17 49.47 5.59 -17.78
C GLN L 17 47.99 5.28 -17.94
N SER L 18 47.27 6.20 -18.57
CA SER L 18 45.85 6.02 -18.87
C SER L 18 45.65 5.85 -20.37
N ILE L 19 44.76 4.93 -20.75
CA ILE L 19 44.45 4.64 -22.14
C ILE L 19 42.94 4.48 -22.29
N THR L 20 42.46 4.68 -23.52
CA THR L 20 41.04 4.59 -23.82
C THR L 20 40.81 3.75 -25.08
N ILE L 21 39.76 2.94 -25.06
CA ILE L 21 39.41 2.06 -26.18
C ILE L 21 38.09 2.54 -26.76
N SER L 22 38.10 2.86 -28.06
CA SER L 22 36.91 3.35 -28.74
C SER L 22 36.00 2.19 -29.15
N CYS L 23 34.73 2.51 -29.37
CA CYS L 23 33.74 1.54 -29.84
C CYS L 23 32.64 2.35 -30.52
N THR L 24 32.67 2.40 -31.84
CA THR L 24 31.79 3.26 -32.61
C THR L 24 30.72 2.43 -33.34
N GLY L 25 29.49 2.92 -33.30
CA GLY L 25 28.40 2.29 -34.02
C GLY L 25 27.50 3.31 -34.67
N THR L 26 26.23 2.96 -34.87
CA THR L 26 25.24 3.84 -35.46
C THR L 26 24.14 4.08 -34.45
N GLY L 27 23.20 4.96 -34.81
CA GLY L 27 22.03 5.15 -33.96
C GLY L 27 21.23 3.88 -33.76
N SER L 28 21.37 2.92 -34.66
CA SER L 28 20.65 1.65 -34.54
C SER L 28 21.13 0.81 -33.35
N ASP L 29 22.37 0.98 -32.92
CA ASP L 29 22.87 0.16 -31.82
C ASP L 29 23.33 0.98 -30.60
N ILE L 30 24.54 1.53 -30.65
CA ILE L 30 25.06 2.24 -29.47
C ILE L 30 24.27 3.52 -29.23
N GLY L 31 23.92 4.24 -30.28
CA GLY L 31 23.16 5.47 -30.12
C GLY L 31 21.75 5.25 -29.61
N GLY L 32 21.16 4.10 -29.89
CA GLY L 32 19.79 3.83 -29.54
C GLY L 32 19.54 3.17 -28.19
N TYR L 33 20.58 2.67 -27.53
CA TYR L 33 20.44 2.01 -26.25
C TYR L 33 21.60 2.39 -25.34
N ASN L 34 21.35 2.36 -24.05
CA ASN L 34 22.42 2.47 -23.05
C ASN L 34 22.75 1.10 -22.48
N PHE L 35 22.96 0.14 -23.37
CA PHE L 35 23.25 -1.23 -22.97
C PHE L 35 24.57 -1.70 -23.58
N VAL L 36 25.60 -0.86 -23.48
CA VAL L 36 26.93 -1.21 -23.98
C VAL L 36 27.68 -1.96 -22.88
N SER L 37 28.31 -3.08 -23.25
CA SER L 37 29.08 -3.87 -22.31
C SER L 37 30.50 -4.06 -22.84
N TRP L 38 31.44 -4.29 -21.91
CA TRP L 38 32.85 -4.47 -22.22
C TRP L 38 33.34 -5.78 -21.63
N TYR L 39 34.12 -6.52 -22.41
CA TYR L 39 34.64 -7.81 -21.97
C TYR L 39 36.15 -7.85 -22.09
N GLN L 40 36.79 -8.54 -21.14
CA GLN L 40 38.23 -8.73 -21.10
C GLN L 40 38.52 -10.20 -21.31
N GLN L 41 39.28 -10.53 -22.35
CA GLN L 41 39.58 -11.91 -22.71
C GLN L 41 41.09 -12.12 -22.70
N TYR L 42 41.58 -12.91 -21.76
CA TYR L 42 42.95 -13.38 -21.78
C TYR L 42 43.10 -14.48 -22.83
N PRO L 43 44.30 -14.70 -23.34
CA PRO L 43 44.49 -15.75 -24.34
C PRO L 43 44.11 -17.13 -23.80
N GLY L 44 43.35 -17.88 -24.59
CA GLY L 44 42.91 -19.20 -24.19
C GLY L 44 41.91 -19.21 -23.06
N LYS L 45 41.18 -18.12 -22.85
CA LYS L 45 40.21 -18.03 -21.76
C LYS L 45 38.92 -17.42 -22.29
N ALA L 46 37.86 -17.61 -21.52
CA ALA L 46 36.55 -17.07 -21.86
C ALA L 46 36.49 -15.57 -21.54
N PRO L 47 35.65 -14.82 -22.26
CA PRO L 47 35.53 -13.38 -21.98
C PRO L 47 34.96 -13.14 -20.59
N LYS L 48 35.56 -12.17 -19.90
CA LYS L 48 35.14 -11.77 -18.56
C LYS L 48 34.43 -10.43 -18.65
N LEU L 49 33.19 -10.37 -18.15
CA LEU L 49 32.44 -9.13 -18.16
C LEU L 49 33.07 -8.14 -17.17
N ILE L 50 33.40 -6.95 -17.66
CA ILE L 50 34.02 -5.90 -16.86
C ILE L 50 33.03 -4.76 -16.60
N ILE L 51 32.37 -4.28 -17.66
CA ILE L 51 31.42 -3.18 -17.54
C ILE L 51 30.17 -3.55 -18.33
N TYR L 52 29.00 -3.22 -17.77
CA TYR L 52 27.75 -3.38 -18.46
C TYR L 52 26.91 -2.12 -18.25
N GLU L 53 25.95 -1.92 -19.15
CA GLU L 53 25.09 -0.73 -19.14
C GLU L 53 25.94 0.54 -19.16
N VAL L 54 26.94 0.54 -20.05
CA VAL L 54 27.79 1.69 -20.38
C VAL L 54 28.77 2.02 -19.26
N ARG L 55 28.27 2.21 -18.03
CA ARG L 55 29.09 2.72 -16.95
C ARG L 55 29.27 1.79 -15.76
N ILE L 56 28.37 0.83 -15.55
CA ILE L 56 28.37 0.04 -14.32
C ILE L 56 29.45 -1.03 -14.39
N ARG L 57 30.25 -1.12 -13.34
CA ARG L 57 31.26 -2.17 -13.22
C ARG L 57 30.65 -3.45 -12.68
N ALA L 58 31.22 -4.58 -13.10
CA ALA L 58 30.83 -5.86 -12.55
C ALA L 58 31.49 -6.08 -11.20
N SER L 59 31.00 -7.09 -10.48
CA SER L 59 31.54 -7.38 -9.16
C SER L 59 33.02 -7.75 -9.24
N GLY L 60 33.83 -7.13 -8.39
CA GLY L 60 35.24 -7.38 -8.34
C GLY L 60 36.08 -6.63 -9.34
N VAL L 61 35.46 -5.94 -10.30
CA VAL L 61 36.21 -5.20 -11.30
C VAL L 61 36.80 -3.94 -10.66
N SER L 62 38.09 -3.71 -10.89
CA SER L 62 38.77 -2.57 -10.31
C SER L 62 38.12 -1.26 -10.73
N ASN L 63 38.17 -0.27 -9.83
CA ASN L 63 37.67 1.06 -10.14
C ASN L 63 38.55 1.78 -11.16
N ARG L 64 39.71 1.21 -11.52
CA ARG L 64 40.52 1.78 -12.58
C ARG L 64 39.81 1.72 -13.92
N PHE L 65 38.92 0.75 -14.10
CA PHE L 65 38.13 0.63 -15.32
C PHE L 65 36.91 1.53 -15.25
N SER L 66 36.66 2.29 -16.31
CA SER L 66 35.53 3.19 -16.36
C SER L 66 34.94 3.18 -17.76
N GLY L 67 33.61 3.21 -17.83
CA GLY L 67 32.90 3.18 -19.11
C GLY L 67 32.12 4.46 -19.34
N SER L 68 32.11 4.91 -20.59
CA SER L 68 31.44 6.14 -20.97
C SER L 68 30.80 5.96 -22.34
N LYS L 69 29.98 6.93 -22.72
CA LYS L 69 29.34 6.92 -24.03
C LYS L 69 29.00 8.35 -24.42
N SER L 70 29.26 8.67 -25.69
CA SER L 70 28.93 9.97 -26.26
C SER L 70 28.42 9.77 -27.67
N GLY L 71 27.12 9.95 -27.88
CA GLY L 71 26.52 9.75 -29.18
C GLY L 71 26.57 8.30 -29.63
N ASN L 72 27.29 8.03 -30.73
CA ASN L 72 27.41 6.69 -31.28
C ASN L 72 28.70 6.01 -30.90
N THR L 73 29.42 6.51 -29.90
CA THR L 73 30.71 5.95 -29.52
C THR L 73 30.75 5.70 -28.02
N ALA L 74 31.14 4.47 -27.64
CA ALA L 74 31.37 4.12 -26.25
C ALA L 74 32.87 3.98 -26.02
N SER L 75 33.31 4.30 -24.82
CA SER L 75 34.73 4.34 -24.50
C SER L 75 35.01 3.62 -23.20
N LEU L 76 35.99 2.72 -23.23
CA LEU L 76 36.49 2.04 -22.03
C LEU L 76 37.84 2.64 -21.68
N THR L 77 37.92 3.27 -20.51
CA THR L 77 39.13 3.93 -20.06
C THR L 77 39.75 3.15 -18.92
N ILE L 78 41.07 2.98 -18.97
CA ILE L 78 41.83 2.25 -17.97
C ILE L 78 42.93 3.16 -17.46
N SER L 79 42.86 3.54 -16.19
CA SER L 79 43.89 4.34 -15.55
C SER L 79 44.80 3.44 -14.72
N GLY L 80 46.03 3.92 -14.49
CA GLY L 80 47.00 3.15 -13.75
C GLY L 80 47.28 1.80 -14.39
N LEU L 81 47.67 1.84 -15.65
CA LEU L 81 47.89 0.62 -16.42
C LEU L 81 48.84 -0.35 -15.71
N GLN L 82 48.42 -1.60 -15.62
CA GLN L 82 49.21 -2.66 -15.01
C GLN L 82 49.40 -3.80 -15.99
N ALA L 83 50.45 -4.59 -15.76
CA ALA L 83 50.77 -5.70 -16.66
C ALA L 83 49.58 -6.66 -16.79
N GLU L 84 48.86 -6.89 -15.70
CA GLU L 84 47.72 -7.80 -15.73
C GLU L 84 46.63 -7.34 -16.70
N ASP L 85 46.63 -6.06 -17.08
CA ASP L 85 45.60 -5.54 -17.97
C ASP L 85 45.84 -5.87 -19.44
N GLU L 86 47.02 -6.37 -19.80
CA GLU L 86 47.31 -6.68 -21.19
C GLU L 86 46.46 -7.84 -21.66
N ALA L 87 45.45 -7.56 -22.47
CA ALA L 87 44.52 -8.57 -22.95
C ALA L 87 43.79 -8.02 -24.17
N ASP L 88 42.84 -8.80 -24.68
CA ASP L 88 41.95 -8.38 -25.75
C ASP L 88 40.65 -7.87 -25.13
N TYR L 89 40.15 -6.75 -25.66
CA TYR L 89 38.95 -6.11 -25.13
C TYR L 89 37.90 -5.96 -26.23
N TYR L 90 36.68 -6.45 -25.94
CA TYR L 90 35.57 -6.41 -26.87
C TYR L 90 34.42 -5.62 -26.26
N CYS L 91 33.71 -4.88 -27.11
CA CYS L 91 32.50 -4.16 -26.73
C CYS L 91 31.30 -4.78 -27.44
N ASN L 92 30.13 -4.68 -26.80
CA ASN L 92 28.91 -5.15 -27.42
C ASN L 92 27.75 -4.27 -26.96
N SER L 93 26.66 -4.30 -27.73
CA SER L 93 25.53 -3.43 -27.45
C SER L 93 24.25 -4.07 -27.94
N TYR L 94 23.13 -3.64 -27.34
CA TYR L 94 21.82 -3.96 -27.87
C TYR L 94 21.71 -3.42 -29.29
N SER L 95 20.88 -4.08 -30.10
CA SER L 95 20.68 -3.65 -31.47
C SER L 95 19.22 -3.78 -31.85
N ILE L 96 18.79 -2.93 -32.79
CA ILE L 96 17.44 -3.03 -33.32
C ILE L 96 17.26 -4.31 -34.10
N HIS L 97 18.33 -4.83 -34.70
CA HIS L 97 18.26 -5.98 -35.59
C HIS L 97 18.59 -7.30 -34.92
N SER L 98 19.42 -7.31 -33.88
CA SER L 98 19.80 -8.53 -33.20
C SER L 98 19.93 -8.24 -31.72
N PRO L 99 19.82 -9.26 -30.87
CA PRO L 99 19.98 -9.03 -29.42
C PRO L 99 21.31 -8.41 -29.04
N TRP L 100 22.40 -8.86 -29.65
CA TRP L 100 23.72 -8.31 -29.39
C TRP L 100 24.47 -8.09 -30.69
N VAL L 101 25.40 -7.15 -30.68
CA VAL L 101 26.35 -6.93 -31.78
C VAL L 101 27.69 -6.62 -31.16
N PHE L 102 28.71 -7.37 -31.53
CA PHE L 102 30.03 -7.25 -30.93
C PHE L 102 30.94 -6.38 -31.78
N GLY L 103 31.98 -5.86 -31.14
CA GLY L 103 33.02 -5.14 -31.85
C GLY L 103 34.14 -6.05 -32.32
N GLY L 104 34.96 -5.51 -33.23
CA GLY L 104 36.07 -6.28 -33.77
C GLY L 104 37.06 -6.73 -32.72
N GLY L 105 37.26 -5.94 -31.69
CA GLY L 105 38.19 -6.29 -30.64
C GLY L 105 39.42 -5.39 -30.66
N THR L 106 40.04 -5.24 -29.50
CA THR L 106 41.20 -4.38 -29.35
C THR L 106 42.25 -5.08 -28.50
N LYS L 107 43.49 -5.12 -28.99
CA LYS L 107 44.61 -5.70 -28.24
C LYS L 107 45.29 -4.60 -27.46
N LEU L 108 45.02 -4.56 -26.15
CA LEU L 108 45.71 -3.61 -25.28
C LEU L 108 47.07 -4.17 -24.88
N THR L 109 48.13 -3.39 -25.13
CA THR L 109 49.49 -3.80 -24.83
C THR L 109 50.06 -2.85 -23.78
N VAL L 110 50.50 -3.42 -22.66
CA VAL L 110 51.20 -2.68 -21.62
C VAL L 110 52.68 -2.72 -21.98
N LEU L 111 53.16 -1.64 -22.60
CA LEU L 111 54.50 -1.59 -23.16
C LEU L 111 55.56 -1.98 -22.14
N ARG L 112 56.46 -2.87 -22.56
CA ARG L 112 57.61 -3.27 -21.76
C ARG L 112 58.90 -3.18 -22.56
N GLN L 113 58.83 -2.71 -23.80
CA GLN L 113 59.95 -2.48 -24.69
C GLN L 113 59.67 -1.18 -25.42
N PRO L 114 60.68 -0.56 -26.00
CA PRO L 114 60.41 0.58 -26.89
C PRO L 114 59.75 0.10 -28.17
N LYS L 115 58.81 0.90 -28.68
CA LYS L 115 58.08 0.53 -29.87
C LYS L 115 59.03 0.26 -31.03
N ALA L 116 58.89 -0.89 -31.66
CA ALA L 116 59.76 -1.32 -32.74
C ALA L 116 59.02 -1.27 -34.06
N ALA L 117 59.63 -0.64 -35.06
CA ALA L 117 59.08 -0.61 -36.40
C ALA L 117 59.37 -1.93 -37.11
N PRO L 118 58.45 -2.38 -37.96
CA PRO L 118 58.61 -3.68 -38.61
C PRO L 118 59.63 -3.67 -39.74
N SER L 119 60.23 -4.83 -39.97
CA SER L 119 61.21 -5.05 -41.03
C SER L 119 60.53 -5.87 -42.13
N VAL L 120 60.15 -5.19 -43.21
CA VAL L 120 59.39 -5.80 -44.30
C VAL L 120 60.35 -6.37 -45.34
N THR L 121 60.05 -7.58 -45.80
CA THR L 121 60.82 -8.24 -46.84
C THR L 121 59.84 -8.89 -47.80
N LEU L 122 59.82 -8.42 -49.05
CA LEU L 122 58.88 -8.91 -50.06
C LEU L 122 59.63 -9.78 -51.06
N PHE L 123 59.16 -11.02 -51.23
CA PHE L 123 59.77 -11.96 -52.15
C PHE L 123 58.93 -12.11 -53.41
N PRO L 124 59.53 -12.10 -54.58
CA PRO L 124 58.78 -12.38 -55.81
C PRO L 124 58.57 -13.86 -55.99
N PRO L 125 57.67 -14.27 -56.88
CA PRO L 125 57.48 -15.71 -57.14
C PRO L 125 58.76 -16.34 -57.67
N SER L 126 59.14 -17.47 -57.08
CA SER L 126 60.36 -18.16 -57.52
C SER L 126 60.17 -18.72 -58.92
N SER L 127 61.30 -18.88 -59.62
CA SER L 127 61.26 -19.46 -60.96
C SER L 127 60.67 -20.87 -60.94
N GLU L 128 60.96 -21.62 -59.87
CA GLU L 128 60.43 -22.98 -59.76
C GLU L 128 58.91 -22.98 -59.67
N GLU L 129 58.35 -21.97 -58.99
CA GLU L 129 56.89 -21.89 -58.88
C GLU L 129 56.25 -21.44 -60.18
N LEU L 130 56.93 -20.59 -60.95
CA LEU L 130 56.36 -20.11 -62.20
C LEU L 130 56.34 -21.21 -63.27
N GLN L 131 57.39 -22.04 -63.33
CA GLN L 131 57.39 -23.17 -64.24
C GLN L 131 56.31 -24.17 -63.90
N ALA L 132 55.82 -24.17 -62.66
CA ALA L 132 54.66 -24.94 -62.27
C ALA L 132 53.35 -24.19 -62.53
N ASN L 133 53.41 -23.09 -63.28
CA ASN L 133 52.23 -22.29 -63.64
C ASN L 133 51.50 -21.76 -62.41
N LYS L 134 52.27 -21.25 -61.45
CA LYS L 134 51.73 -20.63 -60.25
C LYS L 134 52.55 -19.40 -59.91
N ALA L 135 51.96 -18.51 -59.12
CA ALA L 135 52.63 -17.28 -58.72
C ALA L 135 52.14 -16.88 -57.34
N THR L 136 53.07 -16.64 -56.42
CA THR L 136 52.73 -16.25 -55.06
C THR L 136 53.77 -15.27 -54.53
N LEU L 137 53.29 -14.11 -54.08
CA LEU L 137 54.13 -13.08 -53.48
C LEU L 137 54.07 -13.25 -51.97
N VAL L 138 55.24 -13.39 -51.34
CA VAL L 138 55.34 -13.63 -49.91
C VAL L 138 55.90 -12.39 -49.24
N CYS L 139 55.11 -11.77 -48.36
CA CYS L 139 55.52 -10.60 -47.60
C CYS L 139 55.66 -10.99 -46.15
N LEU L 140 56.89 -10.88 -45.64
CA LEU L 140 57.23 -11.35 -44.30
C LEU L 140 57.60 -10.15 -43.44
N ILE L 141 56.79 -9.90 -42.42
CA ILE L 141 56.94 -8.76 -41.51
C ILE L 141 57.43 -9.29 -40.17
N SER L 142 58.52 -8.71 -39.67
CA SER L 142 59.16 -9.22 -38.46
C SER L 142 59.72 -8.09 -37.61
N ASP L 143 59.94 -8.40 -36.34
CA ASP L 143 60.62 -7.52 -35.39
C ASP L 143 59.86 -6.20 -35.18
N PHE L 144 58.57 -6.30 -34.88
CA PHE L 144 57.78 -5.12 -34.54
C PHE L 144 57.14 -5.30 -33.17
N TYR L 145 56.90 -4.17 -32.51
CA TYR L 145 56.26 -4.13 -31.20
C TYR L 145 55.51 -2.80 -31.07
N PRO L 146 54.26 -2.83 -30.58
CA PRO L 146 53.48 -3.98 -30.13
C PRO L 146 52.94 -4.85 -31.28
N GLY L 147 52.41 -6.02 -30.93
CA GLY L 147 52.01 -7.02 -31.91
C GLY L 147 50.70 -6.77 -32.62
N ALA L 148 50.68 -5.83 -33.57
CA ALA L 148 49.50 -5.57 -34.37
C ALA L 148 49.91 -4.82 -35.63
N VAL L 149 49.61 -5.38 -36.80
CA VAL L 149 49.91 -4.75 -38.08
C VAL L 149 48.71 -4.96 -39.01
N THR L 150 48.72 -4.20 -40.12
CA THR L 150 47.73 -4.34 -41.18
C THR L 150 48.44 -4.22 -42.52
N VAL L 151 48.24 -5.20 -43.40
CA VAL L 151 48.92 -5.24 -44.69
C VAL L 151 47.95 -4.84 -45.79
N ALA L 152 48.49 -4.23 -46.84
CA ALA L 152 47.69 -3.83 -48.00
C ALA L 152 48.51 -4.06 -49.26
N TRP L 153 47.94 -4.78 -50.21
CA TRP L 153 48.64 -5.12 -51.44
C TRP L 153 48.18 -4.19 -52.56
N LYS L 154 49.13 -3.69 -53.34
CA LYS L 154 48.81 -2.86 -54.47
C LYS L 154 49.70 -3.19 -55.65
N ALA L 155 49.12 -3.22 -56.84
CA ALA L 155 49.83 -3.44 -58.09
C ALA L 155 49.68 -2.20 -58.95
N ASP L 156 50.82 -1.59 -59.30
CA ASP L 156 50.85 -0.36 -60.08
C ASP L 156 50.01 0.71 -59.39
N SER L 157 50.23 0.84 -58.08
CA SER L 157 49.50 1.77 -57.24
C SER L 157 47.99 1.49 -57.24
N SER L 158 47.56 0.24 -57.44
CA SER L 158 46.13 0.00 -57.45
C SER L 158 45.79 -1.07 -56.42
N PRO L 159 44.82 -0.84 -55.53
CA PRO L 159 44.62 -1.76 -54.42
C PRO L 159 44.21 -3.14 -54.89
N VAL L 160 44.83 -4.16 -54.29
CA VAL L 160 44.49 -5.55 -54.56
C VAL L 160 43.98 -6.16 -53.27
N LYS L 161 42.78 -6.71 -53.31
CA LYS L 161 42.17 -7.34 -52.15
C LYS L 161 41.86 -8.82 -52.34
N ALA L 162 41.70 -9.27 -53.59
CA ALA L 162 41.41 -10.67 -53.85
C ALA L 162 42.68 -11.50 -53.85
N GLY L 163 42.62 -12.67 -53.22
CA GLY L 163 43.77 -13.55 -53.16
C GLY L 163 44.78 -13.21 -52.08
N VAL L 164 44.39 -12.46 -51.07
CA VAL L 164 45.27 -12.03 -49.99
C VAL L 164 44.91 -12.80 -48.72
N GLU L 165 45.92 -13.43 -48.11
CA GLU L 165 45.77 -14.14 -46.85
C GLU L 165 46.89 -13.71 -45.92
N THR L 166 46.57 -13.45 -44.66
CA THR L 166 47.52 -12.91 -43.71
C THR L 166 47.42 -13.63 -42.38
N THR L 167 48.57 -13.81 -41.73
CA THR L 167 48.64 -14.42 -40.41
C THR L 167 48.41 -13.38 -39.32
N THR L 168 47.95 -13.85 -38.16
CA THR L 168 47.91 -12.96 -37.01
C THR L 168 49.29 -12.95 -36.35
N PRO L 169 49.74 -11.78 -35.88
CA PRO L 169 51.11 -11.67 -35.34
C PRO L 169 51.38 -12.66 -34.22
N SER L 170 52.52 -13.34 -34.34
CA SER L 170 52.98 -14.31 -33.35
C SER L 170 54.29 -13.85 -32.74
N LYS L 171 54.47 -14.13 -31.45
CA LYS L 171 55.65 -13.66 -30.74
C LYS L 171 56.90 -14.37 -31.24
N GLN L 172 58.00 -13.63 -31.34
CA GLN L 172 59.26 -14.19 -31.78
C GLN L 172 60.08 -14.68 -30.59
N SER L 173 61.30 -15.15 -30.87
CA SER L 173 62.20 -15.56 -29.80
C SER L 173 62.64 -14.38 -28.95
N ASN L 174 62.80 -13.20 -29.56
CA ASN L 174 63.22 -11.99 -28.87
C ASN L 174 62.06 -11.15 -28.37
N ASN L 175 60.91 -11.78 -28.06
CA ASN L 175 59.74 -11.12 -27.49
C ASN L 175 59.10 -10.07 -28.40
N LYS L 176 59.63 -9.89 -29.61
CA LYS L 176 58.97 -9.06 -30.60
C LYS L 176 57.96 -9.92 -31.38
N TYR L 177 57.27 -9.30 -32.33
CA TYR L 177 56.20 -9.96 -33.05
C TYR L 177 56.50 -10.00 -34.55
N ALA L 178 55.86 -10.95 -35.23
CA ALA L 178 56.07 -11.15 -36.66
C ALA L 178 54.80 -11.72 -37.31
N ALA L 179 54.60 -11.40 -38.58
CA ALA L 179 53.45 -11.87 -39.32
C ALA L 179 53.82 -12.07 -40.79
N SER L 180 52.91 -12.71 -41.54
CA SER L 180 53.13 -13.04 -42.93
C SER L 180 51.87 -12.76 -43.75
N SER L 181 52.05 -12.22 -44.95
CA SER L 181 50.98 -11.98 -45.89
C SER L 181 51.35 -12.54 -47.25
N TYR L 182 50.39 -13.21 -47.90
CA TYR L 182 50.58 -13.85 -49.18
C TYR L 182 49.61 -13.30 -50.21
N LEU L 183 50.10 -13.10 -51.44
CA LEU L 183 49.28 -12.68 -52.56
C LEU L 183 49.41 -13.71 -53.67
N SER L 184 48.37 -14.51 -53.87
CA SER L 184 48.38 -15.55 -54.90
C SER L 184 47.92 -14.96 -56.22
N LEU L 185 48.69 -15.21 -57.27
CA LEU L 185 48.41 -14.70 -58.61
C LEU L 185 48.59 -15.81 -59.63
N THR L 186 48.26 -15.51 -60.87
CA THR L 186 48.61 -16.31 -62.03
C THR L 186 49.89 -15.79 -62.65
N PRO L 187 50.67 -16.64 -63.31
CA PRO L 187 51.89 -16.13 -63.99
C PRO L 187 51.61 -15.00 -64.96
N GLU L 188 50.43 -15.00 -65.58
CA GLU L 188 50.04 -13.90 -66.45
C GLU L 188 49.85 -12.61 -65.66
N GLN L 189 49.09 -12.68 -64.57
CA GLN L 189 48.87 -11.49 -63.74
C GLN L 189 50.20 -10.90 -63.26
N TRP L 190 51.15 -11.77 -62.90
CA TRP L 190 52.45 -11.30 -62.42
C TRP L 190 53.20 -10.51 -63.47
N LYS L 191 53.21 -11.01 -64.73
CA LYS L 191 53.92 -10.32 -65.79
C LYS L 191 53.11 -9.17 -66.41
N SER L 192 51.80 -9.13 -66.18
CA SER L 192 50.95 -8.12 -66.80
C SER L 192 50.94 -6.80 -66.06
N HIS L 193 51.89 -6.56 -65.15
CA HIS L 193 51.91 -5.34 -64.36
C HIS L 193 53.34 -4.84 -64.23
N ARG L 194 53.47 -3.55 -63.97
CA ARG L 194 54.79 -2.95 -63.81
C ARG L 194 55.41 -3.31 -62.48
N SER L 195 54.62 -3.30 -61.41
CA SER L 195 55.16 -3.53 -60.07
C SER L 195 54.04 -3.98 -59.13
N TYR L 196 54.45 -4.74 -58.11
CA TYR L 196 53.57 -5.18 -57.03
C TYR L 196 54.17 -4.72 -55.71
N SER L 197 53.32 -4.23 -54.80
CA SER L 197 53.79 -3.63 -53.57
C SER L 197 53.10 -4.24 -52.35
N CYS L 198 53.86 -4.39 -51.27
CA CYS L 198 53.35 -4.82 -49.97
C CYS L 198 53.50 -3.65 -49.01
N GLN L 199 52.38 -3.18 -48.46
CA GLN L 199 52.32 -1.97 -47.65
C GLN L 199 51.87 -2.33 -46.25
N VAL L 200 52.78 -2.22 -45.27
CA VAL L 200 52.53 -2.65 -43.91
C VAL L 200 52.37 -1.41 -43.04
N THR L 201 51.22 -1.30 -42.37
CA THR L 201 50.93 -0.20 -41.47
C THR L 201 51.06 -0.67 -40.03
N HIS L 202 51.99 -0.07 -39.29
CA HIS L 202 52.20 -0.41 -37.88
C HIS L 202 52.19 0.87 -37.06
N GLU L 203 51.22 0.98 -36.16
CA GLU L 203 51.09 2.12 -35.26
C GLU L 203 51.12 3.44 -36.05
N GLY L 204 50.18 3.56 -36.98
CA GLY L 204 50.04 4.78 -37.76
C GLY L 204 51.03 4.94 -38.89
N SER L 205 52.29 4.55 -38.66
CA SER L 205 53.31 4.62 -39.69
C SER L 205 53.27 3.39 -40.58
N THR L 206 53.58 3.58 -41.87
CA THR L 206 53.48 2.52 -42.86
C THR L 206 54.81 2.31 -43.58
N VAL L 207 55.11 1.05 -43.86
CA VAL L 207 56.31 0.64 -44.59
C VAL L 207 55.89 -0.07 -45.87
N GLU L 208 56.55 0.24 -46.98
CA GLU L 208 56.21 -0.33 -48.26
C GLU L 208 57.44 -0.92 -48.91
N LYS L 209 57.27 -2.07 -49.58
CA LYS L 209 58.31 -2.71 -50.36
C LYS L 209 57.73 -3.06 -51.72
N THR L 210 58.56 -2.93 -52.75
CA THR L 210 58.11 -3.14 -54.12
C THR L 210 59.06 -4.09 -54.82
N VAL L 211 58.49 -4.92 -55.71
CA VAL L 211 59.25 -5.86 -56.53
C VAL L 211 58.70 -5.78 -57.94
N ALA L 212 59.50 -6.22 -58.90
CA ALA L 212 59.12 -6.14 -60.29
C ALA L 212 59.58 -7.41 -60.99
N PRO L 213 58.89 -7.82 -62.08
CA PRO L 213 59.30 -9.02 -62.85
C PRO L 213 60.46 -8.73 -63.82
#